data_8W9Y
#
_entry.id   8W9Y
#
_cell.length_a   1.00
_cell.length_b   1.00
_cell.length_c   1.00
_cell.angle_alpha   90.00
_cell.angle_beta   90.00
_cell.angle_gamma   90.00
#
_symmetry.space_group_name_H-M   'P 1'
#
_entity_poly.entity_id   1
_entity_poly.type   'polypeptide(L)'
_entity_poly.pdbx_seq_one_letter_code
;RLDPEYWKTILSCIYVFIVFGFTSFIMVIVHERVPDMQTYPPLPDIFLDSVPRIPWAFAMTEVCGMILCYIWLLVLLLHK
HRSILLRRLCSLMGTVFLLRCFTMFVTSLSVPGQHLQCTGKIYGSVWEKLHRAFAIWSGFGMTLTGVHTCGDYMFSGHTV
VLTMLNFFVTEYTPRSWNFLHTLSWVLNLFGIFFILAAHEHYSIDVFIAFYITTRLFLYYHTLANTRAYQQSRRARIWFP
MFSFFECNVNGTVPNEYCWPFSKP
;
_entity_poly.pdbx_strand_id   A,B,C,D,E,F
#
# COMPACT_ATOMS: atom_id res chain seq x y z
N ARG A 1 24.06 -24.57 -0.71
CA ARG A 1 24.79 -23.48 -1.33
C ARG A 1 24.09 -23.05 -2.62
N LEU A 2 24.56 -21.97 -3.22
CA LEU A 2 23.97 -21.44 -4.44
C LEU A 2 24.20 -22.40 -5.61
N ASP A 3 23.13 -23.07 -6.05
CA ASP A 3 23.19 -24.02 -7.15
C ASP A 3 22.57 -23.39 -8.38
N PRO A 4 23.32 -23.19 -9.47
CA PRO A 4 22.71 -22.64 -10.69
C PRO A 4 21.76 -23.63 -11.33
N GLU A 5 20.46 -23.34 -11.25
CA GLU A 5 19.41 -24.21 -11.74
C GLU A 5 18.90 -23.65 -13.06
N TYR A 6 19.41 -24.20 -14.17
CA TYR A 6 19.09 -23.67 -15.49
C TYR A 6 17.74 -24.13 -16.02
N TRP A 7 17.07 -25.07 -15.35
CA TRP A 7 15.77 -25.55 -15.80
C TRP A 7 14.60 -24.84 -15.13
N LYS A 8 14.86 -23.92 -14.20
CA LYS A 8 13.81 -23.11 -13.59
C LYS A 8 13.70 -21.72 -14.20
N THR A 9 14.81 -21.18 -14.71
CA THR A 9 14.78 -19.88 -15.37
C THR A 9 13.89 -19.92 -16.61
N ILE A 10 13.95 -21.02 -17.36
CA ILE A 10 13.10 -21.15 -18.54
C ILE A 10 11.62 -21.16 -18.14
N LEU A 11 11.30 -21.88 -17.06
CA LEU A 11 9.93 -21.88 -16.56
C LEU A 11 9.49 -20.48 -16.16
N SER A 12 10.37 -19.74 -15.49
CA SER A 12 10.03 -18.37 -15.08
C SER A 12 9.78 -17.48 -16.29
N CYS A 13 10.62 -17.60 -17.33
CA CYS A 13 10.43 -16.80 -18.54
C CYS A 13 9.12 -17.16 -19.23
N ILE A 14 8.78 -18.45 -19.28
CA ILE A 14 7.51 -18.86 -19.87
C ILE A 14 6.35 -18.25 -19.09
N TYR A 15 6.44 -18.29 -17.76
CA TYR A 15 5.40 -17.71 -16.92
C TYR A 15 5.23 -16.23 -17.18
N VAL A 16 6.35 -15.50 -17.31
CA VAL A 16 6.27 -14.06 -17.59
C VAL A 16 5.62 -13.80 -18.94
N PHE A 17 6.00 -14.57 -19.97
CA PHE A 17 5.43 -14.33 -21.29
C PHE A 17 3.93 -14.63 -21.30
N ILE A 18 3.51 -15.68 -20.60
CA ILE A 18 2.09 -15.98 -20.48
C ILE A 18 1.36 -14.83 -19.79
N VAL A 19 1.95 -14.30 -18.72
CA VAL A 19 1.32 -13.20 -17.99
C VAL A 19 1.19 -11.97 -18.88
N PHE A 20 2.23 -11.67 -19.67
CA PHE A 20 2.17 -10.53 -20.57
C PHE A 20 1.07 -10.70 -21.62
N GLY A 21 0.96 -11.89 -22.20
CA GLY A 21 -0.10 -12.14 -23.15
C GLY A 21 -1.48 -11.99 -22.54
N PHE A 22 -1.66 -12.51 -21.33
CA PHE A 22 -2.95 -12.37 -20.64
C PHE A 22 -3.27 -10.91 -20.38
N THR A 23 -2.27 -10.13 -19.96
CA THR A 23 -2.50 -8.71 -19.71
C THR A 23 -2.91 -7.98 -20.98
N SER A 24 -2.24 -8.28 -22.10
CA SER A 24 -2.61 -7.64 -23.36
C SER A 24 -4.04 -7.99 -23.76
N PHE A 25 -4.40 -9.27 -23.65
CA PHE A 25 -5.76 -9.67 -23.98
C PHE A 25 -6.79 -8.99 -23.08
N ILE A 26 -6.48 -8.88 -21.79
CA ILE A 26 -7.42 -8.24 -20.87
C ILE A 26 -7.56 -6.76 -21.18
N MET A 27 -6.46 -6.10 -21.58
CA MET A 27 -6.57 -4.71 -22.00
C MET A 27 -7.48 -4.57 -23.23
N VAL A 28 -7.32 -5.47 -24.20
CA VAL A 28 -8.18 -5.43 -25.38
C VAL A 28 -9.64 -5.63 -24.99
N ILE A 29 -9.90 -6.54 -24.05
CA ILE A 29 -11.27 -6.77 -23.60
C ILE A 29 -11.82 -5.54 -22.88
N VAL A 30 -10.99 -4.91 -22.03
CA VAL A 30 -11.44 -3.77 -21.24
C VAL A 30 -11.78 -2.59 -22.13
N HIS A 31 -11.01 -2.38 -23.20
CA HIS A 31 -11.32 -1.28 -24.11
C HIS A 31 -12.70 -1.43 -24.74
N GLU A 32 -13.21 -2.66 -24.81
CA GLU A 32 -14.53 -2.91 -25.39
C GLU A 32 -15.67 -2.34 -24.55
N ARG A 33 -15.46 -2.11 -23.25
CA ARG A 33 -16.53 -1.69 -22.35
C ARG A 33 -17.15 -0.36 -22.77
N VAL A 34 -16.37 0.71 -22.71
CA VAL A 34 -16.86 2.06 -23.01
C VAL A 34 -16.53 2.40 -24.45
N PRO A 35 -17.52 2.72 -25.29
CA PRO A 35 -17.25 2.99 -26.70
C PRO A 35 -16.36 4.20 -26.95
N ASP A 36 -16.78 5.36 -26.46
CA ASP A 36 -16.07 6.60 -26.78
C ASP A 36 -14.89 6.83 -25.84
N MET A 37 -15.18 7.10 -24.56
CA MET A 37 -14.18 7.36 -23.53
C MET A 37 -13.26 8.50 -23.98
N GLN A 38 -13.75 9.32 -24.92
CA GLN A 38 -12.98 10.45 -25.44
C GLN A 38 -13.81 11.71 -25.61
N THR A 39 -15.02 11.74 -25.06
CA THR A 39 -15.87 12.92 -25.15
C THR A 39 -15.98 13.69 -23.85
N TYR A 40 -15.78 13.04 -22.71
CA TYR A 40 -15.88 13.69 -21.42
C TYR A 40 -14.70 14.63 -21.19
N PRO A 41 -14.84 15.61 -20.31
CA PRO A 41 -13.69 16.44 -19.94
C PRO A 41 -12.90 15.79 -18.82
N PRO A 42 -11.60 16.06 -18.74
CA PRO A 42 -10.75 15.35 -17.77
C PRO A 42 -11.08 15.73 -16.33
N LEU A 43 -10.76 14.80 -15.43
CA LEU A 43 -10.95 15.03 -14.02
C LEU A 43 -10.03 16.16 -13.54
N PRO A 44 -10.45 16.92 -12.52
CA PRO A 44 -9.59 18.00 -12.02
C PRO A 44 -8.37 17.48 -11.29
N ASP A 45 -7.20 17.62 -11.91
CA ASP A 45 -5.94 17.20 -11.33
C ASP A 45 -5.13 18.41 -10.89
N ILE A 46 -4.05 18.16 -10.17
CA ILE A 46 -3.17 19.25 -9.74
C ILE A 46 -1.95 19.38 -10.65
N PHE A 47 -1.59 18.31 -11.38
CA PHE A 47 -0.46 18.35 -12.29
C PHE A 47 -0.88 18.45 -13.74
N LEU A 48 -1.99 17.82 -14.12
CA LEU A 48 -2.45 17.86 -15.50
C LEU A 48 -3.07 19.19 -15.88
N ASP A 49 -3.34 20.07 -14.92
CA ASP A 49 -3.95 21.35 -15.20
C ASP A 49 -2.95 22.50 -15.24
N SER A 50 -1.82 22.37 -14.55
CA SER A 50 -0.80 23.42 -14.57
C SER A 50 0.10 23.29 -15.79
N VAL A 51 0.78 22.16 -15.93
CA VAL A 51 1.75 21.94 -16.99
C VAL A 51 1.03 21.65 -18.30
N PRO A 52 1.27 22.43 -19.36
CA PRO A 52 0.68 22.12 -20.66
C PRO A 52 1.31 20.88 -21.27
N ARG A 53 0.59 20.30 -22.24
CA ARG A 53 1.04 19.06 -22.85
C ARG A 53 2.32 19.26 -23.64
N ILE A 54 3.24 18.32 -23.49
CA ILE A 54 4.51 18.30 -24.20
C ILE A 54 4.47 17.13 -25.20
N PRO A 55 4.37 17.40 -26.50
CA PRO A 55 4.15 16.29 -27.45
C PRO A 55 5.26 15.25 -27.48
N TRP A 56 6.52 15.65 -27.29
CA TRP A 56 7.65 14.75 -27.40
C TRP A 56 8.03 14.11 -26.07
N ALA A 57 7.28 14.37 -25.01
CA ALA A 57 7.67 13.93 -23.67
C ALA A 57 7.41 12.46 -23.42
N PHE A 58 6.70 11.76 -24.31
CA PHE A 58 6.40 10.36 -24.10
C PHE A 58 7.49 9.43 -24.64
N ALA A 59 8.31 9.89 -25.58
CA ALA A 59 9.41 9.08 -26.07
C ALA A 59 10.58 9.05 -25.09
N MET A 60 10.77 10.12 -24.32
CA MET A 60 11.89 10.17 -23.38
C MET A 60 11.75 9.14 -22.28
N THR A 61 10.52 8.84 -21.85
CA THR A 61 10.31 7.78 -20.87
C THR A 61 10.83 6.45 -21.38
N GLU A 62 10.49 6.10 -22.62
CA GLU A 62 10.98 4.85 -23.19
C GLU A 62 12.49 4.90 -23.43
N VAL A 63 13.03 6.07 -23.76
CA VAL A 63 14.47 6.19 -23.95
C VAL A 63 15.20 5.89 -22.64
N CYS A 64 14.72 6.46 -21.53
CA CYS A 64 15.27 6.13 -20.24
C CYS A 64 15.07 4.64 -19.93
N GLY A 65 13.97 4.07 -20.40
CA GLY A 65 13.76 2.64 -20.24
C GLY A 65 14.82 1.82 -20.94
N MET A 66 15.15 2.17 -22.19
CA MET A 66 16.22 1.45 -22.90
C MET A 66 17.57 1.66 -22.22
N ILE A 67 17.84 2.86 -21.72
CA ILE A 67 19.12 3.09 -21.05
C ILE A 67 19.24 2.22 -19.81
N LEU A 68 18.21 2.20 -18.97
CA LEU A 68 18.25 1.39 -17.76
C LEU A 68 18.31 -0.10 -18.10
N CYS A 69 17.60 -0.52 -19.14
CA CYS A 69 17.65 -1.92 -19.55
C CYS A 69 19.04 -2.31 -20.02
N TYR A 70 19.70 -1.43 -20.78
CA TYR A 70 21.06 -1.71 -21.22
C TYR A 70 22.02 -1.82 -20.04
N ILE A 71 21.90 -0.91 -19.07
CA ILE A 71 22.77 -0.98 -17.90
C ILE A 71 22.53 -2.27 -17.12
N TRP A 72 21.26 -2.63 -16.93
CA TRP A 72 20.96 -3.85 -16.19
C TRP A 72 21.46 -5.09 -16.93
N LEU A 73 21.32 -5.11 -18.26
CA LEU A 73 21.83 -6.25 -19.03
C LEU A 73 23.35 -6.32 -18.94
N LEU A 74 24.02 -5.17 -18.88
CA LEU A 74 25.45 -5.17 -18.63
C LEU A 74 25.78 -5.77 -17.28
N VAL A 75 25.01 -5.42 -16.24
CA VAL A 75 25.23 -6.00 -14.92
C VAL A 75 24.96 -7.50 -14.95
N LEU A 76 23.91 -7.93 -15.64
CA LEU A 76 23.58 -9.34 -15.71
C LEU A 76 24.68 -10.15 -16.38
N LEU A 77 25.46 -9.53 -17.26
CA LEU A 77 26.50 -10.26 -17.98
C LEU A 77 27.71 -10.54 -17.12
N LEU A 78 28.05 -9.63 -16.19
CA LEU A 78 29.29 -9.69 -15.42
C LEU A 78 29.04 -10.12 -13.98
N HIS A 79 28.08 -11.02 -13.75
CA HIS A 79 27.77 -11.47 -12.41
C HIS A 79 27.97 -12.98 -12.31
N LYS A 80 28.32 -13.44 -11.11
CA LYS A 80 28.51 -14.87 -10.88
C LYS A 80 27.18 -15.61 -10.91
N HIS A 81 26.24 -15.16 -10.09
CA HIS A 81 24.91 -15.79 -10.00
C HIS A 81 23.89 -15.01 -10.83
N ARG A 82 24.11 -15.00 -12.15
CA ARG A 82 23.16 -14.34 -13.05
C ARG A 82 21.84 -15.09 -13.12
N SER A 83 21.87 -16.41 -12.91
CA SER A 83 20.65 -17.21 -13.01
C SER A 83 19.64 -16.78 -11.95
N ILE A 84 20.09 -16.55 -10.72
CA ILE A 84 19.17 -16.14 -9.66
C ILE A 84 18.58 -14.77 -9.95
N LEU A 85 19.39 -13.85 -10.48
CA LEU A 85 18.88 -12.52 -10.81
C LEU A 85 17.82 -12.61 -11.90
N LEU A 86 18.09 -13.39 -12.96
CA LEU A 86 17.11 -13.52 -14.03
C LEU A 86 15.85 -14.24 -13.56
N ARG A 87 15.98 -15.15 -12.60
CA ARG A 87 14.82 -15.83 -12.04
C ARG A 87 13.99 -14.94 -11.13
N ARG A 88 14.63 -14.03 -10.39
CA ARG A 88 13.89 -13.10 -9.53
C ARG A 88 13.20 -11.99 -10.30
N LEU A 89 13.86 -11.44 -11.32
CA LEU A 89 13.24 -10.37 -12.10
C LEU A 89 11.91 -10.82 -12.70
N CYS A 90 11.91 -12.00 -13.32
CA CYS A 90 10.69 -12.52 -13.94
C CYS A 90 9.62 -12.82 -12.89
N SER A 91 10.01 -13.46 -11.79
CA SER A 91 9.04 -13.83 -10.76
C SER A 91 8.44 -12.63 -10.06
N LEU A 92 9.09 -11.47 -10.14
CA LEU A 92 8.49 -10.23 -9.64
C LEU A 92 7.62 -9.52 -10.67
N MET A 93 8.10 -9.43 -11.92
CA MET A 93 7.31 -8.75 -12.94
C MET A 93 6.00 -9.47 -13.20
N GLY A 94 5.99 -10.80 -13.17
CA GLY A 94 4.75 -11.52 -13.38
C GLY A 94 3.70 -11.18 -12.35
N THR A 95 4.10 -11.16 -11.07
CA THR A 95 3.16 -10.82 -10.01
C THR A 95 2.66 -9.39 -10.14
N VAL A 96 3.56 -8.45 -10.43
CA VAL A 96 3.14 -7.06 -10.52
C VAL A 96 2.16 -6.86 -11.68
N PHE A 97 2.40 -7.52 -12.81
CA PHE A 97 1.48 -7.35 -13.93
C PHE A 97 0.17 -8.08 -13.70
N LEU A 98 0.17 -9.18 -12.94
CA LEU A 98 -1.10 -9.78 -12.54
C LEU A 98 -1.90 -8.82 -11.67
N LEU A 99 -1.24 -8.14 -10.74
CA LEU A 99 -1.92 -7.13 -9.92
C LEU A 99 -2.46 -6.01 -10.79
N ARG A 100 -1.69 -5.58 -11.79
CA ARG A 100 -2.15 -4.54 -12.70
C ARG A 100 -3.40 -4.99 -13.45
N CYS A 101 -3.40 -6.24 -13.93
CA CYS A 101 -4.58 -6.77 -14.61
C CYS A 101 -5.80 -6.76 -13.71
N PHE A 102 -5.65 -7.22 -12.48
CA PHE A 102 -6.79 -7.23 -11.55
C PHE A 102 -7.29 -5.82 -11.28
N THR A 103 -6.38 -4.87 -11.07
CA THR A 103 -6.79 -3.50 -10.78
C THR A 103 -7.49 -2.88 -11.99
N MET A 104 -6.99 -3.13 -13.19
CA MET A 104 -7.60 -2.60 -14.40
C MET A 104 -8.96 -3.21 -14.70
N PHE A 105 -9.20 -4.46 -14.26
CA PHE A 105 -10.48 -5.09 -14.56
C PHE A 105 -11.65 -4.45 -13.83
N VAL A 106 -11.50 -4.17 -12.53
CA VAL A 106 -12.65 -3.76 -11.72
C VAL A 106 -13.17 -2.39 -12.17
N THR A 107 -12.27 -1.42 -12.33
CA THR A 107 -12.66 -0.09 -12.78
C THR A 107 -11.63 0.42 -13.78
N SER A 108 -12.12 1.04 -14.85
CA SER A 108 -11.28 1.50 -15.96
C SER A 108 -11.23 3.02 -15.92
N LEU A 109 -10.05 3.56 -15.63
CA LEU A 109 -9.84 5.01 -15.53
C LEU A 109 -8.81 5.42 -16.58
N SER A 110 -9.28 6.10 -17.63
CA SER A 110 -8.43 6.60 -18.69
C SER A 110 -8.38 8.13 -18.64
N VAL A 111 -7.63 8.72 -19.55
CA VAL A 111 -7.47 10.17 -19.64
C VAL A 111 -8.33 10.65 -20.81
N PRO A 112 -9.41 11.38 -20.56
CA PRO A 112 -10.36 11.72 -21.63
C PRO A 112 -9.88 12.80 -22.59
N GLY A 113 -9.16 12.42 -23.63
CA GLY A 113 -8.83 13.39 -24.66
C GLY A 113 -7.51 13.19 -25.39
N GLN A 114 -6.59 12.42 -24.83
CA GLN A 114 -5.40 12.06 -25.57
C GLN A 114 -5.65 10.80 -26.39
N HIS A 115 -4.92 10.71 -27.51
CA HIS A 115 -5.12 9.63 -28.49
C HIS A 115 -6.57 9.60 -28.97
N LEU A 116 -7.11 10.77 -29.27
CA LEU A 116 -8.48 10.87 -29.77
C LEU A 116 -8.65 10.27 -31.16
N GLN A 117 -7.55 9.96 -31.85
CA GLN A 117 -7.62 9.29 -33.15
C GLN A 117 -8.06 7.85 -33.03
N CYS A 118 -8.18 7.31 -31.82
CA CYS A 118 -8.62 5.94 -31.62
C CYS A 118 -10.07 5.77 -32.09
N THR A 119 -10.23 5.15 -33.26
CA THR A 119 -11.55 4.95 -33.85
C THR A 119 -11.69 3.53 -34.39
N GLY A 120 -12.76 3.28 -35.13
CA GLY A 120 -13.02 1.97 -35.69
C GLY A 120 -13.66 1.03 -34.68
N LYS A 121 -12.85 0.52 -33.75
CA LYS A 121 -13.31 -0.37 -32.68
C LYS A 121 -14.25 -1.45 -33.19
N ILE A 122 -15.42 -1.57 -32.55
CA ILE A 122 -16.46 -2.58 -32.80
C ILE A 122 -15.86 -3.93 -33.18
N TYR A 123 -14.95 -4.44 -32.36
CA TYR A 123 -14.42 -5.79 -32.53
C TYR A 123 -15.42 -6.83 -32.00
N GLY A 124 -16.58 -6.91 -32.65
CA GLY A 124 -17.66 -7.77 -32.19
C GLY A 124 -17.50 -9.23 -32.55
N SER A 125 -16.29 -9.76 -32.42
CA SER A 125 -16.00 -11.16 -32.67
C SER A 125 -14.88 -11.61 -31.74
N VAL A 126 -14.63 -12.92 -31.72
CA VAL A 126 -13.58 -13.46 -30.86
C VAL A 126 -12.26 -13.62 -31.59
N TRP A 127 -12.28 -13.81 -32.91
CA TRP A 127 -11.07 -13.98 -33.70
C TRP A 127 -10.52 -12.67 -34.25
N GLU A 128 -11.17 -11.55 -33.96
CA GLU A 128 -10.61 -10.24 -34.27
C GLU A 128 -9.98 -9.58 -33.05
N LYS A 129 -10.48 -9.87 -31.85
CA LYS A 129 -9.82 -9.41 -30.64
C LYS A 129 -8.44 -10.04 -30.47
N LEU A 130 -8.30 -11.30 -30.86
CA LEU A 130 -7.02 -11.98 -30.74
C LEU A 130 -5.95 -11.33 -31.61
N HIS A 131 -6.32 -10.87 -32.81
CA HIS A 131 -5.35 -10.19 -33.66
C HIS A 131 -4.86 -8.91 -33.01
N ARG A 132 -5.76 -8.13 -32.41
CA ARG A 132 -5.33 -6.92 -31.71
C ARG A 132 -4.46 -7.26 -30.51
N ALA A 133 -4.82 -8.31 -29.77
CA ALA A 133 -4.01 -8.71 -28.63
C ALA A 133 -2.60 -9.11 -29.06
N PHE A 134 -2.49 -9.84 -30.18
CA PHE A 134 -1.18 -10.20 -30.69
C PHE A 134 -0.41 -8.98 -31.17
N ALA A 135 -1.10 -8.02 -31.79
CA ALA A 135 -0.44 -6.80 -32.23
C ALA A 135 0.13 -6.03 -31.06
N ILE A 136 -0.62 -5.96 -29.95
CA ILE A 136 -0.11 -5.31 -28.75
C ILE A 136 1.00 -6.15 -28.11
N TRP A 137 0.82 -7.47 -28.08
CA TRP A 137 1.77 -8.34 -27.38
C TRP A 137 3.16 -8.27 -28.01
N SER A 138 3.24 -8.49 -29.32
CA SER A 138 4.54 -8.47 -30.00
C SER A 138 4.88 -7.07 -30.50
N GLY A 139 4.77 -6.10 -29.59
CA GLY A 139 5.23 -4.75 -29.84
C GLY A 139 5.77 -4.14 -28.56
N PHE A 140 5.70 -4.93 -27.49
CA PHE A 140 6.15 -4.58 -26.14
C PHE A 140 5.37 -3.40 -25.55
N GLY A 141 4.31 -2.95 -26.20
CA GLY A 141 3.50 -1.87 -25.69
C GLY A 141 4.10 -0.49 -25.81
N MET A 142 5.24 -0.36 -26.49
CA MET A 142 5.92 0.92 -26.58
C MET A 142 5.27 1.79 -27.66
N THR A 143 5.62 3.08 -27.63
CA THR A 143 5.09 4.02 -28.62
C THR A 143 6.02 4.21 -29.81
N LEU A 144 7.30 3.84 -29.69
CA LEU A 144 8.21 3.97 -30.82
C LEU A 144 7.86 2.96 -31.91
N THR A 145 7.85 1.68 -31.57
CA THR A 145 7.24 0.67 -32.43
C THR A 145 5.72 0.79 -32.26
N GLY A 146 5.09 1.55 -33.16
CA GLY A 146 3.75 2.04 -32.92
C GLY A 146 2.69 0.98 -32.68
N VAL A 147 2.29 0.83 -31.42
CA VAL A 147 1.16 0.00 -31.03
C VAL A 147 0.28 0.81 -30.09
N HIS A 148 0.81 1.92 -29.58
CA HIS A 148 0.10 2.76 -28.62
C HIS A 148 -0.80 3.76 -29.33
N THR A 149 -1.80 3.26 -30.06
CA THR A 149 -2.74 4.14 -30.75
C THR A 149 -3.84 4.65 -29.82
N CYS A 150 -4.36 3.81 -28.94
CA CYS A 150 -5.42 4.18 -28.02
C CYS A 150 -4.79 4.51 -26.66
N GLY A 151 -5.56 4.73 -25.59
CA GLY A 151 -5.00 5.13 -24.31
C GLY A 151 -4.69 3.92 -23.43
N ASP A 152 -4.20 4.22 -22.23
CA ASP A 152 -3.82 3.21 -21.26
C ASP A 152 -4.56 3.48 -19.96
N TYR A 153 -4.92 2.41 -19.26
CA TYR A 153 -5.82 2.49 -18.11
C TYR A 153 -5.03 2.51 -16.81
N MET A 154 -5.74 2.32 -15.70
CA MET A 154 -5.25 2.39 -14.33
C MET A 154 -3.97 1.56 -14.14
N PHE A 155 -3.16 1.92 -13.15
CA PHE A 155 -1.94 1.19 -12.81
C PHE A 155 -0.96 1.17 -14.00
N SER A 156 -0.44 2.36 -14.29
CA SER A 156 0.47 2.56 -15.42
C SER A 156 1.56 1.51 -15.45
N GLY A 157 1.99 1.16 -16.66
CA GLY A 157 2.97 0.11 -16.86
C GLY A 157 4.39 0.58 -17.01
N HIS A 158 4.59 1.77 -17.56
CA HIS A 158 5.95 2.29 -17.71
C HIS A 158 6.60 2.54 -16.36
N THR A 159 5.83 3.06 -15.40
CA THR A 159 6.37 3.32 -14.07
C THR A 159 6.84 2.04 -13.40
N VAL A 160 6.09 0.95 -13.58
CA VAL A 160 6.47 -0.33 -12.99
C VAL A 160 7.82 -0.78 -13.51
N VAL A 161 7.99 -0.78 -14.83
CA VAL A 161 9.23 -1.24 -15.43
C VAL A 161 10.38 -0.34 -15.00
N LEU A 162 10.19 0.97 -15.04
CA LEU A 162 11.26 1.89 -14.68
C LEU A 162 11.69 1.69 -13.23
N THR A 163 10.73 1.61 -12.31
CA THR A 163 11.06 1.45 -10.90
C THR A 163 11.73 0.11 -10.63
N MET A 164 11.22 -0.97 -11.27
CA MET A 164 11.83 -2.28 -11.06
C MET A 164 13.27 -2.31 -11.55
N LEU A 165 13.51 -1.76 -12.74
CA LEU A 165 14.87 -1.75 -13.28
C LEU A 165 15.79 -0.90 -12.42
N ASN A 166 15.32 0.26 -11.96
CA ASN A 166 16.14 1.12 -11.12
C ASN A 166 16.50 0.43 -9.81
N PHE A 167 15.52 -0.21 -9.16
CA PHE A 167 15.78 -0.87 -7.90
C PHE A 167 16.73 -2.07 -8.08
N PHE A 168 16.56 -2.82 -9.17
CA PHE A 168 17.45 -3.94 -9.43
C PHE A 168 18.88 -3.47 -9.70
N VAL A 169 19.03 -2.37 -10.45
CA VAL A 169 20.37 -1.84 -10.70
C VAL A 169 21.01 -1.36 -9.40
N THR A 170 20.22 -0.68 -8.56
CA THR A 170 20.76 -0.19 -7.28
C THR A 170 21.17 -1.33 -6.36
N GLU A 171 20.35 -2.40 -6.31
CA GLU A 171 20.58 -3.46 -5.34
C GLU A 171 21.83 -4.26 -5.65
N TYR A 172 22.02 -4.65 -6.90
CA TYR A 172 23.03 -5.63 -7.28
C TYR A 172 24.31 -4.99 -7.83
N THR A 173 24.71 -3.85 -7.29
CA THR A 173 26.00 -3.24 -7.55
C THR A 173 26.71 -3.00 -6.23
N PRO A 174 28.05 -3.00 -6.23
CA PRO A 174 28.77 -2.88 -4.96
C PRO A 174 28.41 -1.60 -4.23
N ARG A 175 28.37 -1.69 -2.90
CA ARG A 175 27.93 -0.56 -2.08
C ARG A 175 29.08 0.43 -1.90
N SER A 176 29.70 0.81 -3.01
CA SER A 176 30.70 1.87 -3.05
C SER A 176 30.60 2.72 -4.31
N TRP A 177 29.54 2.54 -5.11
CA TRP A 177 29.39 3.15 -6.42
C TRP A 177 28.40 4.31 -6.38
N ASN A 178 28.43 5.16 -5.37
CA ASN A 178 27.33 6.08 -5.15
C ASN A 178 27.33 7.28 -6.11
N PHE A 179 27.54 6.97 -7.38
CA PHE A 179 27.28 7.84 -8.52
C PHE A 179 26.39 7.17 -9.56
N LEU A 180 26.55 5.86 -9.76
CA LEU A 180 25.63 5.12 -10.61
C LEU A 180 24.23 5.09 -10.01
N HIS A 181 24.15 4.94 -8.69
CA HIS A 181 22.84 4.93 -8.02
C HIS A 181 22.12 6.26 -8.20
N THR A 182 22.85 7.36 -8.05
CA THR A 182 22.25 8.67 -8.25
C THR A 182 21.78 8.86 -9.69
N LEU A 183 22.57 8.39 -10.65
CA LEU A 183 22.17 8.48 -12.05
C LEU A 183 20.90 7.67 -12.30
N SER A 184 20.81 6.47 -11.74
CA SER A 184 19.62 5.65 -11.92
C SER A 184 18.40 6.32 -11.30
N TRP A 185 18.56 6.88 -10.10
CA TRP A 185 17.43 7.55 -9.45
C TRP A 185 16.98 8.77 -10.25
N VAL A 186 17.93 9.53 -10.79
CA VAL A 186 17.59 10.70 -11.60
C VAL A 186 16.84 10.26 -12.86
N LEU A 187 17.31 9.19 -13.50
CA LEU A 187 16.63 8.69 -14.70
C LEU A 187 15.22 8.24 -14.39
N ASN A 188 15.04 7.53 -13.27
CA ASN A 188 13.71 7.06 -12.89
C ASN A 188 12.77 8.24 -12.62
N LEU A 189 13.25 9.24 -11.87
CA LEU A 189 12.40 10.39 -11.55
C LEU A 189 12.05 11.18 -12.80
N PHE A 190 13.01 11.34 -13.72
CA PHE A 190 12.72 12.04 -14.97
C PHE A 190 11.72 11.27 -15.82
N GLY A 191 11.83 9.94 -15.86
CA GLY A 191 10.85 9.16 -16.58
C GLY A 191 9.45 9.30 -16.01
N ILE A 192 9.35 9.32 -14.67
CA ILE A 192 8.04 9.53 -14.04
C ILE A 192 7.50 10.91 -14.37
N PHE A 193 8.36 11.93 -14.29
CA PHE A 193 7.91 13.29 -14.59
C PHE A 193 7.46 13.40 -16.04
N PHE A 194 8.13 12.70 -16.95
CA PHE A 194 7.75 12.77 -18.36
C PHE A 194 6.47 12.01 -18.66
N ILE A 195 6.24 10.86 -18.00
CA ILE A 195 4.97 10.17 -18.19
C ILE A 195 3.82 10.98 -17.60
N LEU A 196 4.10 11.76 -16.54
CA LEU A 196 3.06 12.62 -15.99
C LEU A 196 2.83 13.86 -16.84
N ALA A 197 3.87 14.39 -17.48
CA ALA A 197 3.79 15.65 -18.21
C ALA A 197 3.31 15.51 -19.64
N ALA A 198 3.14 14.29 -20.13
CA ALA A 198 2.61 14.06 -21.47
C ALA A 198 1.10 13.86 -21.47
N HIS A 199 0.45 14.03 -20.32
CA HIS A 199 -0.99 13.83 -20.18
C HIS A 199 -1.41 12.42 -20.61
N GLU A 200 -0.71 11.43 -20.07
CA GLU A 200 -1.02 10.03 -20.36
C GLU A 200 -1.53 9.27 -19.16
N HIS A 201 -1.36 9.79 -17.95
CA HIS A 201 -1.83 9.12 -16.74
C HIS A 201 -2.15 10.17 -15.70
N TYR A 202 -2.98 9.78 -14.73
CA TYR A 202 -3.29 10.65 -13.61
C TYR A 202 -2.18 10.55 -12.57
N SER A 203 -2.16 11.52 -11.65
CA SER A 203 -1.13 11.53 -10.61
C SER A 203 -1.27 10.34 -9.68
N ILE A 204 -2.51 9.97 -9.33
CA ILE A 204 -2.71 8.85 -8.42
C ILE A 204 -2.30 7.54 -9.07
N ASP A 205 -2.44 7.43 -10.40
CA ASP A 205 -1.98 6.23 -11.10
C ASP A 205 -0.49 6.01 -10.87
N VAL A 206 0.30 7.04 -11.13
CA VAL A 206 1.75 6.95 -10.98
C VAL A 206 2.12 6.70 -9.52
N PHE A 207 1.43 7.39 -8.59
CA PHE A 207 1.78 7.23 -7.19
C PHE A 207 1.53 5.80 -6.71
N ILE A 208 0.36 5.24 -7.03
CA ILE A 208 0.07 3.89 -6.57
C ILE A 208 0.97 2.87 -7.27
N ALA A 209 1.29 3.09 -8.56
CA ALA A 209 2.20 2.17 -9.24
C ALA A 209 3.57 2.16 -8.58
N PHE A 210 4.12 3.36 -8.31
CA PHE A 210 5.43 3.46 -7.67
C PHE A 210 5.41 2.80 -6.29
N TYR A 211 4.39 3.10 -5.49
CA TYR A 211 4.32 2.54 -4.15
C TYR A 211 4.23 1.02 -4.19
N ILE A 212 3.38 0.48 -5.07
CA ILE A 212 3.18 -0.96 -5.11
C ILE A 212 4.45 -1.67 -5.55
N THR A 213 5.12 -1.16 -6.59
CA THR A 213 6.36 -1.80 -7.03
C THR A 213 7.42 -1.75 -5.93
N THR A 214 7.60 -0.60 -5.29
CA THR A 214 8.60 -0.48 -4.24
C THR A 214 8.31 -1.45 -3.09
N ARG A 215 7.07 -1.46 -2.62
CA ARG A 215 6.73 -2.32 -1.49
C ARG A 215 6.88 -3.79 -1.83
N LEU A 216 6.45 -4.20 -3.03
CA LEU A 216 6.57 -5.60 -3.42
C LEU A 216 8.04 -6.02 -3.51
N PHE A 217 8.87 -5.18 -4.11
CA PHE A 217 10.29 -5.52 -4.22
C PHE A 217 10.92 -5.66 -2.84
N LEU A 218 10.65 -4.69 -1.95
CA LEU A 218 11.26 -4.73 -0.61
C LEU A 218 10.77 -5.94 0.17
N TYR A 219 9.46 -6.25 0.10
CA TYR A 219 8.93 -7.39 0.81
C TYR A 219 9.51 -8.70 0.30
N TYR A 220 9.63 -8.85 -1.03
CA TYR A 220 10.20 -10.06 -1.59
C TYR A 220 11.64 -10.24 -1.14
N HIS A 221 12.43 -9.16 -1.17
CA HIS A 221 13.83 -9.32 -0.78
C HIS A 221 13.97 -9.56 0.72
N THR A 222 13.12 -8.95 1.55
CA THR A 222 13.15 -9.24 2.98
C THR A 222 12.81 -10.70 3.25
N LEU A 223 11.79 -11.24 2.57
CA LEU A 223 11.45 -12.65 2.75
C LEU A 223 12.58 -13.55 2.28
N ALA A 224 13.20 -13.21 1.14
CA ALA A 224 14.29 -14.04 0.62
C ALA A 224 15.49 -14.05 1.56
N ASN A 225 15.84 -12.89 2.12
CA ASN A 225 16.99 -12.83 3.01
C ASN A 225 16.70 -13.49 4.35
N THR A 226 15.47 -13.34 4.85
CA THR A 226 15.07 -13.98 6.10
C THR A 226 14.95 -15.49 5.95
N ARG A 227 14.89 -15.98 4.70
CA ARG A 227 14.64 -17.39 4.36
C ARG A 227 13.54 -17.99 5.24
N ALA A 228 12.37 -17.37 5.15
CA ALA A 228 11.19 -17.82 5.87
C ALA A 228 10.38 -18.87 5.12
N TYR A 229 10.82 -19.26 3.91
CA TYR A 229 10.11 -20.28 3.16
C TYR A 229 10.27 -21.66 3.80
N GLN A 230 11.38 -21.90 4.49
CA GLN A 230 11.61 -23.17 5.16
C GLN A 230 11.90 -23.03 6.65
N GLN A 231 11.98 -21.79 7.17
CA GLN A 231 12.21 -21.61 8.60
C GLN A 231 11.06 -22.17 9.42
N SER A 232 9.83 -21.76 9.10
CA SER A 232 8.63 -22.20 9.81
C SER A 232 7.44 -21.81 8.96
N ARG A 233 6.24 -22.13 9.47
CA ARG A 233 4.99 -21.73 8.83
C ARG A 233 4.61 -20.34 9.32
N ARG A 234 5.43 -19.36 8.92
CA ARG A 234 5.34 -18.00 9.42
C ARG A 234 4.02 -17.32 9.08
N ALA A 235 3.77 -17.09 7.79
CA ALA A 235 2.62 -16.29 7.40
C ALA A 235 1.93 -16.76 6.13
N ARG A 236 2.30 -17.92 5.57
CA ARG A 236 1.72 -18.42 4.33
C ARG A 236 1.93 -17.40 3.20
N ILE A 237 3.20 -17.29 2.80
CA ILE A 237 3.60 -16.40 1.72
C ILE A 237 2.66 -16.55 0.54
N TRP A 238 2.11 -15.43 0.09
CA TRP A 238 1.13 -15.41 -1.00
C TRP A 238 1.75 -15.10 -2.35
N PHE A 239 3.07 -15.02 -2.45
CA PHE A 239 3.72 -14.74 -3.73
C PHE A 239 3.51 -15.92 -4.67
N PRO A 240 2.99 -15.70 -5.87
CA PRO A 240 2.73 -16.81 -6.80
C PRO A 240 4.03 -17.53 -7.16
N MET A 241 4.11 -18.80 -6.76
CA MET A 241 5.25 -19.66 -7.05
C MET A 241 6.53 -19.03 -6.51
N PHE A 242 6.61 -19.01 -5.18
CA PHE A 242 7.75 -18.43 -4.46
C PHE A 242 8.68 -19.51 -3.92
N SER A 243 8.15 -20.48 -3.19
CA SER A 243 8.97 -21.54 -2.62
C SER A 243 9.58 -22.43 -3.69
N PHE A 244 8.97 -22.51 -4.88
CA PHE A 244 9.52 -23.36 -5.94
C PHE A 244 10.79 -22.77 -6.52
N PHE A 245 10.94 -21.45 -6.49
CA PHE A 245 12.10 -20.80 -7.09
C PHE A 245 13.23 -20.57 -6.10
N GLU A 246 12.91 -20.31 -4.83
CA GLU A 246 13.91 -19.95 -3.84
C GLU A 246 14.21 -21.08 -2.85
N CYS A 247 13.80 -22.31 -3.16
CA CYS A 247 14.09 -23.43 -2.26
C CYS A 247 15.57 -23.78 -2.30
N ASN A 248 16.21 -23.67 -3.46
CA ASN A 248 17.60 -24.05 -3.62
C ASN A 248 18.57 -22.94 -3.25
N VAL A 249 18.08 -21.75 -2.94
CA VAL A 249 18.93 -20.62 -2.55
C VAL A 249 18.72 -20.37 -1.06
N ASN A 250 19.81 -20.45 -0.30
CA ASN A 250 19.78 -20.25 1.14
C ASN A 250 20.62 -19.04 1.51
N GLY A 251 20.06 -18.17 2.36
CA GLY A 251 20.78 -16.99 2.81
C GLY A 251 20.65 -15.83 1.85
N THR A 252 21.75 -15.10 1.66
CA THR A 252 21.79 -13.93 0.79
C THR A 252 22.75 -14.17 -0.36
N VAL A 253 22.41 -13.63 -1.53
CA VAL A 253 23.26 -13.74 -2.71
C VAL A 253 24.39 -12.73 -2.60
N PRO A 254 25.65 -13.15 -2.68
CA PRO A 254 26.76 -12.20 -2.59
C PRO A 254 26.90 -11.35 -3.85
N ASN A 255 27.95 -10.52 -3.89
CA ASN A 255 28.15 -9.60 -5.01
C ASN A 255 29.46 -9.88 -5.72
N GLU A 256 29.72 -11.16 -6.02
CA GLU A 256 30.94 -11.53 -6.72
C GLU A 256 30.78 -11.33 -8.23
N TYR A 257 31.76 -10.66 -8.83
CA TYR A 257 31.77 -10.39 -10.27
C TYR A 257 32.90 -11.17 -10.93
N CYS A 258 32.68 -11.57 -12.18
CA CYS A 258 33.69 -12.28 -12.96
C CYS A 258 33.47 -11.98 -14.43
N TRP A 259 34.12 -12.77 -15.28
CA TRP A 259 34.00 -12.65 -16.73
C TRP A 259 33.70 -14.04 -17.30
N PRO A 260 32.63 -14.22 -18.07
CA PRO A 260 32.22 -15.56 -18.46
C PRO A 260 33.00 -16.15 -19.61
N PHE A 261 33.46 -15.32 -20.54
CA PHE A 261 34.18 -15.81 -21.71
C PHE A 261 35.56 -16.31 -21.32
N SER A 262 36.03 -17.35 -22.00
CA SER A 262 37.32 -17.96 -21.74
C SER A 262 38.41 -17.42 -22.67
N LYS A 263 38.28 -16.19 -23.14
CA LYS A 263 39.25 -15.56 -24.04
C LYS A 263 39.68 -14.23 -23.46
N PRO A 264 40.69 -14.21 -22.57
CA PRO A 264 41.18 -12.98 -21.95
C PRO A 264 41.74 -11.98 -22.96
N ARG B 1 7.42 1.91 33.58
CA ARG B 1 6.16 1.18 33.65
C ARG B 1 5.04 2.01 33.04
N LEU B 2 3.85 1.41 32.91
CA LEU B 2 2.71 2.09 32.32
C LEU B 2 2.22 3.23 33.23
N ASP B 3 2.52 4.47 32.85
CA ASP B 3 2.13 5.64 33.62
C ASP B 3 0.96 6.33 32.95
N PRO B 4 -0.21 6.40 33.59
CA PRO B 4 -1.35 7.09 32.96
C PRO B 4 -1.12 8.59 32.87
N GLU B 5 -0.90 9.09 31.66
CA GLU B 5 -0.62 10.50 31.41
C GLU B 5 -1.92 11.15 30.96
N TYR B 6 -2.52 11.94 31.84
CA TYR B 6 -3.86 12.48 31.58
C TYR B 6 -3.84 13.78 30.78
N TRP B 7 -2.67 14.32 30.46
CA TRP B 7 -2.59 15.50 29.60
C TRP B 7 -2.21 15.18 28.16
N LYS B 8 -1.42 14.13 27.95
CA LYS B 8 -1.13 13.69 26.58
C LYS B 8 -2.40 13.23 25.86
N THR B 9 -3.33 12.61 26.58
CA THR B 9 -4.60 12.22 25.97
C THR B 9 -5.39 13.45 25.51
N ILE B 10 -5.41 14.50 26.33
CA ILE B 10 -6.10 15.73 25.94
C ILE B 10 -5.42 16.36 24.73
N LEU B 11 -4.08 16.35 24.72
CA LEU B 11 -3.36 16.83 23.55
C LEU B 11 -3.72 16.05 22.30
N SER B 12 -3.82 14.73 22.41
CA SER B 12 -4.20 13.89 21.27
C SER B 12 -5.61 14.21 20.79
N CYS B 13 -6.55 14.41 21.72
CA CYS B 13 -7.91 14.77 21.33
C CYS B 13 -7.94 16.11 20.60
N ILE B 14 -7.19 17.09 21.10
CA ILE B 14 -7.09 18.37 20.40
C ILE B 14 -6.53 18.18 19.00
N TYR B 15 -5.50 17.34 18.87
CA TYR B 15 -4.89 17.09 17.57
C TYR B 15 -5.88 16.46 16.60
N VAL B 16 -6.65 15.47 17.05
CA VAL B 16 -7.58 14.80 16.16
C VAL B 16 -8.72 15.74 15.76
N PHE B 17 -9.16 16.60 16.69
CA PHE B 17 -10.20 17.55 16.34
C PHE B 17 -9.70 18.58 15.35
N ILE B 18 -8.46 19.03 15.48
CA ILE B 18 -7.88 19.95 14.50
C ILE B 18 -7.80 19.28 13.13
N VAL B 19 -7.40 18.01 13.09
CA VAL B 19 -7.32 17.31 11.82
C VAL B 19 -8.70 17.19 11.18
N PHE B 20 -9.72 16.85 11.97
CA PHE B 20 -11.08 16.78 11.43
C PHE B 20 -11.54 18.13 10.89
N GLY B 21 -11.27 19.21 11.62
CA GLY B 21 -11.62 20.54 11.14
C GLY B 21 -10.92 20.92 9.86
N PHE B 22 -9.64 20.57 9.72
CA PHE B 22 -8.93 20.83 8.47
C PHE B 22 -9.52 20.03 7.31
N THR B 23 -9.86 18.77 7.57
CA THR B 23 -10.46 17.94 6.52
C THR B 23 -11.80 18.50 6.06
N SER B 24 -12.61 18.97 7.00
CA SER B 24 -13.91 19.53 6.63
C SER B 24 -13.76 20.74 5.71
N PHE B 25 -12.79 21.62 5.98
CA PHE B 25 -12.55 22.77 5.14
C PHE B 25 -11.99 22.36 3.78
N ILE B 26 -11.08 21.40 3.75
CA ILE B 26 -10.50 20.96 2.47
C ILE B 26 -11.58 20.36 1.58
N MET B 27 -12.51 19.61 2.17
CA MET B 27 -13.61 19.06 1.38
C MET B 27 -14.47 20.15 0.74
N VAL B 28 -14.54 21.33 1.36
CA VAL B 28 -15.26 22.45 0.76
C VAL B 28 -14.42 23.15 -0.31
N ILE B 29 -13.11 23.23 -0.12
CA ILE B 29 -12.24 23.82 -1.13
C ILE B 29 -12.28 23.01 -2.43
N VAL B 30 -12.26 21.68 -2.32
CA VAL B 30 -12.14 20.82 -3.49
C VAL B 30 -13.38 20.93 -4.37
N HIS B 31 -14.55 21.10 -3.77
CA HIS B 31 -15.79 21.16 -4.53
C HIS B 31 -15.86 22.38 -5.45
N GLU B 32 -14.97 23.37 -5.25
CA GLU B 32 -14.95 24.56 -6.07
C GLU B 32 -14.33 24.36 -7.45
N ARG B 33 -13.58 23.28 -7.65
CA ARG B 33 -12.74 23.16 -8.85
C ARG B 33 -13.58 23.15 -10.12
N VAL B 34 -14.42 22.13 -10.28
CA VAL B 34 -15.34 22.03 -11.40
C VAL B 34 -16.76 22.04 -10.85
N PRO B 35 -17.64 22.92 -11.31
CA PRO B 35 -18.95 23.09 -10.66
C PRO B 35 -19.86 21.87 -10.78
N ASP B 36 -20.06 21.37 -11.99
CA ASP B 36 -21.11 20.40 -12.27
C ASP B 36 -20.91 19.09 -11.50
N MET B 37 -19.88 18.32 -11.87
CA MET B 37 -19.62 17.00 -11.29
C MET B 37 -20.82 16.05 -11.38
N GLN B 38 -21.83 16.40 -12.18
CA GLN B 38 -23.05 15.60 -12.21
C GLN B 38 -23.62 15.40 -13.61
N THR B 39 -22.91 15.81 -14.66
CA THR B 39 -23.41 15.65 -16.03
C THR B 39 -22.76 14.50 -16.76
N TYR B 40 -21.55 14.09 -16.37
CA TYR B 40 -20.86 13.00 -17.02
C TYR B 40 -21.51 11.66 -16.66
N PRO B 41 -21.30 10.63 -17.46
CA PRO B 41 -21.77 9.30 -17.07
C PRO B 41 -20.72 8.56 -16.26
N PRO B 42 -21.14 7.65 -15.40
CA PRO B 42 -20.18 7.00 -14.48
C PRO B 42 -19.17 6.15 -15.21
N LEU B 43 -18.01 6.00 -14.59
CA LEU B 43 -16.95 5.18 -15.14
C LEU B 43 -17.40 3.71 -15.17
N PRO B 44 -16.94 2.94 -16.15
CA PRO B 44 -17.33 1.53 -16.21
C PRO B 44 -16.77 0.73 -15.05
N ASP B 45 -17.65 0.27 -14.17
CA ASP B 45 -17.28 -0.47 -12.98
C ASP B 45 -17.85 -1.88 -13.05
N ILE B 46 -17.34 -2.75 -12.18
CA ILE B 46 -17.82 -4.13 -12.14
C ILE B 46 -18.90 -4.34 -11.08
N PHE B 47 -18.99 -3.47 -10.09
CA PHE B 47 -19.99 -3.57 -9.04
C PHE B 47 -21.12 -2.56 -9.20
N LEU B 48 -20.80 -1.33 -9.63
CA LEU B 48 -21.81 -0.31 -9.79
C LEU B 48 -22.70 -0.56 -11.01
N ASP B 49 -22.34 -1.49 -11.87
CA ASP B 49 -23.12 -1.76 -13.08
C ASP B 49 -24.02 -2.98 -12.94
N SER B 50 -23.69 -3.89 -12.03
CA SER B 50 -24.51 -5.08 -11.85
C SER B 50 -25.63 -4.83 -10.82
N VAL B 51 -25.24 -4.45 -9.61
CA VAL B 51 -26.20 -4.24 -8.53
C VAL B 51 -26.92 -2.91 -8.72
N PRO B 52 -28.25 -2.89 -8.79
CA PRO B 52 -28.98 -1.62 -8.89
C PRO B 52 -28.94 -0.87 -7.56
N ARG B 53 -29.24 0.42 -7.65
CA ARG B 53 -29.17 1.29 -6.49
C ARG B 53 -30.21 0.90 -5.44
N ILE B 54 -29.78 0.88 -4.17
CA ILE B 54 -30.64 0.60 -3.04
C ILE B 54 -30.75 1.88 -2.22
N PRO B 55 -31.92 2.54 -2.21
CA PRO B 55 -32.01 3.87 -1.58
C PRO B 55 -31.68 3.88 -0.09
N TRP B 56 -32.03 2.84 0.66
CA TRP B 56 -31.87 2.82 2.10
C TRP B 56 -30.55 2.23 2.55
N ALA B 57 -29.68 1.85 1.62
CA ALA B 57 -28.48 1.11 2.00
C ALA B 57 -27.46 1.98 2.72
N PHE B 58 -27.50 3.29 2.52
CA PHE B 58 -26.48 4.15 3.09
C PHE B 58 -26.65 4.38 4.59
N ALA B 59 -27.87 4.30 5.10
CA ALA B 59 -28.08 4.46 6.54
C ALA B 59 -27.63 3.25 7.34
N MET B 60 -27.69 2.06 6.74
CA MET B 60 -27.23 0.86 7.42
C MET B 60 -25.73 0.90 7.71
N THR B 61 -24.95 1.54 6.84
CA THR B 61 -23.53 1.70 7.12
C THR B 61 -23.30 2.48 8.41
N GLU B 62 -24.02 3.59 8.59
CA GLU B 62 -23.86 4.36 9.81
C GLU B 62 -24.46 3.64 11.01
N VAL B 63 -25.51 2.83 10.82
CA VAL B 63 -26.04 2.04 11.93
C VAL B 63 -24.99 1.04 12.41
N CYS B 64 -24.35 0.33 11.47
CA CYS B 64 -23.27 -0.58 11.83
C CYS B 64 -22.07 0.16 12.40
N GLY B 65 -21.87 1.43 12.03
CA GLY B 65 -20.85 2.24 12.65
C GLY B 65 -21.14 2.69 14.05
N MET B 66 -22.40 2.92 14.39
CA MET B 66 -22.79 3.22 15.76
C MET B 66 -22.79 1.99 16.67
N ILE B 67 -23.16 0.83 16.14
CA ILE B 67 -23.11 -0.38 16.97
C ILE B 67 -21.68 -0.68 17.40
N LEU B 68 -20.73 -0.64 16.45
CA LEU B 68 -19.34 -0.87 16.79
C LEU B 68 -18.80 0.21 17.72
N CYS B 69 -19.24 1.46 17.53
CA CYS B 69 -18.81 2.53 18.41
C CYS B 69 -19.29 2.29 19.84
N TYR B 70 -20.53 1.84 20.00
CA TYR B 70 -21.04 1.53 21.34
C TYR B 70 -20.27 0.38 21.97
N ILE B 71 -19.97 -0.68 21.20
CA ILE B 71 -19.22 -1.80 21.73
C ILE B 71 -17.82 -1.34 22.16
N TRP B 72 -17.15 -0.54 21.32
CA TRP B 72 -15.81 -0.07 21.66
C TRP B 72 -15.84 0.87 22.87
N LEU B 73 -16.90 1.67 23.01
CA LEU B 73 -17.05 2.50 24.20
C LEU B 73 -17.21 1.64 25.44
N LEU B 74 -17.95 0.54 25.32
CA LEU B 74 -18.04 -0.41 26.44
C LEU B 74 -16.67 -0.98 26.79
N VAL B 75 -15.87 -1.34 25.78
CA VAL B 75 -14.54 -1.89 26.04
C VAL B 75 -13.65 -0.83 26.68
N LEU B 76 -13.73 0.41 26.20
CA LEU B 76 -12.89 1.49 26.70
C LEU B 76 -13.19 1.83 28.16
N LEU B 77 -14.34 1.42 28.69
CA LEU B 77 -14.74 1.74 30.05
C LEU B 77 -14.30 0.70 31.07
N LEU B 78 -14.20 -0.57 30.67
CA LEU B 78 -13.89 -1.66 31.59
C LEU B 78 -12.45 -2.13 31.48
N HIS B 79 -11.52 -1.21 31.26
CA HIS B 79 -10.12 -1.57 31.03
C HIS B 79 -9.22 -0.85 32.04
N LYS B 80 -8.07 -1.44 32.31
CA LYS B 80 -7.06 -0.78 33.14
C LYS B 80 -6.48 0.44 32.41
N HIS B 81 -5.85 0.21 31.26
CA HIS B 81 -5.15 1.26 30.53
C HIS B 81 -6.01 1.80 29.40
N ARG B 82 -7.13 2.42 29.79
CA ARG B 82 -8.00 3.05 28.80
C ARG B 82 -7.36 4.30 28.20
N SER B 83 -6.51 4.99 28.95
CA SER B 83 -5.85 6.19 28.44
C SER B 83 -4.99 5.86 27.22
N ILE B 84 -4.23 4.76 27.28
CA ILE B 84 -3.39 4.38 26.15
C ILE B 84 -4.26 4.04 24.94
N LEU B 85 -5.37 3.35 25.16
CA LEU B 85 -6.26 3.01 24.05
C LEU B 85 -6.80 4.26 23.37
N LEU B 86 -7.30 5.21 24.17
CA LEU B 86 -7.82 6.45 23.60
C LEU B 86 -6.73 7.23 22.86
N ARG B 87 -5.54 7.32 23.44
CA ARG B 87 -4.44 8.02 22.81
C ARG B 87 -4.04 7.40 21.49
N ARG B 88 -3.93 6.07 21.41
CA ARG B 88 -3.64 5.38 20.17
C ARG B 88 -4.72 5.57 19.12
N LEU B 89 -5.99 5.48 19.52
CA LEU B 89 -7.08 5.69 18.57
C LEU B 89 -7.02 7.09 17.96
N CYS B 90 -6.83 8.11 18.80
CA CYS B 90 -6.73 9.47 18.27
C CYS B 90 -5.50 9.66 17.38
N SER B 91 -4.35 9.14 17.81
CA SER B 91 -3.12 9.29 17.04
C SER B 91 -3.14 8.55 15.71
N LEU B 92 -4.00 7.54 15.57
CA LEU B 92 -4.19 6.90 14.26
C LEU B 92 -5.23 7.58 13.39
N MET B 93 -6.36 8.00 13.98
CA MET B 93 -7.36 8.73 13.22
C MET B 93 -6.86 10.07 12.72
N GLY B 94 -5.87 10.67 13.38
CA GLY B 94 -5.27 11.87 12.80
C GLY B 94 -4.51 11.59 11.52
N THR B 95 -3.65 10.57 11.55
CA THR B 95 -2.80 10.27 10.40
C THR B 95 -3.63 9.82 9.20
N VAL B 96 -4.63 8.95 9.42
CA VAL B 96 -5.37 8.43 8.29
C VAL B 96 -6.15 9.55 7.60
N PHE B 97 -6.74 10.46 8.39
CA PHE B 97 -7.48 11.55 7.79
C PHE B 97 -6.59 12.65 7.24
N LEU B 98 -5.31 12.69 7.63
CA LEU B 98 -4.37 13.55 6.91
C LEU B 98 -4.04 12.97 5.53
N LEU B 99 -3.82 11.65 5.48
CA LEU B 99 -3.62 11.00 4.19
C LEU B 99 -4.82 11.14 3.27
N ARG B 100 -6.03 11.07 3.82
CA ARG B 100 -7.23 11.29 3.02
C ARG B 100 -7.24 12.68 2.42
N CYS B 101 -6.90 13.71 3.21
CA CYS B 101 -6.84 15.07 2.68
C CYS B 101 -5.83 15.18 1.55
N PHE B 102 -4.65 14.60 1.73
CA PHE B 102 -3.65 14.67 0.67
C PHE B 102 -4.14 14.01 -0.61
N THR B 103 -4.65 12.78 -0.51
CA THR B 103 -5.06 12.04 -1.70
C THR B 103 -6.35 12.57 -2.32
N MET B 104 -7.12 13.36 -1.58
CA MET B 104 -8.29 14.01 -2.15
C MET B 104 -7.96 15.36 -2.77
N PHE B 105 -6.94 16.04 -2.27
CA PHE B 105 -6.46 17.26 -2.90
C PHE B 105 -5.69 16.99 -4.19
N VAL B 106 -4.94 15.89 -4.25
CA VAL B 106 -4.15 15.62 -5.45
C VAL B 106 -5.03 15.45 -6.67
N THR B 107 -6.06 14.61 -6.57
CA THR B 107 -7.01 14.41 -7.66
C THR B 107 -8.37 14.07 -7.08
N SER B 108 -9.41 14.65 -7.66
CA SER B 108 -10.77 14.55 -7.14
C SER B 108 -11.57 13.59 -8.00
N LEU B 109 -12.02 12.49 -7.42
CA LEU B 109 -12.80 11.47 -8.11
C LEU B 109 -14.13 11.29 -7.39
N SER B 110 -15.21 11.70 -8.03
CA SER B 110 -16.56 11.60 -7.48
C SER B 110 -17.38 10.62 -8.33
N VAL B 111 -18.62 10.39 -7.90
CA VAL B 111 -19.53 9.49 -8.59
C VAL B 111 -20.55 10.35 -9.35
N PRO B 112 -20.50 10.36 -10.67
CA PRO B 112 -21.33 11.30 -11.44
C PRO B 112 -22.80 10.92 -11.52
N GLY B 113 -23.60 11.35 -10.55
CA GLY B 113 -25.04 11.16 -10.68
C GLY B 113 -25.81 10.96 -9.39
N GLN B 114 -25.14 10.61 -8.30
CA GLN B 114 -25.80 10.57 -7.01
C GLN B 114 -25.69 11.92 -6.32
N HIS B 115 -26.68 12.22 -5.48
CA HIS B 115 -26.81 13.53 -4.84
C HIS B 115 -26.89 14.63 -5.89
N LEU B 116 -27.77 14.46 -6.88
CA LEU B 116 -28.02 15.49 -7.87
C LEU B 116 -28.73 16.71 -7.27
N GLN B 117 -29.21 16.60 -6.03
CA GLN B 117 -29.79 17.73 -5.33
C GLN B 117 -28.80 18.87 -5.12
N CYS B 118 -27.49 18.61 -5.22
CA CYS B 118 -26.48 19.63 -5.04
C CYS B 118 -26.73 20.77 -6.02
N THR B 119 -27.11 21.94 -5.50
CA THR B 119 -27.57 23.04 -6.33
C THR B 119 -27.19 24.35 -5.66
N GLY B 120 -27.29 25.43 -6.44
CA GLY B 120 -26.94 26.75 -5.94
C GLY B 120 -25.44 26.96 -5.92
N LYS B 121 -24.77 26.31 -4.97
CA LYS B 121 -23.32 26.32 -4.86
C LYS B 121 -22.81 27.76 -4.90
N ILE B 122 -22.01 28.10 -5.92
CA ILE B 122 -21.36 29.40 -6.11
C ILE B 122 -21.00 30.05 -4.78
N TYR B 123 -20.25 29.34 -3.94
CA TYR B 123 -19.76 29.90 -2.68
C TYR B 123 -18.53 30.75 -2.96
N GLY B 124 -18.74 31.85 -3.68
CA GLY B 124 -17.64 32.73 -3.98
C GLY B 124 -17.45 33.80 -2.94
N SER B 125 -16.59 33.51 -1.96
CA SER B 125 -16.22 34.42 -0.87
C SER B 125 -15.23 33.70 0.03
N VAL B 126 -14.73 34.39 1.04
CA VAL B 126 -13.88 33.71 2.03
C VAL B 126 -14.67 33.39 3.30
N TRP B 127 -15.72 34.15 3.60
CA TRP B 127 -16.48 33.99 4.83
C TRP B 127 -17.76 33.17 4.65
N GLU B 128 -18.07 32.71 3.44
CA GLU B 128 -19.14 31.76 3.23
C GLU B 128 -18.64 30.33 3.12
N LYS B 129 -17.39 30.15 2.70
CA LYS B 129 -16.79 28.81 2.72
C LYS B 129 -16.64 28.31 4.15
N LEU B 130 -16.29 29.20 5.07
CA LEU B 130 -16.09 28.80 6.46
C LEU B 130 -17.39 28.31 7.09
N HIS B 131 -18.52 28.96 6.77
CA HIS B 131 -19.79 28.53 7.31
C HIS B 131 -20.15 27.13 6.80
N ARG B 132 -19.94 26.88 5.51
CA ARG B 132 -20.20 25.55 4.98
C ARG B 132 -19.28 24.50 5.59
N ALA B 133 -18.01 24.85 5.80
CA ALA B 133 -17.10 23.93 6.47
C ALA B 133 -17.53 23.64 7.90
N PHE B 134 -18.01 24.64 8.63
CA PHE B 134 -18.50 24.41 9.98
C PHE B 134 -19.76 23.56 9.98
N ALA B 135 -20.62 23.73 8.98
CA ALA B 135 -21.83 22.92 8.90
C ALA B 135 -21.49 21.43 8.79
N ILE B 136 -20.47 21.10 7.99
CA ILE B 136 -20.03 19.71 7.88
C ILE B 136 -19.34 19.27 9.15
N TRP B 137 -18.54 20.15 9.76
CA TRP B 137 -17.71 19.76 10.89
C TRP B 137 -18.57 19.30 12.07
N SER B 138 -19.54 20.11 12.48
CA SER B 138 -20.38 19.76 13.62
C SER B 138 -21.62 18.98 13.18
N GLY B 139 -21.40 17.99 12.33
CA GLY B 139 -22.43 17.03 11.96
C GLY B 139 -21.83 15.65 11.80
N PHE B 140 -20.53 15.56 12.03
CA PHE B 140 -19.74 14.34 11.92
C PHE B 140 -19.76 13.73 10.53
N GLY B 141 -20.26 14.46 9.53
CA GLY B 141 -20.30 13.97 8.17
C GLY B 141 -21.31 12.87 7.91
N MET B 142 -22.20 12.58 8.86
CA MET B 142 -23.16 11.51 8.71
C MET B 142 -24.34 11.94 7.85
N THR B 143 -25.09 10.95 7.37
CA THR B 143 -26.28 11.23 6.57
C THR B 143 -27.56 11.28 7.41
N LEU B 144 -27.52 10.78 8.64
CA LEU B 144 -28.70 10.87 9.51
C LEU B 144 -28.96 12.31 9.91
N THR B 145 -28.00 12.92 10.60
CA THR B 145 -28.00 14.37 10.80
C THR B 145 -27.57 15.01 9.49
N GLY B 146 -28.55 15.44 8.69
CA GLY B 146 -28.30 15.76 7.30
C GLY B 146 -27.26 16.82 7.04
N VAL B 147 -26.08 16.39 6.58
CA VAL B 147 -25.02 17.27 6.13
C VAL B 147 -24.52 16.74 4.79
N HIS B 148 -24.83 15.48 4.50
CA HIS B 148 -24.36 14.81 3.29
C HIS B 148 -25.29 15.13 2.13
N THR B 149 -25.26 16.40 1.72
CA THR B 149 -26.07 16.83 0.60
C THR B 149 -25.39 16.55 -0.74
N CYS B 150 -24.11 16.87 -0.85
CA CYS B 150 -23.35 16.69 -2.08
C CYS B 150 -22.57 15.37 -1.98
N GLY B 151 -21.67 15.03 -2.90
CA GLY B 151 -21.02 13.74 -2.91
C GLY B 151 -19.73 13.76 -2.12
N ASP B 152 -19.07 12.60 -2.10
CA ASP B 152 -17.81 12.41 -1.37
C ASP B 152 -16.77 11.86 -2.34
N TYR B 153 -15.53 12.32 -2.18
CA TYR B 153 -14.47 12.04 -3.12
C TYR B 153 -13.66 10.81 -2.70
N MET B 154 -12.50 10.64 -3.33
CA MET B 154 -11.58 9.52 -3.16
C MET B 154 -11.27 9.24 -1.69
N PHE B 155 -10.88 8.00 -1.38
CA PHE B 155 -10.50 7.60 -0.03
C PHE B 155 -11.69 7.78 0.94
N SER B 156 -12.71 6.95 0.71
CA SER B 156 -13.93 7.00 1.50
C SER B 156 -13.65 7.04 2.99
N GLY B 157 -14.49 7.76 3.72
CA GLY B 157 -14.29 7.95 5.15
C GLY B 157 -15.02 6.97 6.02
N HIS B 158 -16.17 6.46 5.56
CA HIS B 158 -16.91 5.47 6.34
C HIS B 158 -16.11 4.18 6.50
N THR B 159 -15.46 3.74 5.43
CA THR B 159 -14.66 2.52 5.50
C THR B 159 -13.53 2.63 6.50
N VAL B 160 -12.87 3.80 6.57
CA VAL B 160 -11.79 4.00 7.52
C VAL B 160 -12.30 3.82 8.95
N VAL B 161 -13.40 4.49 9.29
CA VAL B 161 -13.92 4.41 10.65
C VAL B 161 -14.36 2.99 10.97
N LEU B 162 -15.06 2.34 10.04
CA LEU B 162 -15.54 0.98 10.30
C LEU B 162 -14.36 0.02 10.52
N THR B 163 -13.36 0.07 9.64
CA THR B 163 -12.23 -0.84 9.78
C THR B 163 -11.42 -0.55 11.05
N MET B 164 -11.20 0.72 11.37
CA MET B 164 -10.46 1.06 12.58
C MET B 164 -11.18 0.57 13.82
N LEU B 165 -12.50 0.79 13.90
CA LEU B 165 -13.25 0.33 15.06
C LEU B 165 -13.26 -1.18 15.16
N ASN B 166 -13.43 -1.88 14.03
CA ASN B 166 -13.43 -3.34 14.07
C ASN B 166 -12.09 -3.88 14.53
N PHE B 167 -10.99 -3.34 13.99
CA PHE B 167 -9.68 -3.83 14.38
C PHE B 167 -9.37 -3.52 15.84
N PHE B 168 -9.76 -2.33 16.32
CA PHE B 168 -9.53 -2.01 17.73
C PHE B 168 -10.35 -2.91 18.65
N VAL B 169 -11.60 -3.21 18.27
CA VAL B 169 -12.41 -4.11 19.07
C VAL B 169 -11.79 -5.50 19.11
N THR B 170 -11.33 -5.99 17.95
CA THR B 170 -10.73 -7.31 17.90
C THR B 170 -9.44 -7.38 18.72
N GLU B 171 -8.61 -6.35 18.63
CA GLU B 171 -7.29 -6.40 19.26
C GLU B 171 -7.38 -6.41 20.78
N TYR B 172 -8.23 -5.57 21.36
CA TYR B 172 -8.22 -5.30 22.80
C TYR B 172 -9.33 -6.03 23.55
N THR B 173 -9.62 -7.25 23.13
CA THR B 173 -10.47 -8.19 23.86
C THR B 173 -9.72 -9.50 24.05
N PRO B 174 -10.04 -10.28 25.07
CA PRO B 174 -9.24 -11.47 25.37
C PRO B 174 -9.23 -12.44 24.20
N ARG B 175 -8.09 -13.10 24.02
CA ARG B 175 -7.95 -14.02 22.89
C ARG B 175 -8.59 -15.36 23.21
N SER B 176 -9.84 -15.31 23.68
CA SER B 176 -10.66 -16.49 23.87
C SER B 176 -12.13 -16.21 23.56
N TRP B 177 -12.45 -15.05 22.99
CA TRP B 177 -13.80 -14.57 22.77
C TRP B 177 -14.24 -14.72 21.33
N ASN B 178 -13.88 -15.83 20.68
CA ASN B 178 -13.96 -15.89 19.22
C ASN B 178 -15.38 -16.08 18.67
N PHE B 179 -16.30 -15.31 19.21
CA PHE B 179 -17.63 -15.08 18.65
C PHE B 179 -17.91 -13.60 18.47
N LEU B 180 -17.45 -12.76 19.39
CA LEU B 180 -17.54 -11.32 19.20
C LEU B 180 -16.69 -10.87 18.02
N HIS B 181 -15.53 -11.50 17.82
CA HIS B 181 -14.68 -11.15 16.69
C HIS B 181 -15.38 -11.43 15.36
N THR B 182 -16.05 -12.58 15.26
CA THR B 182 -16.79 -12.90 14.04
C THR B 182 -17.92 -11.92 13.80
N LEU B 183 -18.63 -11.54 14.86
CA LEU B 183 -19.69 -10.54 14.71
C LEU B 183 -19.14 -9.21 14.23
N SER B 184 -18.02 -8.78 14.79
CA SER B 184 -17.41 -7.52 14.37
C SER B 184 -16.97 -7.59 12.91
N TRP B 185 -16.37 -8.70 12.49
CA TRP B 185 -15.97 -8.83 11.11
C TRP B 185 -17.17 -8.83 10.16
N VAL B 186 -18.25 -9.50 10.55
CA VAL B 186 -19.45 -9.51 9.71
C VAL B 186 -20.04 -8.11 9.60
N LEU B 187 -20.09 -7.37 10.71
CA LEU B 187 -20.58 -6.00 10.65
C LEU B 187 -19.71 -5.12 9.77
N ASN B 188 -18.39 -5.26 9.88
CA ASN B 188 -17.48 -4.49 9.04
C ASN B 188 -17.68 -4.79 7.56
N LEU B 189 -17.80 -6.08 7.23
CA LEU B 189 -17.98 -6.45 5.82
C LEU B 189 -19.32 -5.96 5.28
N PHE B 190 -20.38 -6.04 6.08
CA PHE B 190 -21.67 -5.55 5.62
C PHE B 190 -21.66 -4.04 5.44
N GLY B 191 -21.01 -3.32 6.37
CA GLY B 191 -20.90 -1.88 6.22
C GLY B 191 -20.11 -1.49 4.99
N ILE B 192 -19.05 -2.25 4.67
CA ILE B 192 -18.29 -1.99 3.46
C ILE B 192 -19.14 -2.27 2.22
N PHE B 193 -19.90 -3.37 2.23
CA PHE B 193 -20.73 -3.72 1.08
C PHE B 193 -21.81 -2.68 0.83
N PHE B 194 -22.45 -2.17 1.89
CA PHE B 194 -23.55 -1.23 1.71
C PHE B 194 -23.08 0.12 1.16
N ILE B 195 -21.79 0.45 1.27
CA ILE B 195 -21.28 1.65 0.63
C ILE B 195 -21.35 1.52 -0.88
N LEU B 196 -20.88 0.39 -1.42
CA LEU B 196 -20.93 0.16 -2.85
C LEU B 196 -22.34 -0.11 -3.34
N ALA B 197 -23.18 -0.75 -2.52
CA ALA B 197 -24.54 -1.06 -2.94
C ALA B 197 -25.41 0.19 -3.09
N ALA B 198 -25.03 1.30 -2.45
CA ALA B 198 -25.78 2.54 -2.55
C ALA B 198 -25.24 3.49 -3.61
N HIS B 199 -24.24 3.06 -4.39
CA HIS B 199 -23.62 3.88 -5.43
C HIS B 199 -23.07 5.17 -4.84
N GLU B 200 -22.25 5.04 -3.81
CA GLU B 200 -21.64 6.19 -3.15
C GLU B 200 -20.15 6.31 -3.42
N HIS B 201 -19.48 5.20 -3.72
CA HIS B 201 -18.05 5.20 -3.96
C HIS B 201 -17.72 4.17 -5.03
N TYR B 202 -16.60 4.39 -5.71
CA TYR B 202 -16.17 3.43 -6.72
C TYR B 202 -15.59 2.20 -6.04
N SER B 203 -15.44 1.13 -6.83
CA SER B 203 -14.92 -0.12 -6.28
C SER B 203 -13.45 -0.02 -5.91
N ILE B 204 -12.77 1.07 -6.31
CA ILE B 204 -11.35 1.21 -6.00
C ILE B 204 -11.09 2.19 -4.87
N ASP B 205 -12.07 3.00 -4.49
CA ASP B 205 -11.92 3.81 -3.28
C ASP B 205 -11.93 2.94 -2.03
N VAL B 206 -12.90 2.03 -1.96
CA VAL B 206 -13.05 1.16 -0.79
C VAL B 206 -11.86 0.23 -0.60
N PHE B 207 -11.34 -0.37 -1.66
CA PHE B 207 -10.22 -1.29 -1.50
C PHE B 207 -8.97 -0.59 -0.99
N ILE B 208 -8.63 0.58 -1.55
CA ILE B 208 -7.46 1.30 -1.06
C ILE B 208 -7.68 1.83 0.34
N ALA B 209 -8.89 2.28 0.69
CA ALA B 209 -9.15 2.71 2.05
C ALA B 209 -8.96 1.56 3.05
N PHE B 210 -9.53 0.40 2.74
CA PHE B 210 -9.40 -0.76 3.61
C PHE B 210 -7.93 -1.17 3.75
N TYR B 211 -7.21 -1.25 2.63
CA TYR B 211 -5.81 -1.66 2.68
C TYR B 211 -4.98 -0.67 3.48
N ILE B 212 -5.20 0.63 3.28
CA ILE B 212 -4.38 1.62 3.98
C ILE B 212 -4.65 1.59 5.47
N THR B 213 -5.91 1.51 5.88
CA THR B 213 -6.21 1.44 7.31
C THR B 213 -5.61 0.20 7.94
N THR B 214 -5.77 -0.96 7.30
CA THR B 214 -5.22 -2.20 7.85
C THR B 214 -3.70 -2.13 7.97
N ARG B 215 -3.03 -1.67 6.91
CA ARG B 215 -1.58 -1.61 6.91
C ARG B 215 -1.06 -0.64 7.96
N LEU B 216 -1.69 0.53 8.09
CA LEU B 216 -1.24 1.50 9.08
C LEU B 216 -1.46 0.98 10.49
N PHE B 217 -2.60 0.34 10.76
CA PHE B 217 -2.83 -0.19 12.10
C PHE B 217 -1.79 -1.25 12.46
N LEU B 218 -1.56 -2.19 11.54
CA LEU B 218 -0.59 -3.25 11.82
C LEU B 218 0.82 -2.70 11.98
N TYR B 219 1.23 -1.76 11.14
CA TYR B 219 2.56 -1.17 11.26
C TYR B 219 2.72 -0.41 12.58
N TYR B 220 1.70 0.37 12.97
CA TYR B 220 1.79 1.09 14.24
C TYR B 220 1.91 0.14 15.40
N HIS B 221 1.12 -0.93 15.43
CA HIS B 221 1.21 -1.87 16.54
C HIS B 221 2.51 -2.65 16.54
N THR B 222 3.04 -3.01 15.37
CA THR B 222 4.35 -3.67 15.32
C THR B 222 5.43 -2.75 15.87
N LEU B 223 5.43 -1.48 15.47
CA LEU B 223 6.42 -0.55 15.99
C LEU B 223 6.26 -0.34 17.50
N ALA B 224 5.01 -0.25 17.98
CA ALA B 224 4.79 -0.07 19.41
C ALA B 224 5.25 -1.26 20.22
N ASN B 225 5.01 -2.48 19.75
CA ASN B 225 5.44 -3.67 20.48
C ASN B 225 6.94 -3.89 20.40
N THR B 226 7.56 -3.59 19.25
CA THR B 226 9.01 -3.70 19.14
C THR B 226 9.71 -2.66 20.01
N ARG B 227 9.07 -1.49 20.21
CA ARG B 227 9.63 -0.38 20.98
C ARG B 227 10.95 0.09 20.35
N ALA B 228 10.80 0.61 19.14
CA ALA B 228 11.93 1.11 18.36
C ALA B 228 12.09 2.62 18.43
N TYR B 229 11.26 3.31 19.22
CA TYR B 229 11.39 4.76 19.33
C TYR B 229 12.63 5.16 20.12
N GLN B 230 13.10 4.31 21.03
CA GLN B 230 14.30 4.59 21.80
C GLN B 230 15.35 3.51 21.67
N GLN B 231 15.08 2.42 20.95
CA GLN B 231 16.06 1.35 20.79
C GLN B 231 17.29 1.86 20.05
N SER B 232 17.08 2.48 18.89
CA SER B 232 18.17 3.01 18.07
C SER B 232 17.56 3.92 17.00
N ARG B 233 18.41 4.48 16.16
CA ARG B 233 17.97 5.26 15.01
C ARG B 233 17.66 4.33 13.84
N ARG B 234 16.61 3.52 14.05
CA ARG B 234 16.28 2.43 13.13
C ARG B 234 15.91 2.94 11.74
N ALA B 235 14.80 3.68 11.63
CA ALA B 235 14.33 4.07 10.32
C ALA B 235 13.73 5.48 10.27
N ARG B 236 13.85 6.27 11.35
CA ARG B 236 13.26 7.60 11.39
C ARG B 236 11.76 7.48 11.14
N ILE B 237 11.05 6.93 12.14
CA ILE B 237 9.61 6.72 12.03
C ILE B 237 8.94 8.01 11.58
N TRP B 238 8.05 7.89 10.59
CA TRP B 238 7.37 9.03 10.00
C TRP B 238 5.96 9.24 10.54
N PHE B 239 5.56 8.52 11.58
CA PHE B 239 4.24 8.71 12.17
C PHE B 239 4.17 10.08 12.84
N PRO B 240 3.20 10.92 12.49
CA PRO B 240 3.13 12.27 13.07
C PRO B 240 2.95 12.21 14.58
N MET B 241 3.95 12.71 15.30
CA MET B 241 3.93 12.80 16.76
C MET B 241 3.73 11.39 17.36
N PHE B 242 4.77 10.58 17.20
CA PHE B 242 4.77 9.19 17.66
C PHE B 242 5.61 9.02 18.92
N SER B 243 6.86 9.50 18.90
CA SER B 243 7.73 9.38 20.07
C SER B 243 7.18 10.14 21.27
N PHE B 244 6.46 11.24 21.04
CA PHE B 244 5.91 12.01 22.15
C PHE B 244 4.87 11.20 22.93
N PHE B 245 4.04 10.42 22.25
CA PHE B 245 2.94 9.72 22.90
C PHE B 245 3.37 8.38 23.50
N GLU B 246 4.37 7.73 22.93
CA GLU B 246 4.74 6.38 23.35
C GLU B 246 6.08 6.34 24.09
N CYS B 247 6.58 7.48 24.55
CA CYS B 247 7.85 7.47 25.29
C CYS B 247 7.67 6.87 26.68
N ASN B 248 6.54 7.14 27.33
CA ASN B 248 6.31 6.63 28.68
C ASN B 248 5.77 5.21 28.71
N VAL B 249 5.43 4.64 27.55
CA VAL B 249 4.92 3.27 27.48
C VAL B 249 6.03 2.39 26.90
N ASN B 250 6.42 1.37 27.66
CA ASN B 250 7.46 0.44 27.26
C ASN B 250 6.89 -0.97 27.22
N GLY B 251 7.22 -1.72 26.17
CA GLY B 251 6.73 -3.07 26.02
C GLY B 251 5.36 -3.16 25.39
N THR B 252 4.54 -4.09 25.87
CA THR B 252 3.20 -4.32 25.35
C THR B 252 2.16 -4.08 26.43
N VAL B 253 0.99 -3.61 26.01
CA VAL B 253 -0.12 -3.33 26.93
C VAL B 253 -0.85 -4.63 27.27
N PRO B 254 -0.97 -4.98 28.55
CA PRO B 254 -1.70 -6.20 28.91
C PRO B 254 -3.21 -6.03 28.77
N ASN B 255 -3.98 -7.05 29.19
CA ASN B 255 -5.42 -7.03 29.00
C ASN B 255 -6.16 -7.23 30.32
N GLU B 256 -5.80 -6.45 31.34
CA GLU B 256 -6.46 -6.55 32.64
C GLU B 256 -7.72 -5.71 32.67
N TYR B 257 -8.82 -6.30 33.15
CA TYR B 257 -10.11 -5.63 33.23
C TYR B 257 -10.51 -5.43 34.68
N CYS B 258 -11.18 -4.33 34.96
CA CYS B 258 -11.69 -4.03 36.30
C CYS B 258 -12.96 -3.20 36.16
N TRP B 259 -13.37 -2.59 37.27
CA TRP B 259 -14.57 -1.74 37.29
C TRP B 259 -14.18 -0.39 37.87
N PRO B 260 -14.17 0.68 37.06
CA PRO B 260 -13.59 1.96 37.54
C PRO B 260 -14.32 2.58 38.73
N PHE B 261 -15.63 2.37 38.86
CA PHE B 261 -16.40 3.08 39.87
C PHE B 261 -15.95 2.69 41.27
N SER B 262 -16.02 3.64 42.20
CA SER B 262 -15.65 3.43 43.59
C SER B 262 -16.73 2.73 44.40
N LYS B 263 -17.79 2.24 43.74
CA LYS B 263 -18.87 1.51 44.40
C LYS B 263 -19.06 0.17 43.69
N PRO B 264 -18.25 -0.84 44.04
CA PRO B 264 -18.26 -2.17 43.44
C PRO B 264 -19.61 -2.86 43.52
N ARG C 1 0.71 -55.30 7.91
CA ARG C 1 1.10 -54.09 7.17
C ARG C 1 0.08 -53.79 6.08
N LEU C 2 0.28 -52.65 5.40
CA LEU C 2 -0.64 -52.24 4.33
C LEU C 2 -0.36 -53.08 3.10
N ASP C 3 -1.19 -54.10 2.88
CA ASP C 3 -1.05 -54.99 1.73
C ASP C 3 -2.11 -54.65 0.71
N PRO C 4 -1.74 -54.24 -0.51
CA PRO C 4 -2.77 -53.90 -1.51
C PRO C 4 -3.51 -55.13 -2.00
N GLU C 5 -4.77 -55.27 -1.58
CA GLU C 5 -5.61 -56.40 -1.98
C GLU C 5 -6.44 -55.94 -3.18
N TYR C 6 -5.99 -56.29 -4.39
CA TYR C 6 -6.67 -55.85 -5.59
C TYR C 6 -7.99 -56.57 -5.82
N TRP C 7 -8.23 -57.68 -5.12
CA TRP C 7 -9.51 -58.38 -5.25
C TRP C 7 -10.63 -57.73 -4.45
N LYS C 8 -10.31 -56.76 -3.61
CA LYS C 8 -11.30 -56.04 -2.82
C LYS C 8 -11.76 -54.77 -3.52
N THR C 9 -10.86 -54.12 -4.27
CA THR C 9 -11.22 -52.92 -5.01
C THR C 9 -12.29 -53.22 -6.06
N ILE C 10 -12.18 -54.37 -6.72
CA ILE C 10 -13.18 -54.75 -7.72
C ILE C 10 -14.55 -54.95 -7.08
N LEU C 11 -14.58 -55.58 -5.91
CA LEU C 11 -15.85 -55.76 -5.20
C LEU C 11 -16.44 -54.42 -4.78
N SER C 12 -15.61 -53.52 -4.26
CA SER C 12 -16.11 -52.20 -3.88
C SER C 12 -16.64 -51.44 -5.09
N CYS C 13 -15.93 -51.54 -6.22
CA CYS C 13 -16.37 -50.86 -7.44
C CYS C 13 -17.69 -51.41 -7.94
N ILE C 14 -17.82 -52.74 -8.01
CA ILE C 14 -19.09 -53.29 -8.48
C ILE C 14 -20.22 -52.92 -7.52
N TYR C 15 -19.91 -52.84 -6.22
CA TYR C 15 -20.91 -52.42 -5.24
C TYR C 15 -21.37 -50.99 -5.49
N VAL C 16 -20.44 -50.06 -5.70
CA VAL C 16 -20.86 -48.67 -5.91
C VAL C 16 -21.60 -48.51 -7.23
N PHE C 17 -21.19 -49.24 -8.27
CA PHE C 17 -21.92 -49.17 -9.54
C PHE C 17 -23.32 -49.78 -9.44
N ILE C 18 -23.50 -50.87 -8.71
CA ILE C 18 -24.86 -51.39 -8.56
C ILE C 18 -25.70 -50.45 -7.69
N VAL C 19 -25.05 -49.73 -6.77
CA VAL C 19 -25.75 -48.67 -6.05
C VAL C 19 -26.21 -47.58 -7.01
N PHE C 20 -25.33 -47.19 -7.94
CA PHE C 20 -25.72 -46.25 -8.99
C PHE C 20 -26.92 -46.76 -9.77
N GLY C 21 -26.91 -48.05 -10.13
CA GLY C 21 -28.02 -48.62 -10.86
C GLY C 21 -29.31 -48.59 -10.07
N PHE C 22 -29.25 -48.91 -8.77
CA PHE C 22 -30.43 -48.85 -7.92
C PHE C 22 -30.96 -47.43 -7.83
N THR C 23 -30.07 -46.44 -7.69
CA THR C 23 -30.49 -45.05 -7.67
C THR C 23 -31.16 -44.65 -8.98
N SER C 24 -30.56 -45.05 -10.11
CA SER C 24 -31.13 -44.74 -11.41
C SER C 24 -32.52 -45.34 -11.55
N PHE C 25 -32.70 -46.57 -11.08
CA PHE C 25 -34.04 -47.17 -11.05
C PHE C 25 -34.99 -46.33 -10.21
N ILE C 26 -34.58 -45.98 -8.99
CA ILE C 26 -35.52 -45.38 -8.04
C ILE C 26 -35.94 -43.97 -8.45
N MET C 27 -35.10 -43.22 -9.18
CA MET C 27 -35.61 -41.96 -9.72
C MET C 27 -36.79 -42.20 -10.65
N VAL C 28 -36.68 -43.18 -11.55
CA VAL C 28 -37.78 -43.50 -12.44
C VAL C 28 -38.99 -43.98 -11.65
N ILE C 29 -38.77 -44.80 -10.62
CA ILE C 29 -39.90 -45.30 -9.83
C ILE C 29 -40.62 -44.15 -9.13
N VAL C 30 -39.87 -43.18 -8.61
CA VAL C 30 -40.49 -42.09 -7.87
C VAL C 30 -41.07 -41.04 -8.82
N HIS C 31 -40.74 -41.11 -10.11
CA HIS C 31 -41.16 -40.05 -11.03
C HIS C 31 -42.68 -39.98 -11.22
N GLU C 32 -43.36 -41.13 -11.40
CA GLU C 32 -44.75 -41.09 -11.88
C GLU C 32 -45.78 -40.85 -10.79
N ARG C 33 -45.37 -40.68 -9.53
CA ARG C 33 -46.34 -40.41 -8.47
C ARG C 33 -47.26 -39.25 -8.80
N VAL C 34 -46.69 -38.13 -9.25
CA VAL C 34 -47.45 -37.00 -9.75
C VAL C 34 -47.36 -37.01 -11.28
N PRO C 35 -48.49 -36.87 -11.99
CA PRO C 35 -48.42 -36.58 -13.40
C PRO C 35 -48.03 -35.16 -13.85
N ASP C 36 -48.68 -34.08 -13.37
CA ASP C 36 -48.34 -32.73 -13.79
C ASP C 36 -46.92 -32.34 -13.39
N MET C 37 -46.69 -32.20 -12.08
CA MET C 37 -45.40 -31.79 -11.50
C MET C 37 -45.03 -30.36 -11.92
N GLN C 38 -45.85 -29.74 -12.76
CA GLN C 38 -45.41 -28.55 -13.49
C GLN C 38 -46.41 -27.40 -13.44
N THR C 39 -47.35 -27.41 -12.49
CA THR C 39 -48.36 -26.36 -12.38
C THR C 39 -48.19 -25.50 -11.13
N TYR C 40 -47.53 -26.02 -10.11
CA TYR C 40 -47.46 -25.34 -8.83
C TYR C 40 -46.60 -24.09 -8.93
N PRO C 41 -46.79 -23.12 -8.04
CA PRO C 41 -45.83 -22.04 -7.87
C PRO C 41 -44.78 -22.41 -6.84
N PRO C 42 -43.52 -22.05 -7.05
CA PRO C 42 -42.48 -22.38 -6.10
C PRO C 42 -42.85 -22.05 -4.66
N LEU C 43 -42.37 -22.87 -3.74
CA LEU C 43 -42.49 -22.56 -2.32
C LEU C 43 -41.63 -21.35 -1.99
N PRO C 44 -42.04 -20.54 -1.02
CA PRO C 44 -41.30 -19.30 -0.71
C PRO C 44 -39.90 -19.61 -0.23
N ASP C 45 -38.91 -19.01 -0.89
CA ASP C 45 -37.51 -19.17 -0.56
C ASP C 45 -36.87 -17.80 -0.36
N ILE C 46 -35.61 -17.81 0.04
CA ILE C 46 -34.89 -16.56 0.30
C ILE C 46 -33.85 -16.32 -0.78
N PHE C 47 -33.50 -17.38 -1.52
CA PHE C 47 -32.50 -17.28 -2.57
C PHE C 47 -33.09 -17.46 -3.97
N LEU C 48 -34.16 -18.23 -4.11
CA LEU C 48 -34.81 -18.41 -5.39
C LEU C 48 -35.70 -17.23 -5.77
N ASP C 49 -36.01 -16.35 -4.82
CA ASP C 49 -36.83 -15.17 -5.08
C ASP C 49 -36.03 -13.95 -5.46
N SER C 50 -34.89 -13.72 -4.81
CA SER C 50 -34.09 -12.53 -5.09
C SER C 50 -33.32 -12.67 -6.40
N VAL C 51 -32.47 -13.67 -6.50
CA VAL C 51 -31.62 -13.86 -7.68
C VAL C 51 -32.46 -14.40 -8.83
N PRO C 52 -32.48 -13.73 -9.98
CA PRO C 52 -33.20 -14.28 -11.14
C PRO C 52 -32.44 -15.46 -11.74
N ARG C 53 -33.19 -16.30 -12.45
CA ARG C 53 -32.60 -17.49 -13.05
C ARG C 53 -31.57 -17.11 -14.11
N ILE C 54 -30.42 -17.78 -14.07
CA ILE C 54 -29.36 -17.61 -15.04
C ILE C 54 -29.28 -18.88 -15.88
N PRO C 55 -29.62 -18.81 -17.17
CA PRO C 55 -29.71 -20.06 -17.96
C PRO C 55 -28.40 -20.82 -18.07
N TRP C 56 -27.26 -20.14 -18.13
CA TRP C 56 -25.98 -20.81 -18.35
C TRP C 56 -25.24 -21.14 -17.07
N ALA C 57 -25.82 -20.84 -15.90
CA ALA C 57 -25.13 -21.12 -14.64
C ALA C 57 -25.02 -22.61 -14.37
N PHE C 58 -25.86 -23.42 -15.02
CA PHE C 58 -25.87 -24.85 -14.72
C PHE C 58 -24.83 -25.61 -15.51
N ALA C 59 -24.01 -24.92 -16.32
CA ALA C 59 -22.90 -25.60 -17.00
C ALA C 59 -21.63 -25.55 -16.17
N MET C 60 -21.37 -24.43 -15.50
CA MET C 60 -20.18 -24.28 -14.69
C MET C 60 -20.11 -25.32 -13.58
N THR C 61 -21.25 -25.84 -13.12
CA THR C 61 -21.23 -26.86 -12.08
C THR C 61 -20.48 -28.11 -12.55
N GLU C 62 -20.87 -28.66 -13.70
CA GLU C 62 -20.16 -29.84 -14.19
C GLU C 62 -18.80 -29.50 -14.79
N VAL C 63 -18.56 -28.27 -15.26
CA VAL C 63 -17.17 -27.93 -15.59
C VAL C 63 -16.29 -28.03 -14.34
N CYS C 64 -16.77 -27.47 -13.23
CA CYS C 64 -16.05 -27.56 -11.96
C CYS C 64 -15.88 -29.00 -11.53
N GLY C 65 -16.93 -29.81 -11.69
CA GLY C 65 -16.85 -31.21 -11.33
C GLY C 65 -15.82 -31.98 -12.15
N MET C 66 -15.78 -31.73 -13.46
CA MET C 66 -14.79 -32.38 -14.31
C MET C 66 -13.37 -31.94 -13.95
N ILE C 67 -13.17 -30.66 -13.65
CA ILE C 67 -11.84 -30.20 -13.25
C ILE C 67 -11.41 -30.88 -11.95
N LEU C 68 -12.33 -30.96 -10.97
CA LEU C 68 -12.01 -31.64 -9.72
C LEU C 68 -11.73 -33.12 -9.94
N CYS C 69 -12.50 -33.77 -10.81
CA CYS C 69 -12.25 -35.17 -11.12
C CYS C 69 -10.90 -35.38 -11.80
N TYR C 70 -10.51 -34.49 -12.69
CA TYR C 70 -9.19 -34.58 -13.32
C TYR C 70 -8.08 -34.44 -12.29
N ILE C 71 -8.22 -33.47 -11.37
CA ILE C 71 -7.22 -33.30 -10.33
C ILE C 71 -7.15 -34.54 -9.43
N TRP C 72 -8.32 -35.11 -9.10
CA TRP C 72 -8.34 -36.30 -8.27
C TRP C 72 -7.71 -37.49 -8.99
N LEU C 73 -7.94 -37.61 -10.30
CA LEU C 73 -7.29 -38.67 -11.07
C LEU C 73 -5.78 -38.50 -11.08
N LEU C 74 -5.32 -37.26 -11.24
CA LEU C 74 -3.88 -37.00 -11.17
C LEU C 74 -3.32 -37.39 -9.81
N VAL C 75 -4.04 -37.08 -8.73
CA VAL C 75 -3.59 -37.46 -7.40
C VAL C 75 -3.54 -38.97 -7.25
N LEU C 76 -4.60 -39.66 -7.71
CA LEU C 76 -4.69 -41.11 -7.59
C LEU C 76 -3.63 -41.84 -8.40
N LEU C 77 -3.17 -41.27 -9.51
CA LEU C 77 -2.16 -41.90 -10.35
C LEU C 77 -0.81 -42.05 -9.66
N LEU C 78 -0.43 -41.09 -8.81
CA LEU C 78 0.93 -41.04 -8.29
C LEU C 78 1.06 -41.49 -6.84
N HIS C 79 0.01 -42.04 -6.23
CA HIS C 79 0.07 -42.47 -4.84
C HIS C 79 0.23 -43.98 -4.76
N LYS C 80 1.13 -44.44 -3.89
CA LYS C 80 1.42 -45.86 -3.80
C LYS C 80 0.19 -46.65 -3.35
N HIS C 81 -0.62 -46.07 -2.46
CA HIS C 81 -1.85 -46.71 -2.00
C HIS C 81 -3.02 -46.32 -2.90
N ARG C 82 -2.80 -46.50 -4.21
CA ARG C 82 -3.87 -46.26 -5.17
C ARG C 82 -4.95 -47.34 -5.10
N SER C 83 -4.66 -48.47 -4.45
CA SER C 83 -5.67 -49.49 -4.22
C SER C 83 -6.50 -49.22 -2.97
N ILE C 84 -6.08 -48.28 -2.12
CA ILE C 84 -6.78 -47.99 -0.89
C ILE C 84 -7.67 -46.76 -1.01
N LEU C 85 -7.16 -45.70 -1.66
CA LEU C 85 -7.96 -44.49 -1.83
C LEU C 85 -9.22 -44.76 -2.65
N LEU C 86 -9.08 -45.51 -3.74
CA LEU C 86 -10.23 -45.83 -4.57
C LEU C 86 -11.23 -46.69 -3.81
N ARG C 87 -10.75 -47.65 -3.03
CA ARG C 87 -11.65 -48.48 -2.24
C ARG C 87 -12.41 -47.66 -1.21
N ARG C 88 -11.72 -46.75 -0.52
CA ARG C 88 -12.40 -45.91 0.46
C ARG C 88 -13.42 -45.00 -0.21
N LEU C 89 -13.06 -44.43 -1.36
CA LEU C 89 -14.00 -43.58 -2.09
C LEU C 89 -15.22 -44.37 -2.51
N CYS C 90 -15.04 -45.59 -3.02
CA CYS C 90 -16.16 -46.41 -3.42
C CYS C 90 -17.04 -46.78 -2.23
N SER C 91 -16.43 -47.08 -1.08
CA SER C 91 -17.21 -47.36 0.12
C SER C 91 -17.98 -46.16 0.62
N LEU C 92 -17.46 -44.96 0.44
CA LEU C 92 -18.14 -43.73 0.87
C LEU C 92 -19.28 -43.32 -0.05
N MET C 93 -19.06 -43.33 -1.37
CA MET C 93 -20.12 -42.94 -2.29
C MET C 93 -21.30 -43.91 -2.22
N GLY C 94 -21.02 -45.20 -1.99
CA GLY C 94 -22.11 -46.15 -1.81
C GLY C 94 -23.03 -45.77 -0.68
N THR C 95 -22.46 -45.44 0.48
CA THR C 95 -23.27 -45.06 1.63
C THR C 95 -24.02 -43.76 1.38
N VAL C 96 -23.35 -42.76 0.80
CA VAL C 96 -24.03 -41.48 0.61
C VAL C 96 -25.16 -41.61 -0.40
N PHE C 97 -24.97 -42.45 -1.42
CA PHE C 97 -26.04 -42.64 -2.40
C PHE C 97 -27.16 -43.53 -1.87
N LEU C 98 -26.87 -44.47 -0.96
CA LEU C 98 -27.97 -45.15 -0.26
C LEU C 98 -28.78 -44.16 0.56
N LEU C 99 -28.11 -43.23 1.24
CA LEU C 99 -28.84 -42.20 1.99
C LEU C 99 -29.67 -41.33 1.05
N ARG C 100 -29.12 -40.98 -0.10
CA ARG C 100 -29.86 -40.21 -1.10
C ARG C 100 -31.10 -40.98 -1.58
N CYS C 101 -30.93 -42.27 -1.83
CA CYS C 101 -32.05 -43.10 -2.26
C CYS C 101 -33.14 -43.14 -1.20
N PHE C 102 -32.76 -43.34 0.06
CA PHE C 102 -33.76 -43.38 1.13
C PHE C 102 -34.48 -42.05 1.28
N THR C 103 -33.74 -40.94 1.21
CA THR C 103 -34.36 -39.63 1.35
C THR C 103 -35.32 -39.34 0.20
N MET C 104 -34.95 -39.71 -1.03
CA MET C 104 -35.86 -39.45 -2.15
C MET C 104 -37.03 -40.41 -2.14
N PHE C 105 -36.86 -41.59 -1.55
CA PHE C 105 -37.94 -42.58 -1.51
C PHE C 105 -38.96 -42.24 -0.45
N VAL C 106 -38.52 -41.69 0.70
CA VAL C 106 -39.47 -41.35 1.76
C VAL C 106 -40.30 -40.14 1.36
N THR C 107 -39.70 -39.16 0.70
CA THR C 107 -40.41 -37.97 0.26
C THR C 107 -39.73 -37.39 -0.96
N SER C 108 -40.47 -36.58 -1.72
CA SER C 108 -39.96 -35.96 -2.93
C SER C 108 -40.13 -34.46 -2.86
N LEU C 109 -39.04 -33.73 -3.15
CA LEU C 109 -39.11 -32.26 -3.13
C LEU C 109 -38.39 -31.77 -4.37
N SER C 110 -39.12 -31.50 -5.44
CA SER C 110 -38.53 -31.03 -6.71
C SER C 110 -38.87 -29.56 -6.93
N VAL C 111 -37.97 -28.80 -7.55
CA VAL C 111 -38.32 -27.38 -7.89
C VAL C 111 -39.48 -27.47 -8.86
N PRO C 112 -40.64 -26.90 -8.53
CA PRO C 112 -41.80 -27.06 -9.35
C PRO C 112 -41.77 -25.98 -10.41
N GLY C 113 -41.25 -26.29 -11.59
CA GLY C 113 -41.37 -25.23 -12.60
C GLY C 113 -40.15 -25.05 -13.45
N GLN C 114 -39.22 -25.99 -13.36
CA GLN C 114 -38.07 -25.90 -14.29
C GLN C 114 -38.24 -27.05 -15.28
N HIS C 115 -37.61 -26.95 -16.44
CA HIS C 115 -37.66 -28.10 -17.38
C HIS C 115 -39.10 -28.44 -17.70
N LEU C 116 -39.90 -27.43 -18.05
CA LEU C 116 -41.26 -27.73 -18.47
C LEU C 116 -41.37 -28.19 -19.92
N GLN C 117 -40.26 -28.19 -20.66
CA GLN C 117 -40.26 -28.64 -22.05
C GLN C 117 -39.89 -30.11 -22.20
N CYS C 118 -39.54 -30.79 -21.10
CA CYS C 118 -39.14 -32.19 -21.19
C CYS C 118 -40.32 -33.06 -21.59
N THR C 119 -40.06 -34.02 -22.48
CA THR C 119 -41.08 -34.89 -23.04
C THR C 119 -41.02 -36.26 -22.37
N GLY C 120 -41.80 -37.20 -22.89
CA GLY C 120 -41.86 -38.54 -22.34
C GLY C 120 -43.10 -38.77 -21.49
N LYS C 121 -42.90 -38.85 -20.17
CA LYS C 121 -43.97 -39.00 -19.19
C LYS C 121 -44.81 -40.26 -19.40
N ILE C 122 -45.74 -40.51 -18.48
CA ILE C 122 -46.64 -41.66 -18.46
C ILE C 122 -45.94 -42.92 -18.96
N TYR C 123 -44.90 -43.33 -18.25
CA TYR C 123 -44.16 -44.56 -18.58
C TYR C 123 -44.77 -45.73 -17.80
N GLY C 124 -46.01 -46.06 -18.13
CA GLY C 124 -46.70 -47.12 -17.45
C GLY C 124 -46.51 -48.49 -18.08
N SER C 125 -45.54 -49.24 -17.57
CA SER C 125 -45.27 -50.62 -18.01
C SER C 125 -44.16 -51.20 -17.13
N VAL C 126 -43.76 -52.44 -17.43
CA VAL C 126 -42.74 -53.12 -16.63
C VAL C 126 -41.36 -52.93 -17.26
N TRP C 127 -41.31 -52.83 -18.59
CA TRP C 127 -40.03 -52.93 -19.30
C TRP C 127 -39.50 -51.60 -19.83
N GLU C 128 -40.33 -50.58 -20.02
CA GLU C 128 -39.79 -49.30 -20.47
C GLU C 128 -39.23 -48.49 -19.31
N LYS C 129 -39.59 -48.85 -18.07
CA LYS C 129 -38.94 -48.24 -16.91
C LYS C 129 -37.45 -48.52 -16.91
N LEU C 130 -37.06 -49.77 -17.15
CA LEU C 130 -35.64 -50.10 -17.14
C LEU C 130 -34.92 -49.46 -18.33
N HIS C 131 -35.60 -49.32 -19.46
CA HIS C 131 -35.00 -48.61 -20.58
C HIS C 131 -34.74 -47.15 -20.24
N ARG C 132 -35.72 -46.47 -19.63
CA ARG C 132 -35.52 -45.09 -19.23
C ARG C 132 -34.40 -44.97 -18.20
N ALA C 133 -34.36 -45.89 -17.24
CA ALA C 133 -33.32 -45.85 -16.22
C ALA C 133 -31.94 -46.09 -16.81
N PHE C 134 -31.82 -47.05 -17.75
CA PHE C 134 -30.54 -47.30 -18.40
C PHE C 134 -30.10 -46.10 -19.22
N ALA C 135 -31.06 -45.40 -19.84
CA ALA C 135 -30.74 -44.13 -20.48
C ALA C 135 -30.21 -43.13 -19.45
N ILE C 136 -30.83 -43.09 -18.27
CA ILE C 136 -30.31 -42.25 -17.20
C ILE C 136 -28.98 -42.78 -16.67
N TRP C 137 -28.85 -44.11 -16.60
CA TRP C 137 -27.63 -44.70 -16.05
C TRP C 137 -26.41 -44.33 -16.89
N SER C 138 -26.48 -44.57 -18.19
CA SER C 138 -25.32 -44.35 -19.07
C SER C 138 -25.28 -42.92 -19.59
N GLY C 139 -25.48 -41.95 -18.70
CA GLY C 139 -25.31 -40.56 -19.05
C GLY C 139 -24.71 -39.74 -17.93
N PHE C 140 -24.41 -40.40 -16.82
CA PHE C 140 -23.87 -39.79 -15.61
C PHE C 140 -24.72 -38.64 -15.08
N GLY C 141 -25.97 -38.53 -15.51
CA GLY C 141 -26.83 -37.46 -15.05
C GLY C 141 -26.39 -36.06 -15.42
N MET C 142 -25.51 -35.92 -16.41
CA MET C 142 -25.02 -34.61 -16.79
C MET C 142 -25.88 -34.02 -17.90
N THR C 143 -25.84 -32.69 -18.03
CA THR C 143 -26.60 -32.01 -19.06
C THR C 143 -25.77 -31.65 -20.29
N LEU C 144 -24.44 -31.68 -20.19
CA LEU C 144 -23.62 -31.54 -21.39
C LEU C 144 -23.87 -32.69 -22.35
N THR C 145 -23.94 -33.91 -21.82
CA THR C 145 -24.45 -35.07 -22.55
C THR C 145 -25.89 -35.22 -22.10
N GLY C 146 -26.80 -34.54 -22.81
CA GLY C 146 -28.16 -34.36 -22.35
C GLY C 146 -28.91 -35.64 -22.05
N VAL C 147 -29.13 -35.90 -20.77
CA VAL C 147 -29.88 -37.08 -20.32
C VAL C 147 -31.01 -36.64 -19.41
N HIS C 148 -30.68 -35.93 -18.33
CA HIS C 148 -31.72 -35.44 -17.43
C HIS C 148 -32.40 -34.23 -18.06
N THR C 149 -33.68 -34.40 -18.41
CA THR C 149 -34.43 -33.34 -19.07
C THR C 149 -35.56 -32.79 -18.20
N CYS C 150 -36.16 -33.63 -17.36
CA CYS C 150 -37.19 -33.18 -16.43
C CYS C 150 -36.53 -32.74 -15.12
N GLY C 151 -37.34 -32.54 -14.09
CA GLY C 151 -36.85 -32.00 -12.83
C GLY C 151 -36.06 -33.02 -12.02
N ASP C 152 -35.41 -32.50 -10.97
CA ASP C 152 -34.63 -33.30 -10.04
C ASP C 152 -35.29 -33.25 -8.66
N TYR C 153 -34.82 -34.12 -7.77
CA TYR C 153 -35.44 -34.31 -6.47
C TYR C 153 -34.47 -33.97 -5.34
N MET C 154 -34.90 -34.27 -4.11
CA MET C 154 -34.15 -33.96 -2.91
C MET C 154 -32.77 -34.63 -2.93
N PHE C 155 -31.85 -34.05 -2.16
CA PHE C 155 -30.51 -34.61 -1.96
C PHE C 155 -29.75 -34.70 -3.29
N SER C 156 -29.45 -33.52 -3.83
CA SER C 156 -28.75 -33.42 -5.12
C SER C 156 -27.42 -34.16 -5.07
N GLY C 157 -27.16 -34.93 -6.14
CA GLY C 157 -25.91 -35.68 -6.23
C GLY C 157 -24.71 -34.85 -6.67
N HIS C 158 -24.96 -33.76 -7.42
CA HIS C 158 -23.87 -32.89 -7.82
C HIS C 158 -23.15 -32.28 -6.62
N THR C 159 -23.91 -31.84 -5.61
CA THR C 159 -23.31 -31.35 -4.38
C THR C 159 -22.45 -32.41 -3.71
N VAL C 160 -22.96 -33.64 -3.63
CA VAL C 160 -22.23 -34.71 -2.96
C VAL C 160 -20.92 -34.99 -3.68
N VAL C 161 -20.97 -35.07 -5.01
CA VAL C 161 -19.74 -35.34 -5.77
C VAL C 161 -18.77 -34.19 -5.65
N LEU C 162 -19.24 -32.95 -5.79
CA LEU C 162 -18.36 -31.79 -5.73
C LEU C 162 -17.71 -31.65 -4.35
N THR C 163 -18.41 -32.05 -3.29
CA THR C 163 -17.86 -31.98 -1.95
C THR C 163 -16.95 -33.16 -1.61
N MET C 164 -17.29 -34.36 -2.09
CA MET C 164 -16.42 -35.51 -1.85
C MET C 164 -15.09 -35.35 -2.57
N LEU C 165 -15.12 -34.90 -3.82
CA LEU C 165 -13.87 -34.70 -4.55
C LEU C 165 -13.09 -33.49 -4.08
N ASN C 166 -13.68 -32.65 -3.23
CA ASN C 166 -12.96 -31.57 -2.59
C ASN C 166 -12.34 -31.98 -1.27
N PHE C 167 -13.08 -32.70 -0.44
CA PHE C 167 -12.56 -33.17 0.84
C PHE C 167 -11.69 -34.41 0.70
N PHE C 168 -11.62 -35.00 -0.48
CA PHE C 168 -10.73 -36.15 -0.69
C PHE C 168 -9.38 -35.76 -1.27
N VAL C 169 -9.33 -34.65 -2.01
CA VAL C 169 -8.04 -34.14 -2.48
C VAL C 169 -7.33 -33.38 -1.38
N THR C 170 -8.08 -32.76 -0.47
CA THR C 170 -7.48 -32.04 0.64
C THR C 170 -6.86 -33.00 1.66
N GLU C 171 -7.57 -34.10 1.96
CA GLU C 171 -7.12 -35.00 3.01
C GLU C 171 -5.85 -35.73 2.63
N TYR C 172 -5.75 -36.21 1.39
CA TYR C 172 -4.69 -37.11 0.97
C TYR C 172 -3.61 -36.40 0.16
N THR C 173 -3.29 -35.17 0.55
CA THR C 173 -2.15 -34.41 0.03
C THR C 173 -1.35 -33.88 1.20
N PRO C 174 -0.07 -33.58 1.01
CA PRO C 174 0.77 -33.15 2.14
C PRO C 174 0.21 -31.92 2.84
N ARG C 175 0.37 -31.88 4.16
CA ARG C 175 -0.15 -30.77 4.94
C ARG C 175 0.81 -29.60 4.86
N SER C 176 1.22 -29.26 3.63
CA SER C 176 1.93 -28.04 3.33
C SER C 176 1.51 -27.48 1.98
N TRP C 177 0.54 -28.11 1.32
CA TRP C 177 0.06 -27.73 0.00
C TRP C 177 -1.26 -26.98 0.10
N ASN C 178 -1.43 -26.11 1.10
CA ASN C 178 -2.71 -25.46 1.31
C ASN C 178 -2.91 -24.32 0.32
N PHE C 179 -2.70 -24.61 -0.96
CA PHE C 179 -3.13 -23.77 -2.06
C PHE C 179 -4.08 -24.50 -2.99
N LEU C 180 -3.73 -25.73 -3.38
CA LEU C 180 -4.68 -26.57 -4.11
C LEU C 180 -5.93 -26.80 -3.27
N HIS C 181 -5.77 -26.89 -1.95
CA HIS C 181 -6.93 -26.91 -1.07
C HIS C 181 -7.72 -25.61 -1.18
N THR C 182 -7.02 -24.48 -1.19
CA THR C 182 -7.69 -23.20 -1.34
C THR C 182 -8.39 -23.08 -2.69
N LEU C 183 -7.72 -23.52 -3.76
CA LEU C 183 -8.32 -23.47 -5.09
C LEU C 183 -9.54 -24.37 -5.17
N SER C 184 -9.46 -25.57 -4.60
CA SER C 184 -10.60 -26.47 -4.60
C SER C 184 -11.74 -25.95 -3.73
N TRP C 185 -11.44 -25.18 -2.68
CA TRP C 185 -12.50 -24.55 -1.91
C TRP C 185 -13.29 -23.55 -2.75
N VAL C 186 -12.59 -22.73 -3.54
CA VAL C 186 -13.27 -21.81 -4.45
C VAL C 186 -14.05 -22.58 -5.51
N LEU C 187 -13.45 -23.66 -6.01
CA LEU C 187 -14.14 -24.53 -6.96
C LEU C 187 -15.46 -25.01 -6.39
N ASN C 188 -15.44 -25.54 -5.17
CA ASN C 188 -16.64 -26.08 -4.54
C ASN C 188 -17.66 -24.98 -4.25
N LEU C 189 -17.18 -23.81 -3.79
CA LEU C 189 -18.10 -22.72 -3.50
C LEU C 189 -18.82 -22.24 -4.75
N PHE C 190 -18.08 -22.11 -5.86
CA PHE C 190 -18.72 -21.68 -7.10
C PHE C 190 -19.67 -22.75 -7.63
N GLY C 191 -19.29 -24.02 -7.53
CA GLY C 191 -20.21 -25.09 -7.91
C GLY C 191 -21.47 -25.09 -7.07
N ILE C 192 -21.36 -24.76 -5.78
CA ILE C 192 -22.53 -24.65 -4.92
C ILE C 192 -23.40 -23.48 -5.34
N PHE C 193 -22.79 -22.32 -5.57
CA PHE C 193 -23.57 -21.12 -5.88
C PHE C 193 -24.28 -21.23 -7.22
N PHE C 194 -23.63 -21.86 -8.21
CA PHE C 194 -24.20 -21.88 -9.55
C PHE C 194 -25.41 -22.81 -9.64
N ILE C 195 -25.45 -23.87 -8.82
CA ILE C 195 -26.65 -24.71 -8.78
C ILE C 195 -27.83 -23.92 -8.23
N LEU C 196 -27.61 -23.17 -7.15
CA LEU C 196 -28.69 -22.36 -6.59
C LEU C 196 -29.14 -21.27 -7.55
N ALA C 197 -28.18 -20.63 -8.23
CA ALA C 197 -28.52 -19.57 -9.16
C ALA C 197 -29.22 -20.08 -10.42
N ALA C 198 -29.17 -21.38 -10.67
CA ALA C 198 -29.83 -21.98 -11.82
C ALA C 198 -31.26 -22.41 -11.54
N HIS C 199 -31.77 -22.13 -10.34
CA HIS C 199 -33.13 -22.52 -9.94
C HIS C 199 -33.34 -24.02 -10.11
N GLU C 200 -32.34 -24.79 -9.72
CA GLU C 200 -32.39 -26.25 -9.85
C GLU C 200 -32.76 -26.96 -8.56
N HIS C 201 -32.47 -26.36 -7.41
CA HIS C 201 -32.76 -26.99 -6.13
C HIS C 201 -33.03 -25.91 -5.09
N TYR C 202 -33.76 -26.29 -4.04
CA TYR C 202 -34.06 -25.35 -2.97
C TYR C 202 -32.81 -25.08 -2.14
N SER C 203 -32.85 -23.97 -1.39
CA SER C 203 -31.69 -23.56 -0.61
C SER C 203 -31.37 -24.51 0.53
N ILE C 204 -32.36 -25.21 1.08
CA ILE C 204 -32.11 -26.16 2.15
C ILE C 204 -31.61 -27.50 1.62
N ASP C 205 -31.74 -27.76 0.32
CA ASP C 205 -31.21 -29.00 -0.24
C ASP C 205 -29.69 -28.99 -0.24
N VAL C 206 -29.08 -27.89 -0.65
CA VAL C 206 -27.62 -27.81 -0.76
C VAL C 206 -26.97 -27.89 0.62
N PHE C 207 -27.55 -27.19 1.60
CA PHE C 207 -26.95 -27.17 2.94
C PHE C 207 -26.91 -28.57 3.56
N ILE C 208 -28.04 -29.29 3.51
CA ILE C 208 -28.09 -30.64 4.07
C ILE C 208 -27.52 -31.69 3.14
N ALA C 209 -27.14 -31.31 1.91
CA ALA C 209 -26.38 -32.21 1.05
C ALA C 209 -24.88 -31.98 1.18
N PHE C 210 -24.47 -30.85 1.74
CA PHE C 210 -23.06 -30.57 1.99
C PHE C 210 -22.64 -31.00 3.39
N TYR C 211 -23.45 -30.67 4.39
CA TYR C 211 -23.12 -31.02 5.77
C TYR C 211 -23.05 -32.54 5.96
N ILE C 212 -23.95 -33.29 5.33
CA ILE C 212 -23.97 -34.73 5.52
C ILE C 212 -22.69 -35.36 4.99
N THR C 213 -22.23 -34.93 3.82
CA THR C 213 -20.99 -35.48 3.28
C THR C 213 -19.80 -35.07 4.12
N THR C 214 -19.75 -33.81 4.58
CA THR C 214 -18.64 -33.41 5.44
C THR C 214 -18.59 -34.26 6.71
N ARG C 215 -19.73 -34.44 7.36
CA ARG C 215 -19.78 -35.21 8.60
C ARG C 215 -19.44 -36.68 8.35
N LEU C 216 -20.02 -37.28 7.31
CA LEU C 216 -19.78 -38.69 7.03
C LEU C 216 -18.37 -38.96 6.53
N PHE C 217 -17.66 -37.93 6.06
CA PHE C 217 -16.26 -38.09 5.71
C PHE C 217 -15.38 -37.97 6.95
N LEU C 218 -15.60 -36.94 7.77
CA LEU C 218 -14.79 -36.76 8.96
C LEU C 218 -14.97 -37.91 9.96
N TYR C 219 -16.21 -38.38 10.15
CA TYR C 219 -16.46 -39.49 11.05
C TYR C 219 -15.78 -40.76 10.56
N TYR C 220 -15.88 -41.05 9.26
CA TYR C 220 -15.25 -42.24 8.71
C TYR C 220 -13.74 -42.19 8.87
N HIS C 221 -13.14 -41.02 8.61
CA HIS C 221 -11.70 -40.92 8.74
C HIS C 221 -11.23 -40.99 10.18
N THR C 222 -12.01 -40.43 11.12
CA THR C 222 -11.69 -40.58 12.53
C THR C 222 -11.77 -42.05 12.96
N LEU C 223 -12.80 -42.77 12.49
CA LEU C 223 -12.90 -44.19 12.80
C LEU C 223 -11.72 -44.96 12.24
N ALA C 224 -11.33 -44.66 10.99
CA ALA C 224 -10.22 -45.38 10.38
C ALA C 224 -8.89 -45.06 11.06
N ASN C 225 -8.76 -43.84 11.59
CA ASN C 225 -7.51 -43.43 12.23
C ASN C 225 -7.24 -44.25 13.49
N THR C 226 -8.27 -44.46 14.31
CA THR C 226 -8.10 -45.11 15.61
C THR C 226 -8.43 -46.60 15.60
N ARG C 227 -8.67 -47.19 14.43
CA ARG C 227 -8.91 -48.63 14.26
C ARG C 227 -9.90 -49.17 15.28
N ALA C 228 -10.93 -48.37 15.59
CA ALA C 228 -11.93 -48.74 16.58
C ALA C 228 -12.79 -49.92 16.16
N TYR C 229 -12.75 -50.32 14.89
CA TYR C 229 -13.57 -51.45 14.44
C TYR C 229 -13.15 -52.76 15.10
N GLN C 230 -11.85 -52.98 15.27
CA GLN C 230 -11.35 -54.19 15.91
C GLN C 230 -10.79 -53.96 17.31
N GLN C 231 -10.63 -52.71 17.75
CA GLN C 231 -10.09 -52.45 19.07
C GLN C 231 -11.01 -53.00 20.16
N SER C 232 -12.31 -52.81 20.02
CA SER C 232 -13.30 -53.30 20.98
C SER C 232 -14.67 -53.22 20.31
N ARG C 233 -15.70 -53.57 21.08
CA ARG C 233 -17.09 -53.41 20.63
C ARG C 233 -17.52 -51.97 20.89
N ARG C 234 -16.93 -51.07 20.11
CA ARG C 234 -17.07 -49.64 20.33
C ARG C 234 -18.51 -49.16 20.21
N ALA C 235 -19.08 -49.23 19.01
CA ALA C 235 -20.43 -48.73 18.80
C ALA C 235 -21.27 -49.57 17.86
N ARG C 236 -20.79 -50.74 17.43
CA ARG C 236 -21.45 -51.56 16.42
C ARG C 236 -21.69 -50.73 15.15
N ILE C 237 -20.56 -50.39 14.51
CA ILE C 237 -20.55 -49.44 13.41
C ILE C 237 -21.59 -49.84 12.36
N TRP C 238 -22.33 -48.84 11.89
CA TRP C 238 -23.45 -49.06 10.98
C TRP C 238 -23.10 -48.87 9.52
N PHE C 239 -21.82 -48.74 9.18
CA PHE C 239 -21.42 -48.62 7.79
C PHE C 239 -21.65 -49.95 7.07
N PRO C 240 -22.37 -49.95 5.95
CA PRO C 240 -22.51 -51.18 5.16
C PRO C 240 -21.14 -51.78 4.83
N MET C 241 -20.91 -53.00 5.31
CA MET C 241 -19.67 -53.73 5.07
C MET C 241 -18.46 -52.90 5.49
N PHE C 242 -18.41 -52.58 6.79
CA PHE C 242 -17.40 -51.68 7.32
C PHE C 242 -16.10 -52.41 7.66
N SER C 243 -16.17 -53.41 8.53
CA SER C 243 -14.96 -54.14 8.92
C SER C 243 -14.41 -55.00 7.80
N PHE C 244 -15.23 -55.34 6.81
CA PHE C 244 -14.77 -56.24 5.74
C PHE C 244 -13.73 -55.56 4.85
N PHE C 245 -14.01 -54.33 4.40
CA PHE C 245 -13.15 -53.70 3.41
C PHE C 245 -11.80 -53.30 4.00
N GLU C 246 -11.79 -52.84 5.25
CA GLU C 246 -10.58 -52.29 5.87
C GLU C 246 -10.08 -53.18 7.00
N CYS C 247 -10.25 -54.49 6.86
CA CYS C 247 -9.71 -55.43 7.85
C CYS C 247 -8.21 -55.61 7.72
N ASN C 248 -7.65 -55.38 6.53
CA ASN C 248 -6.23 -55.54 6.28
C ASN C 248 -5.45 -54.25 6.46
N VAL C 249 -6.10 -53.17 6.89
CA VAL C 249 -5.47 -51.86 7.02
C VAL C 249 -5.33 -51.54 8.50
N ASN C 250 -4.11 -51.22 8.92
CA ASN C 250 -3.81 -50.85 10.29
C ASN C 250 -3.07 -49.52 10.31
N GLY C 251 -3.18 -48.79 11.42
CA GLY C 251 -2.53 -47.51 11.56
C GLY C 251 -3.12 -46.47 10.62
N THR C 252 -2.29 -45.48 10.29
CA THR C 252 -2.66 -44.40 9.39
C THR C 252 -1.90 -44.53 8.08
N VAL C 253 -2.59 -44.27 6.98
CA VAL C 253 -1.97 -44.37 5.66
C VAL C 253 -0.89 -43.30 5.53
N PRO C 254 0.30 -43.64 5.03
CA PRO C 254 1.32 -42.61 4.81
C PRO C 254 1.01 -41.72 3.62
N ASN C 255 1.94 -40.83 3.28
CA ASN C 255 1.69 -39.71 2.39
C ASN C 255 2.68 -39.74 1.24
N GLU C 256 3.65 -40.66 1.31
CA GLU C 256 4.75 -40.72 0.36
C GLU C 256 4.21 -40.95 -1.06
N TYR C 257 4.91 -40.39 -2.05
CA TYR C 257 4.47 -40.38 -3.43
C TYR C 257 5.48 -41.11 -4.30
N CYS C 258 5.00 -41.93 -5.23
CA CYS C 258 5.87 -42.73 -6.07
C CYS C 258 5.32 -42.80 -7.49
N TRP C 259 6.22 -43.05 -8.44
CA TRP C 259 5.85 -43.22 -9.84
C TRP C 259 5.79 -44.71 -10.16
N PRO C 260 4.63 -45.25 -10.54
CA PRO C 260 4.51 -46.70 -10.73
C PRO C 260 5.16 -47.20 -12.02
N PHE C 261 5.16 -46.36 -13.06
CA PHE C 261 5.74 -46.77 -14.34
C PHE C 261 7.25 -46.93 -14.21
N SER C 262 7.79 -47.88 -14.98
CA SER C 262 9.21 -48.22 -14.96
C SER C 262 9.96 -47.57 -16.11
N LYS C 263 9.59 -46.35 -16.48
CA LYS C 263 10.23 -45.61 -17.57
C LYS C 263 10.64 -44.24 -17.03
N PRO C 264 11.77 -44.16 -16.32
CA PRO C 264 12.27 -42.91 -15.74
C PRO C 264 12.67 -41.89 -16.81
N ARG D 1 -15.59 -28.70 43.24
CA ARG D 1 -16.72 -29.59 43.45
C ARG D 1 -17.96 -29.08 42.75
N LEU D 2 -19.02 -29.86 42.78
CA LEU D 2 -20.30 -29.48 42.17
C LEU D 2 -20.96 -28.41 43.03
N ASP D 3 -20.85 -27.16 42.62
CA ASP D 3 -21.41 -26.05 43.38
C ASP D 3 -22.69 -25.61 42.69
N PRO D 4 -23.85 -25.80 43.31
CA PRO D 4 -25.10 -25.33 42.69
C PRO D 4 -25.17 -23.83 42.59
N GLU D 5 -25.16 -23.30 41.36
CA GLU D 5 -25.22 -21.86 41.13
C GLU D 5 -26.68 -21.48 40.93
N TYR D 6 -27.26 -20.81 41.94
CA TYR D 6 -28.67 -20.46 41.91
C TYR D 6 -28.95 -19.18 41.13
N TRP D 7 -27.92 -18.44 40.72
CA TRP D 7 -28.13 -17.19 40.01
C TRP D 7 -27.84 -17.29 38.52
N LYS D 8 -27.10 -18.32 38.08
CA LYS D 8 -26.95 -18.57 36.65
C LYS D 8 -28.18 -19.23 36.05
N THR D 9 -28.88 -20.06 36.84
CA THR D 9 -30.07 -20.73 36.35
C THR D 9 -31.16 -19.74 35.97
N ILE D 10 -31.20 -18.59 36.64
CA ILE D 10 -32.16 -17.54 36.27
C ILE D 10 -31.87 -17.04 34.86
N LEU D 11 -30.59 -16.76 34.56
CA LEU D 11 -30.22 -16.35 33.21
C LEU D 11 -30.55 -17.43 32.19
N SER D 12 -30.27 -18.69 32.53
CA SER D 12 -30.59 -19.79 31.63
C SER D 12 -32.09 -19.87 31.38
N CYS D 13 -32.89 -19.56 32.40
CA CYS D 13 -34.35 -19.63 32.25
C CYS D 13 -34.88 -18.48 31.40
N ILE D 14 -34.29 -17.30 31.53
CA ILE D 14 -34.70 -16.20 30.65
C ILE D 14 -34.25 -16.46 29.22
N TYR D 15 -33.15 -17.20 29.04
CA TYR D 15 -32.63 -17.46 27.70
C TYR D 15 -33.65 -18.24 26.86
N VAL D 16 -34.14 -19.35 27.39
CA VAL D 16 -35.09 -20.17 26.63
C VAL D 16 -36.36 -19.40 26.36
N PHE D 17 -36.79 -18.56 27.31
CA PHE D 17 -38.03 -17.81 27.13
C PHE D 17 -37.89 -16.75 26.04
N ILE D 18 -36.78 -16.01 26.02
CA ILE D 18 -36.60 -15.00 24.98
C ILE D 18 -36.44 -15.68 23.62
N VAL D 19 -35.80 -16.86 23.59
CA VAL D 19 -35.68 -17.59 22.34
C VAL D 19 -37.05 -18.05 21.85
N PHE D 20 -37.91 -18.50 22.77
CA PHE D 20 -39.27 -18.87 22.41
C PHE D 20 -40.02 -17.68 21.84
N GLY D 21 -39.87 -16.52 22.47
CA GLY D 21 -40.51 -15.32 21.95
C GLY D 21 -40.02 -14.94 20.56
N PHE D 22 -38.71 -15.05 20.33
CA PHE D 22 -38.16 -14.73 19.02
C PHE D 22 -38.67 -15.72 17.96
N THR D 23 -38.75 -17.01 18.31
CA THR D 23 -39.29 -17.99 17.38
C THR D 23 -40.75 -17.71 17.07
N SER D 24 -41.53 -17.32 18.08
CA SER D 24 -42.92 -16.97 17.84
C SER D 24 -43.05 -15.76 16.94
N PHE D 25 -42.18 -14.76 17.13
CA PHE D 25 -42.18 -13.59 16.27
C PHE D 25 -41.83 -13.96 14.83
N ILE D 26 -40.84 -14.84 14.65
CA ILE D 26 -40.46 -15.26 13.31
C ILE D 26 -41.56 -16.05 12.65
N MET D 27 -42.32 -16.84 13.42
CA MET D 27 -43.36 -17.69 12.85
C MET D 27 -44.40 -16.87 12.09
N VAL D 28 -44.83 -15.74 12.65
CA VAL D 28 -45.87 -14.95 12.00
C VAL D 28 -45.35 -14.29 10.72
N ILE D 29 -44.05 -14.01 10.65
CA ILE D 29 -43.49 -13.37 9.47
C ILE D 29 -43.53 -14.32 8.27
N VAL D 30 -43.27 -15.60 8.51
CA VAL D 30 -43.28 -16.58 7.42
C VAL D 30 -44.68 -16.72 6.83
N HIS D 31 -45.70 -16.66 7.69
CA HIS D 31 -47.08 -16.80 7.21
C HIS D 31 -47.49 -15.67 6.28
N GLU D 32 -46.82 -14.52 6.35
CA GLU D 32 -47.15 -13.40 5.48
C GLU D 32 -46.70 -13.62 4.04
N ARG D 33 -45.71 -14.50 3.83
CA ARG D 33 -45.14 -14.68 2.49
C ARG D 33 -46.19 -15.16 1.50
N VAL D 34 -46.74 -16.35 1.73
CA VAL D 34 -47.76 -16.93 0.86
C VAL D 34 -49.13 -16.60 1.42
N PRO D 35 -49.96 -15.85 0.69
CA PRO D 35 -51.24 -15.38 1.26
C PRO D 35 -52.28 -16.49 1.43
N ASP D 36 -52.45 -17.31 0.38
CA ASP D 36 -53.50 -18.32 0.39
C ASP D 36 -53.09 -19.55 1.20
N MET D 37 -52.01 -20.20 0.78
CA MET D 37 -51.29 -21.27 1.49
C MET D 37 -52.18 -22.47 1.77
N GLN D 38 -53.44 -22.45 1.31
CA GLN D 38 -54.37 -23.55 1.52
C GLN D 38 -55.00 -24.03 0.21
N THR D 39 -54.36 -23.73 -0.92
CA THR D 39 -54.86 -24.18 -2.21
C THR D 39 -54.11 -25.38 -2.77
N TYR D 40 -52.91 -25.66 -2.27
CA TYR D 40 -52.15 -26.80 -2.76
C TYR D 40 -52.70 -28.09 -2.16
N PRO D 41 -53.09 -29.06 -3.00
CA PRO D 41 -53.36 -30.41 -2.50
C PRO D 41 -52.08 -31.11 -2.11
N PRO D 42 -52.15 -32.10 -1.22
CA PRO D 42 -50.93 -32.65 -0.61
C PRO D 42 -49.97 -33.26 -1.63
N LEU D 43 -48.68 -33.06 -1.39
CA LEU D 43 -47.63 -33.74 -2.14
C LEU D 43 -47.60 -35.22 -1.73
N PRO D 44 -47.28 -36.11 -2.67
CA PRO D 44 -47.22 -37.54 -2.32
C PRO D 44 -46.17 -37.85 -1.27
N ASP D 45 -46.62 -38.33 -0.12
CA ASP D 45 -45.75 -38.84 0.93
C ASP D 45 -46.15 -40.27 1.23
N ILE D 46 -45.20 -41.21 1.06
CA ILE D 46 -45.52 -42.62 1.19
C ILE D 46 -46.01 -42.97 2.59
N PHE D 47 -45.73 -42.13 3.58
CA PHE D 47 -46.33 -42.24 4.90
C PHE D 47 -47.70 -41.58 4.97
N LEU D 48 -47.90 -40.47 4.25
CA LEU D 48 -49.15 -39.73 4.35
C LEU D 48 -50.29 -40.39 3.56
N ASP D 49 -50.00 -40.90 2.37
CA ASP D 49 -51.07 -41.46 1.55
C ASP D 49 -51.64 -42.76 2.12
N SER D 50 -50.95 -43.40 3.05
CA SER D 50 -51.40 -44.66 3.62
C SER D 50 -52.32 -44.46 4.81
N VAL D 51 -51.88 -43.72 5.83
CA VAL D 51 -52.66 -43.50 7.04
C VAL D 51 -53.70 -42.41 6.78
N PRO D 52 -54.99 -42.71 6.95
CA PRO D 52 -56.00 -41.65 6.83
C PRO D 52 -55.88 -40.64 7.95
N ARG D 53 -56.34 -39.43 7.68
CA ARG D 53 -56.28 -38.35 8.67
C ARG D 53 -57.11 -38.70 9.90
N ILE D 54 -56.53 -38.52 11.08
CA ILE D 54 -57.18 -38.77 12.34
C ILE D 54 -57.35 -37.45 13.08
N PRO D 55 -58.57 -36.99 13.32
CA PRO D 55 -58.76 -35.66 13.93
C PRO D 55 -58.23 -35.54 15.35
N TRP D 56 -58.30 -36.60 16.14
CA TRP D 56 -57.91 -36.55 17.55
C TRP D 56 -56.48 -37.00 17.80
N ALA D 57 -55.70 -37.29 16.75
CA ALA D 57 -54.34 -37.77 16.96
C ALA D 57 -53.44 -36.69 17.55
N PHE D 58 -53.71 -35.42 17.23
CA PHE D 58 -52.83 -34.34 17.65
C PHE D 58 -52.85 -34.17 19.17
N ALA D 59 -54.03 -34.27 19.79
CA ALA D 59 -54.13 -34.04 21.23
C ALA D 59 -53.48 -35.16 22.03
N MET D 60 -53.43 -36.37 21.47
CA MET D 60 -52.80 -37.49 22.17
C MET D 60 -51.30 -37.26 22.31
N THR D 61 -50.65 -36.75 21.25
CA THR D 61 -49.26 -36.32 21.37
C THR D 61 -49.09 -35.32 22.48
N GLU D 62 -50.05 -34.39 22.62
CA GLU D 62 -49.92 -33.36 23.64
C GLU D 62 -50.04 -33.95 25.04
N VAL D 63 -51.01 -34.84 25.27
CA VAL D 63 -51.12 -35.46 26.58
C VAL D 63 -49.88 -36.30 26.86
N CYS D 64 -49.26 -36.86 25.82
CA CYS D 64 -47.97 -37.50 25.99
C CYS D 64 -46.91 -36.51 26.47
N GLY D 65 -46.92 -35.31 25.90
CA GLY D 65 -46.00 -34.28 26.36
C GLY D 65 -46.20 -33.94 27.83
N MET D 66 -47.45 -33.76 28.24
CA MET D 66 -47.72 -33.47 29.66
C MET D 66 -47.32 -34.62 30.57
N ILE D 67 -47.59 -35.88 30.20
CA ILE D 67 -47.23 -36.97 31.11
C ILE D 67 -45.71 -37.10 31.19
N LEU D 68 -45.01 -36.93 30.07
CA LEU D 68 -43.55 -36.96 30.12
C LEU D 68 -43.00 -35.82 30.96
N CYS D 69 -43.61 -34.63 30.87
CA CYS D 69 -43.20 -33.53 31.74
C CYS D 69 -43.44 -33.85 33.20
N TYR D 70 -44.57 -34.51 33.50
CA TYR D 70 -44.84 -34.91 34.88
C TYR D 70 -43.76 -35.84 35.41
N ILE D 71 -43.39 -36.85 34.62
CA ILE D 71 -42.33 -37.76 35.07
C ILE D 71 -41.02 -37.01 35.25
N TRP D 72 -40.70 -36.12 34.30
CA TRP D 72 -39.43 -35.40 34.39
C TRP D 72 -39.35 -34.52 35.63
N LEU D 73 -40.43 -33.77 35.93
CA LEU D 73 -40.46 -32.99 37.16
C LEU D 73 -40.46 -33.88 38.40
N LEU D 74 -41.00 -35.09 38.28
CA LEU D 74 -40.90 -36.03 39.40
C LEU D 74 -39.45 -36.40 39.67
N VAL D 75 -38.67 -36.67 38.62
CA VAL D 75 -37.23 -36.89 38.79
C VAL D 75 -36.55 -35.61 39.25
N LEU D 76 -36.95 -34.47 38.68
CA LEU D 76 -36.34 -33.20 39.02
C LEU D 76 -36.56 -32.83 40.48
N LEU D 77 -37.67 -33.29 41.08
CA LEU D 77 -38.00 -32.90 42.44
C LEU D 77 -37.12 -33.60 43.48
N LEU D 78 -36.68 -34.83 43.19
CA LEU D 78 -35.98 -35.62 44.20
C LEU D 78 -34.52 -35.88 43.81
N HIS D 79 -33.84 -34.86 43.31
CA HIS D 79 -32.43 -34.96 42.95
C HIS D 79 -31.63 -33.90 43.68
N LYS D 80 -30.42 -34.26 44.11
CA LYS D 80 -29.57 -33.33 44.84
C LYS D 80 -29.20 -32.13 43.97
N HIS D 81 -28.67 -32.38 42.78
CA HIS D 81 -28.23 -31.31 41.89
C HIS D 81 -29.32 -30.99 40.86
N ARG D 82 -30.45 -30.53 41.36
CA ARG D 82 -31.54 -30.13 40.49
C ARG D 82 -31.22 -28.88 39.69
N SER D 83 -30.38 -28.00 40.23
CA SER D 83 -30.02 -26.77 39.53
C SER D 83 -29.30 -27.06 38.23
N ILE D 84 -28.37 -28.02 38.23
CA ILE D 84 -27.60 -28.33 37.03
C ILE D 84 -28.51 -28.90 35.94
N LEU D 85 -29.42 -29.81 36.30
CA LEU D 85 -30.33 -30.38 35.32
C LEU D 85 -31.27 -29.32 34.76
N LEU D 86 -31.81 -28.46 35.63
CA LEU D 86 -32.70 -27.40 35.16
C LEU D 86 -31.96 -26.40 34.26
N ARG D 87 -30.68 -26.15 34.56
CA ARG D 87 -29.87 -25.28 33.71
C ARG D 87 -29.60 -25.92 32.35
N ARG D 88 -29.27 -27.21 32.34
CA ARG D 88 -28.99 -27.91 31.09
C ARG D 88 -30.21 -28.01 30.19
N LEU D 89 -31.39 -28.26 30.76
CA LEU D 89 -32.61 -28.27 29.96
C LEU D 89 -32.77 -26.97 29.17
N CYS D 90 -32.69 -25.82 29.85
CA CYS D 90 -32.84 -24.55 29.17
C CYS D 90 -31.69 -24.29 28.19
N SER D 91 -30.45 -24.58 28.60
CA SER D 91 -29.30 -24.32 27.76
C SER D 91 -29.28 -25.16 26.49
N LEU D 92 -29.89 -26.35 26.51
CA LEU D 92 -29.97 -27.19 25.33
C LEU D 92 -31.25 -26.98 24.53
N MET D 93 -32.31 -26.44 25.14
CA MET D 93 -33.48 -26.05 24.38
C MET D 93 -33.33 -24.67 23.74
N GLY D 94 -32.34 -23.89 24.17
CA GLY D 94 -32.13 -22.57 23.60
C GLY D 94 -31.33 -22.52 22.31
N THR D 95 -30.92 -23.66 21.76
CA THR D 95 -30.15 -23.71 20.53
C THR D 95 -30.86 -24.42 19.40
N VAL D 96 -31.56 -25.52 19.70
CA VAL D 96 -32.33 -26.21 18.68
C VAL D 96 -33.38 -25.29 18.08
N PHE D 97 -33.98 -24.44 18.91
CA PHE D 97 -35.00 -23.52 18.41
C PHE D 97 -34.38 -22.39 17.59
N LEU D 98 -33.15 -21.97 17.91
CA LEU D 98 -32.46 -21.02 17.05
C LEU D 98 -32.17 -21.63 15.68
N LEU D 99 -31.75 -22.90 15.66
CA LEU D 99 -31.58 -23.60 14.38
C LEU D 99 -32.90 -23.71 13.65
N ARG D 100 -34.00 -23.95 14.37
CA ARG D 100 -35.32 -23.96 13.77
C ARG D 100 -35.66 -22.61 13.13
N CYS D 101 -35.35 -21.52 13.81
CA CYS D 101 -35.59 -20.19 13.26
C CYS D 101 -34.78 -19.96 11.99
N PHE D 102 -33.51 -20.39 12.00
CA PHE D 102 -32.68 -20.22 10.80
C PHE D 102 -33.25 -21.03 9.64
N THR D 103 -33.64 -22.28 9.89
CA THR D 103 -34.22 -23.10 8.83
C THR D 103 -35.54 -22.52 8.35
N MET D 104 -36.31 -21.91 9.24
CA MET D 104 -37.55 -21.26 8.86
C MET D 104 -37.30 -20.07 7.95
N PHE D 105 -36.31 -19.25 8.28
CA PHE D 105 -36.02 -18.08 7.45
C PHE D 105 -35.48 -18.50 6.10
N VAL D 106 -34.65 -19.55 6.06
CA VAL D 106 -34.04 -19.96 4.79
C VAL D 106 -35.12 -20.46 3.82
N THR D 107 -36.01 -21.32 4.30
CA THR D 107 -37.06 -21.88 3.45
C THR D 107 -38.29 -22.18 4.30
N SER D 108 -39.43 -22.27 3.62
CA SER D 108 -40.71 -22.55 4.27
C SER D 108 -41.35 -23.75 3.60
N LEU D 109 -41.82 -24.70 4.41
CA LEU D 109 -42.47 -25.90 3.91
C LEU D 109 -43.59 -26.27 4.88
N SER D 110 -44.83 -25.91 4.53
CA SER D 110 -46.01 -26.24 5.30
C SER D 110 -46.64 -27.51 4.73
N VAL D 111 -47.63 -28.04 5.45
CA VAL D 111 -48.35 -29.23 5.02
C VAL D 111 -49.58 -28.77 4.24
N PRO D 112 -49.68 -29.09 2.95
CA PRO D 112 -50.63 -28.40 2.07
C PRO D 112 -52.07 -28.88 2.09
N GLY D 113 -52.91 -28.33 2.96
CA GLY D 113 -54.34 -28.55 2.82
C GLY D 113 -55.17 -28.66 4.08
N GLN D 114 -54.51 -28.73 5.23
CA GLN D 114 -55.20 -28.91 6.50
C GLN D 114 -55.35 -27.58 7.22
N HIS D 115 -56.34 -27.52 8.12
CA HIS D 115 -56.71 -26.28 8.81
C HIS D 115 -57.05 -25.18 7.82
N LEU D 116 -57.88 -25.52 6.82
CA LEU D 116 -58.25 -24.55 5.79
C LEU D 116 -59.18 -23.47 6.32
N GLN D 117 -59.80 -23.69 7.48
CA GLN D 117 -60.56 -22.64 8.16
C GLN D 117 -59.64 -21.73 8.96
N CYS D 118 -58.35 -21.72 8.66
CA CYS D 118 -57.39 -20.80 9.25
C CYS D 118 -57.89 -19.37 9.14
N THR D 119 -58.19 -18.76 10.29
CA THR D 119 -58.74 -17.42 10.34
C THR D 119 -57.62 -16.41 10.55
N GLY D 120 -57.98 -15.13 10.63
CA GLY D 120 -56.99 -14.09 10.78
C GLY D 120 -56.44 -13.60 9.46
N LYS D 121 -55.15 -13.87 9.22
CA LYS D 121 -54.46 -13.57 7.97
C LYS D 121 -54.51 -12.09 7.60
N ILE D 122 -53.92 -11.74 6.44
CA ILE D 122 -53.80 -10.39 5.91
C ILE D 122 -53.55 -9.36 7.02
N TYR D 123 -52.49 -9.57 7.78
CA TYR D 123 -52.12 -8.65 8.87
C TYR D 123 -51.24 -7.54 8.28
N GLY D 124 -51.88 -6.45 7.87
CA GLY D 124 -51.12 -5.28 7.42
C GLY D 124 -50.93 -4.27 8.53
N SER D 125 -49.78 -4.32 9.20
CA SER D 125 -49.50 -3.43 10.32
C SER D 125 -48.07 -3.61 10.83
N VAL D 126 -47.66 -2.76 11.77
CA VAL D 126 -46.38 -2.90 12.46
C VAL D 126 -46.55 -3.03 13.96
N TRP D 127 -47.79 -3.11 14.45
CA TRP D 127 -48.07 -3.29 15.87
C TRP D 127 -48.92 -4.51 16.17
N GLU D 128 -49.93 -4.78 15.34
CA GLU D 128 -50.82 -5.92 15.59
C GLU D 128 -50.08 -7.25 15.46
N LYS D 129 -49.09 -7.33 14.58
CA LYS D 129 -48.29 -8.55 14.47
C LYS D 129 -47.64 -8.90 15.80
N LEU D 130 -47.24 -7.88 16.57
CA LEU D 130 -46.71 -8.14 17.90
C LEU D 130 -47.77 -8.77 18.79
N HIS D 131 -49.02 -8.28 18.72
CA HIS D 131 -50.10 -8.87 19.50
C HIS D 131 -50.33 -10.32 19.11
N ARG D 132 -50.31 -10.61 17.81
CA ARG D 132 -50.36 -12.00 17.37
C ARG D 132 -49.19 -12.80 17.92
N ALA D 133 -48.04 -12.15 18.10
CA ALA D 133 -46.89 -12.84 18.67
C ALA D 133 -47.14 -13.23 20.12
N PHE D 134 -47.61 -12.29 20.96
CA PHE D 134 -47.93 -12.69 22.33
C PHE D 134 -49.05 -13.71 22.36
N ALA D 135 -49.95 -13.66 21.38
CA ALA D 135 -50.97 -14.71 21.28
C ALA D 135 -50.32 -16.07 21.05
N ILE D 136 -49.35 -16.14 20.14
CA ILE D 136 -48.62 -17.38 19.90
C ILE D 136 -47.71 -17.70 21.08
N TRP D 137 -47.00 -16.68 21.58
CA TRP D 137 -46.01 -16.90 22.62
C TRP D 137 -46.65 -17.35 23.92
N SER D 138 -47.67 -16.63 24.38
CA SER D 138 -48.32 -16.94 25.66
C SER D 138 -49.47 -17.92 25.49
N GLY D 139 -49.21 -18.99 24.74
CA GLY D 139 -50.15 -20.08 24.64
C GLY D 139 -49.43 -21.42 24.60
N PHE D 140 -48.10 -21.35 24.66
CA PHE D 140 -47.19 -22.51 24.66
C PHE D 140 -47.36 -23.40 23.45
N GLY D 141 -48.17 -23.01 22.47
CA GLY D 141 -48.35 -23.77 21.25
C GLY D 141 -49.36 -24.89 21.32
N MET D 142 -49.90 -25.19 22.50
CA MET D 142 -50.89 -26.26 22.61
C MET D 142 -52.20 -25.87 21.93
N THR D 143 -52.89 -26.90 21.42
CA THR D 143 -54.25 -26.73 20.93
C THR D 143 -55.29 -26.88 22.05
N LEU D 144 -54.88 -27.39 23.21
CA LEU D 144 -55.80 -27.45 24.35
C LEU D 144 -56.20 -26.05 24.80
N THR D 145 -55.21 -25.16 24.92
CA THR D 145 -55.46 -23.73 25.04
C THR D 145 -55.30 -23.18 23.64
N GLY D 146 -56.41 -23.11 22.90
CA GLY D 146 -56.35 -22.94 21.46
C GLY D 146 -55.60 -21.71 21.00
N VAL D 147 -54.39 -21.93 20.51
CA VAL D 147 -53.55 -20.89 19.92
C VAL D 147 -53.13 -21.35 18.54
N HIS D 148 -52.66 -22.60 18.45
CA HIS D 148 -52.29 -23.20 17.16
C HIS D 148 -53.59 -23.56 16.44
N THR D 149 -54.03 -22.63 15.59
CA THR D 149 -55.21 -22.86 14.76
C THR D 149 -54.84 -23.17 13.32
N CYS D 150 -53.72 -22.62 12.86
CA CYS D 150 -53.40 -22.63 11.44
C CYS D 150 -52.22 -23.57 11.21
N GLY D 151 -51.77 -23.69 9.95
CA GLY D 151 -50.76 -24.69 9.60
C GLY D 151 -49.40 -24.41 10.21
N ASP D 152 -48.59 -25.48 10.25
CA ASP D 152 -47.24 -25.42 10.81
C ASP D 152 -46.25 -25.92 9.76
N TYR D 153 -45.00 -25.46 9.88
CA TYR D 153 -43.98 -25.65 8.88
C TYR D 153 -43.01 -26.77 9.26
N MET D 154 -41.95 -26.91 8.46
CA MET D 154 -40.88 -27.88 8.65
C MET D 154 -40.27 -27.75 10.04
N PHE D 155 -39.64 -28.84 10.49
CA PHE D 155 -38.88 -28.90 11.74
C PHE D 155 -39.79 -28.65 12.94
N SER D 156 -40.70 -29.61 13.14
CA SER D 156 -41.66 -29.52 14.23
C SER D 156 -40.97 -29.51 15.58
N GLY D 157 -41.41 -28.59 16.45
CA GLY D 157 -40.86 -28.51 17.79
C GLY D 157 -41.42 -29.54 18.75
N HIS D 158 -42.54 -30.17 18.40
CA HIS D 158 -43.12 -31.19 19.28
C HIS D 158 -42.17 -32.37 19.43
N THR D 159 -41.61 -32.86 18.32
CA THR D 159 -40.68 -33.98 18.38
C THR D 159 -39.42 -33.61 19.16
N VAL D 160 -38.93 -32.39 18.96
CA VAL D 160 -37.78 -31.91 19.72
C VAL D 160 -38.09 -31.96 21.21
N VAL D 161 -39.27 -31.46 21.61
CA VAL D 161 -39.64 -31.45 23.01
C VAL D 161 -39.72 -32.86 23.56
N LEU D 162 -40.41 -33.75 22.84
CA LEU D 162 -40.61 -35.12 23.33
C LEU D 162 -39.27 -35.83 23.51
N THR D 163 -38.42 -35.81 22.48
CA THR D 163 -37.18 -36.55 22.56
C THR D 163 -36.19 -35.91 23.53
N MET D 164 -36.23 -34.58 23.67
CA MET D 164 -35.36 -33.91 24.64
C MET D 164 -35.76 -34.27 26.06
N LEU D 165 -37.06 -34.33 26.33
CA LEU D 165 -37.52 -34.79 27.63
C LEU D 165 -37.14 -36.26 27.86
N ASN D 166 -37.31 -37.10 26.84
CA ASN D 166 -37.05 -38.53 27.00
C ASN D 166 -35.58 -38.80 27.28
N PHE D 167 -34.68 -38.12 26.56
CA PHE D 167 -33.25 -38.37 26.76
C PHE D 167 -32.80 -37.95 28.16
N PHE D 168 -33.29 -36.80 28.64
CA PHE D 168 -32.94 -36.37 29.99
C PHE D 168 -33.56 -37.28 31.04
N VAL D 169 -34.76 -37.81 30.77
CA VAL D 169 -35.38 -38.75 31.70
C VAL D 169 -34.57 -40.02 31.80
N THR D 170 -34.14 -40.57 30.65
CA THR D 170 -33.45 -41.85 30.65
C THR D 170 -31.98 -41.71 31.04
N GLU D 171 -31.41 -40.50 30.96
CA GLU D 171 -29.98 -40.35 31.21
C GLU D 171 -29.71 -40.12 32.69
N TYR D 172 -30.63 -39.47 33.41
CA TYR D 172 -30.47 -39.16 34.82
C TYR D 172 -31.14 -40.18 35.72
N THR D 173 -31.16 -41.44 35.29
CA THR D 173 -31.72 -42.54 36.04
C THR D 173 -30.67 -43.64 36.18
N PRO D 174 -30.71 -44.41 37.27
CA PRO D 174 -29.66 -45.40 37.50
C PRO D 174 -29.77 -46.57 36.54
N ARG D 175 -28.65 -47.28 36.39
CA ARG D 175 -28.62 -48.45 35.51
C ARG D 175 -29.14 -49.66 36.27
N SER D 176 -30.32 -49.52 36.88
CA SER D 176 -31.00 -50.64 37.52
C SER D 176 -32.51 -50.53 37.40
N TRP D 177 -33.03 -49.53 36.69
CA TRP D 177 -34.46 -49.28 36.55
C TRP D 177 -34.89 -49.37 35.09
N ASN D 178 -34.43 -50.41 34.40
CA ASN D 178 -34.67 -50.52 32.96
C ASN D 178 -36.08 -51.01 32.66
N PHE D 179 -37.08 -50.36 33.25
CA PHE D 179 -38.48 -50.58 32.91
C PHE D 179 -39.22 -49.28 32.66
N LEU D 180 -38.76 -48.17 33.24
CA LEU D 180 -39.33 -46.88 32.87
C LEU D 180 -38.72 -46.35 31.57
N HIS D 181 -37.48 -46.74 31.28
CA HIS D 181 -36.86 -46.33 30.02
C HIS D 181 -37.63 -46.88 28.82
N THR D 182 -37.98 -48.17 28.87
CA THR D 182 -38.74 -48.76 27.77
C THR D 182 -40.10 -48.08 27.63
N LEU D 183 -40.77 -47.81 28.75
CA LEU D 183 -42.05 -47.12 28.69
C LEU D 183 -41.91 -45.73 28.08
N SER D 184 -40.88 -44.99 28.50
CA SER D 184 -40.67 -43.64 27.98
C SER D 184 -40.41 -43.67 26.47
N TRP D 185 -39.59 -44.62 26.02
CA TRP D 185 -39.40 -44.79 24.58
C TRP D 185 -40.70 -45.12 23.89
N VAL D 186 -41.56 -45.89 24.56
CA VAL D 186 -42.85 -46.26 23.97
C VAL D 186 -43.71 -45.01 23.77
N LEU D 187 -43.82 -44.15 24.79
CA LEU D 187 -44.65 -42.96 24.61
C LEU D 187 -44.03 -41.99 23.60
N ASN D 188 -42.69 -41.91 23.56
CA ASN D 188 -42.04 -41.05 22.58
C ASN D 188 -42.35 -41.51 21.16
N LEU D 189 -42.22 -42.82 20.90
CA LEU D 189 -42.53 -43.36 19.58
C LEU D 189 -44.01 -43.19 19.25
N PHE D 190 -44.89 -43.38 20.24
CA PHE D 190 -46.31 -43.20 20.01
C PHE D 190 -46.63 -41.75 19.65
N GLY D 191 -46.00 -40.80 20.34
CA GLY D 191 -46.21 -39.40 20.00
C GLY D 191 -45.72 -39.06 18.60
N ILE D 192 -44.56 -39.59 18.22
CA ILE D 192 -44.06 -39.36 16.87
C ILE D 192 -45.02 -39.94 15.85
N PHE D 193 -45.48 -41.17 16.07
CA PHE D 193 -46.42 -41.80 15.14
C PHE D 193 -47.73 -41.04 15.04
N PHE D 194 -48.22 -40.52 16.17
CA PHE D 194 -49.49 -39.82 16.16
C PHE D 194 -49.37 -38.43 15.54
N ILE D 195 -48.20 -37.80 15.65
CA ILE D 195 -47.97 -36.56 14.92
C ILE D 195 -47.89 -36.84 13.42
N LEU D 196 -47.34 -38.01 13.06
CA LEU D 196 -47.26 -38.35 11.64
C LEU D 196 -48.64 -38.69 11.08
N ALA D 197 -49.51 -39.31 11.89
CA ALA D 197 -50.83 -39.69 11.43
C ALA D 197 -51.82 -38.53 11.49
N ALA D 198 -51.42 -37.40 12.06
CA ALA D 198 -52.31 -36.24 12.19
C ALA D 198 -52.32 -35.38 10.93
N HIS D 199 -51.57 -35.76 9.90
CA HIS D 199 -51.47 -34.99 8.67
C HIS D 199 -51.00 -33.57 8.94
N GLU D 200 -50.08 -33.42 9.89
CA GLU D 200 -49.59 -32.12 10.32
C GLU D 200 -48.15 -31.85 9.89
N HIS D 201 -47.34 -32.89 9.69
CA HIS D 201 -45.95 -32.69 9.32
C HIS D 201 -45.53 -33.80 8.37
N TYR D 202 -44.50 -33.51 7.59
CA TYR D 202 -43.97 -34.49 6.65
C TYR D 202 -42.93 -35.37 7.34
N SER D 203 -42.59 -36.48 6.68
CA SER D 203 -41.62 -37.41 7.25
C SER D 203 -40.24 -36.77 7.38
N ILE D 204 -39.82 -36.01 6.36
CA ILE D 204 -38.54 -35.34 6.43
C ILE D 204 -38.56 -34.19 7.43
N ASP D 205 -39.75 -33.72 7.80
CA ASP D 205 -39.85 -32.72 8.86
C ASP D 205 -39.48 -33.30 10.21
N VAL D 206 -39.80 -34.57 10.44
CA VAL D 206 -39.56 -35.19 11.74
C VAL D 206 -38.20 -35.90 11.78
N PHE D 207 -37.73 -36.43 10.64
CA PHE D 207 -36.47 -37.17 10.66
C PHE D 207 -35.30 -36.24 11.00
N ILE D 208 -35.20 -35.11 10.28
CA ILE D 208 -34.15 -34.15 10.55
C ILE D 208 -34.28 -33.56 11.95
N ALA D 209 -35.50 -33.25 12.38
CA ALA D 209 -35.72 -32.70 13.71
C ALA D 209 -35.24 -33.65 14.79
N PHE D 210 -35.55 -34.95 14.67
CA PHE D 210 -35.07 -35.94 15.63
C PHE D 210 -33.55 -36.07 15.60
N TYR D 211 -32.96 -36.21 14.41
CA TYR D 211 -31.53 -36.44 14.32
C TYR D 211 -30.74 -35.26 14.87
N ILE D 212 -31.16 -34.03 14.55
CA ILE D 212 -30.38 -32.87 14.97
C ILE D 212 -30.33 -32.77 16.48
N THR D 213 -31.48 -32.91 17.15
CA THR D 213 -31.48 -32.78 18.61
C THR D 213 -30.77 -33.95 19.26
N THR D 214 -30.91 -35.16 18.72
CA THR D 214 -30.18 -36.29 19.29
C THR D 214 -28.67 -36.06 19.21
N ARG D 215 -28.18 -35.65 18.04
CA ARG D 215 -26.75 -35.41 17.87
C ARG D 215 -26.27 -34.28 18.78
N LEU D 216 -27.04 -33.20 18.86
CA LEU D 216 -26.63 -32.07 19.71
C LEU D 216 -26.61 -32.44 21.18
N PHE D 217 -27.61 -33.20 21.65
CA PHE D 217 -27.64 -33.62 23.04
C PHE D 217 -26.46 -34.54 23.36
N LEU D 218 -26.19 -35.50 22.46
CA LEU D 218 -25.05 -36.39 22.67
C LEU D 218 -23.74 -35.62 22.69
N TYR D 219 -23.58 -34.67 21.77
CA TYR D 219 -22.35 -33.87 21.71
C TYR D 219 -22.18 -33.05 22.98
N TYR D 220 -23.26 -32.42 23.45
CA TYR D 220 -23.18 -31.63 24.67
C TYR D 220 -22.80 -32.49 25.87
N HIS D 221 -23.42 -33.66 26.00
CA HIS D 221 -23.09 -34.52 27.14
C HIS D 221 -21.66 -35.05 27.05
N THR D 222 -21.20 -35.42 25.85
CA THR D 222 -19.83 -35.89 25.70
C THR D 222 -18.84 -34.79 26.05
N LEU D 223 -19.10 -33.56 25.59
CA LEU D 223 -18.19 -32.46 25.89
C LEU D 223 -18.20 -32.13 27.38
N ALA D 224 -19.37 -32.19 28.02
CA ALA D 224 -19.45 -31.93 29.45
C ALA D 224 -18.71 -32.99 30.25
N ASN D 225 -18.85 -34.25 29.87
CA ASN D 225 -18.14 -35.32 30.59
C ASN D 225 -16.64 -35.24 30.37
N THR D 226 -16.21 -34.99 29.14
CA THR D 226 -14.80 -34.83 28.82
C THR D 226 -14.19 -33.57 29.43
N ARG D 227 -15.03 -32.57 29.73
CA ARG D 227 -14.61 -31.27 30.26
C ARG D 227 -13.42 -30.71 29.49
N ALA D 228 -13.59 -30.64 28.17
CA ALA D 228 -12.59 -30.05 27.29
C ALA D 228 -12.77 -28.55 27.12
N TYR D 229 -13.76 -27.96 27.79
CA TYR D 229 -13.96 -26.51 27.69
C TYR D 229 -12.79 -25.74 28.29
N GLN D 230 -12.06 -26.34 29.22
CA GLN D 230 -10.91 -25.72 29.85
C GLN D 230 -9.62 -26.54 29.70
N GLN D 231 -9.72 -27.80 29.28
CA GLN D 231 -8.53 -28.63 29.16
C GLN D 231 -7.58 -28.08 28.10
N SER D 232 -8.11 -27.70 26.94
CA SER D 232 -7.32 -27.16 25.84
C SER D 232 -8.28 -26.56 24.82
N ARG D 233 -7.73 -26.13 23.68
CA ARG D 233 -8.53 -25.61 22.57
C ARG D 233 -9.03 -26.79 21.76
N ARG D 234 -10.06 -27.45 22.28
CA ARG D 234 -10.57 -28.69 21.70
C ARG D 234 -11.11 -28.49 20.29
N ALA D 235 -12.16 -27.67 20.15
CA ALA D 235 -12.81 -27.53 18.85
C ALA D 235 -13.33 -26.13 18.56
N ARG D 236 -12.97 -25.12 19.38
CA ARG D 236 -13.50 -23.76 19.22
C ARG D 236 -15.03 -23.77 19.26
N ILE D 237 -15.53 -24.14 20.45
CA ILE D 237 -16.94 -24.46 20.64
C ILE D 237 -17.82 -23.33 20.13
N TRP D 238 -18.88 -23.69 19.42
CA TRP D 238 -19.88 -22.76 18.94
C TRP D 238 -21.19 -22.86 19.71
N PHE D 239 -21.21 -23.60 20.81
CA PHE D 239 -22.42 -23.70 21.63
C PHE D 239 -22.72 -22.34 22.27
N PRO D 240 -23.97 -21.88 22.23
CA PRO D 240 -24.29 -20.58 22.85
C PRO D 240 -24.20 -20.66 24.37
N MET D 241 -23.23 -19.92 24.92
CA MET D 241 -23.03 -19.80 26.36
C MET D 241 -22.86 -21.16 27.01
N PHE D 242 -21.78 -21.83 26.62
CA PHE D 242 -21.46 -23.16 27.12
C PHE D 242 -20.44 -23.11 28.27
N SER D 243 -19.30 -22.46 28.04
CA SER D 243 -18.28 -22.36 29.08
C SER D 243 -18.76 -21.54 30.27
N PHE D 244 -19.60 -20.53 30.02
CA PHE D 244 -20.13 -19.73 31.12
C PHE D 244 -20.99 -20.57 32.05
N PHE D 245 -21.83 -21.44 31.49
CA PHE D 245 -22.73 -22.25 32.32
C PHE D 245 -22.00 -23.42 32.95
N GLU D 246 -21.05 -24.04 32.24
CA GLU D 246 -20.41 -25.26 32.70
C GLU D 246 -18.99 -25.04 33.20
N CYS D 247 -18.67 -23.82 33.68
CA CYS D 247 -17.34 -23.58 34.22
C CYS D 247 -17.16 -24.21 35.60
N ASN D 248 -18.19 -24.14 36.44
CA ASN D 248 -18.09 -24.57 37.83
C ASN D 248 -18.40 -26.06 38.02
N VAL D 249 -18.74 -26.78 36.96
CA VAL D 249 -19.05 -28.21 37.05
C VAL D 249 -17.94 -28.97 36.33
N ASN D 250 -17.36 -29.95 37.03
CA ASN D 250 -16.30 -30.79 36.48
C ASN D 250 -16.69 -32.25 36.58
N GLY D 251 -16.24 -33.05 35.61
CA GLY D 251 -16.52 -34.46 35.63
C GLY D 251 -17.98 -34.76 35.33
N THR D 252 -18.44 -35.91 35.81
CA THR D 252 -19.79 -36.39 35.59
C THR D 252 -20.60 -36.28 36.88
N VAL D 253 -21.80 -35.73 36.78
CA VAL D 253 -22.66 -35.60 37.96
C VAL D 253 -23.16 -36.98 38.37
N PRO D 254 -23.25 -37.27 39.67
CA PRO D 254 -23.78 -38.58 40.10
C PRO D 254 -25.30 -38.63 40.10
N ASN D 255 -25.86 -39.74 40.60
CA ASN D 255 -27.30 -39.90 40.62
C ASN D 255 -27.80 -40.26 42.03
N GLU D 256 -27.33 -39.52 43.03
CA GLU D 256 -27.78 -39.75 44.40
C GLU D 256 -29.12 -39.06 44.63
N TYR D 257 -29.82 -39.47 45.68
CA TYR D 257 -31.14 -38.95 45.99
C TYR D 257 -31.25 -38.61 47.48
N CYS D 258 -32.17 -37.71 47.78
CA CYS D 258 -32.48 -37.33 49.15
C CYS D 258 -33.96 -36.92 49.19
N TRP D 259 -34.36 -36.26 50.27
CA TRP D 259 -35.69 -35.69 50.38
C TRP D 259 -35.59 -34.18 50.42
N PRO D 260 -36.33 -33.46 49.58
CA PRO D 260 -36.13 -31.99 49.51
C PRO D 260 -36.59 -31.27 50.76
N PHE D 261 -37.73 -31.66 51.33
CA PHE D 261 -38.24 -30.98 52.51
C PHE D 261 -37.48 -31.40 53.76
N SER D 262 -37.65 -30.62 54.82
CA SER D 262 -37.02 -30.87 56.11
C SER D 262 -37.92 -31.64 57.07
N LYS D 263 -39.02 -32.21 56.58
CA LYS D 263 -39.98 -32.94 57.40
C LYS D 263 -40.19 -34.31 56.79
N PRO D 264 -39.27 -35.26 57.04
CA PRO D 264 -39.36 -36.62 56.51
C PRO D 264 -40.58 -37.38 57.01
N ARG E 1 54.20 1.07 -2.96
CA ARG E 1 55.12 2.12 -3.35
C ARG E 1 54.53 2.96 -4.50
N LEU E 2 55.33 3.88 -5.02
CA LEU E 2 54.91 4.72 -6.14
C LEU E 2 55.18 3.98 -7.45
N ASP E 3 54.13 3.35 -7.99
CA ASP E 3 54.27 2.57 -9.21
C ASP E 3 53.77 3.37 -10.39
N PRO E 4 54.64 3.78 -11.32
CA PRO E 4 54.17 4.52 -12.51
C PRO E 4 53.28 3.68 -13.40
N GLU E 5 52.01 4.05 -13.51
CA GLU E 5 51.05 3.34 -14.35
C GLU E 5 50.99 4.04 -15.71
N TYR E 6 51.55 3.39 -16.73
CA TYR E 6 51.66 3.99 -18.05
C TYR E 6 50.38 3.84 -18.88
N TRP E 7 49.43 3.00 -18.45
CA TRP E 7 48.22 2.78 -19.22
C TRP E 7 47.01 3.54 -18.67
N LYS E 8 47.04 3.95 -17.41
CA LYS E 8 45.99 4.83 -16.89
C LYS E 8 46.17 6.26 -17.37
N THR E 9 47.42 6.70 -17.54
CA THR E 9 47.67 8.05 -18.01
C THR E 9 47.09 8.27 -19.40
N ILE E 10 47.04 7.21 -20.22
CA ILE E 10 46.41 7.33 -21.53
C ILE E 10 44.92 7.65 -21.37
N LEU E 11 44.24 6.94 -20.46
CA LEU E 11 42.83 7.22 -20.21
C LEU E 11 42.64 8.64 -19.71
N SER E 12 43.51 9.08 -18.79
CA SER E 12 43.41 10.44 -18.28
C SER E 12 43.61 11.46 -19.39
N CYS E 13 44.53 11.18 -20.33
CA CYS E 13 44.80 12.11 -21.41
C CYS E 13 43.65 12.18 -22.39
N ILE E 14 42.97 11.05 -22.63
CA ILE E 14 41.79 11.11 -23.49
C ILE E 14 40.64 11.81 -22.80
N TYR E 15 40.53 11.67 -21.47
CA TYR E 15 39.39 12.24 -20.75
C TYR E 15 39.38 13.76 -20.84
N VAL E 16 40.55 14.38 -20.68
CA VAL E 16 40.63 15.84 -20.75
C VAL E 16 40.28 16.32 -22.15
N PHE E 17 40.65 15.54 -23.19
CA PHE E 17 40.32 15.94 -24.54
C PHE E 17 38.84 15.82 -24.84
N ILE E 18 38.18 14.78 -24.33
CA ILE E 18 36.73 14.71 -24.44
C ILE E 18 36.07 15.88 -23.72
N VAL E 19 36.60 16.25 -22.56
CA VAL E 19 36.05 17.38 -21.82
C VAL E 19 36.22 18.68 -22.63
N PHE E 20 37.39 18.86 -23.23
CA PHE E 20 37.63 20.04 -24.08
C PHE E 20 36.66 20.07 -25.26
N GLY E 21 36.46 18.93 -25.91
CA GLY E 21 35.52 18.88 -27.02
C GLY E 21 34.10 19.19 -26.59
N PHE E 22 33.68 18.67 -25.44
CA PHE E 22 32.34 18.96 -24.93
C PHE E 22 32.19 20.44 -24.62
N THR E 23 33.22 21.05 -24.04
CA THR E 23 33.18 22.48 -23.77
C THR E 23 33.08 23.28 -25.07
N SER E 24 33.85 22.89 -26.08
CA SER E 24 33.78 23.56 -27.37
C SER E 24 32.39 23.43 -27.99
N PHE E 25 31.79 22.25 -27.89
CA PHE E 25 30.44 22.06 -28.39
C PHE E 25 29.44 22.93 -27.65
N ILE E 26 29.57 23.03 -26.32
CA ILE E 26 28.66 23.84 -25.54
C ILE E 26 28.82 25.33 -25.87
N MET E 27 30.05 25.76 -26.17
CA MET E 27 30.28 27.18 -26.42
C MET E 27 29.47 27.69 -27.61
N VAL E 28 29.40 26.90 -28.68
CA VAL E 28 28.67 27.37 -29.87
C VAL E 28 27.17 27.38 -29.62
N ILE E 29 26.67 26.55 -28.70
CA ILE E 29 25.24 26.52 -28.43
C ILE E 29 24.80 27.81 -27.75
N VAL E 30 25.61 28.33 -26.84
CA VAL E 30 25.27 29.57 -26.15
C VAL E 30 25.21 30.73 -27.14
N HIS E 31 26.09 30.74 -28.13
CA HIS E 31 26.08 31.79 -29.16
C HIS E 31 24.79 31.81 -29.96
N GLU E 32 24.07 30.69 -30.04
CA GLU E 32 22.84 30.62 -30.80
C GLU E 32 21.66 31.27 -30.06
N ARG E 33 21.79 31.51 -28.76
CA ARG E 33 20.68 32.02 -27.97
C ARG E 33 20.25 33.41 -28.44
N VAL E 34 21.14 34.38 -28.34
CA VAL E 34 20.86 35.77 -28.71
C VAL E 34 21.69 36.11 -29.94
N PRO E 35 21.07 36.65 -31.00
CA PRO E 35 21.82 36.83 -32.26
C PRO E 35 22.84 37.95 -32.22
N ASP E 36 22.47 39.13 -31.74
CA ASP E 36 23.31 40.31 -31.90
C ASP E 36 24.52 40.28 -30.96
N MET E 37 24.25 40.27 -29.65
CA MET E 37 25.23 40.22 -28.56
C MET E 37 26.25 41.36 -28.66
N GLN E 38 26.03 42.32 -29.56
CA GLN E 38 26.99 43.39 -29.80
C GLN E 38 26.34 44.76 -29.73
N THR E 39 25.15 44.86 -29.16
CA THR E 39 24.42 46.13 -29.05
C THR E 39 24.46 46.72 -27.65
N TYR E 40 24.58 45.89 -26.63
CA TYR E 40 24.57 46.38 -25.27
C TYR E 40 25.82 47.22 -25.00
N PRO E 41 25.72 48.30 -24.24
CA PRO E 41 26.91 49.05 -23.83
C PRO E 41 27.56 48.39 -22.62
N PRO E 42 28.87 48.59 -22.44
CA PRO E 42 29.55 48.04 -21.26
C PRO E 42 28.82 48.30 -19.96
N LEU E 43 28.47 47.21 -19.28
CA LEU E 43 27.96 47.29 -17.92
C LEU E 43 29.06 47.85 -17.01
N PRO E 44 28.72 48.80 -16.12
CA PRO E 44 29.78 49.62 -15.51
C PRO E 44 30.62 48.91 -14.46
N ASP E 45 31.91 48.78 -14.76
CA ASP E 45 32.89 48.17 -13.85
C ASP E 45 33.94 49.22 -13.50
N ILE E 46 34.33 49.25 -12.23
CA ILE E 46 35.33 50.22 -11.78
C ILE E 46 36.71 49.93 -12.39
N PHE E 47 36.97 48.71 -12.84
CA PHE E 47 38.23 48.41 -13.53
C PHE E 47 38.20 48.73 -15.02
N LEU E 48 37.15 48.35 -15.74
CA LEU E 48 37.14 48.55 -17.18
C LEU E 48 37.04 50.03 -17.56
N ASP E 49 36.30 50.82 -16.78
CA ASP E 49 36.15 52.25 -17.07
C ASP E 49 37.42 53.05 -16.84
N SER E 50 38.44 52.46 -16.21
CA SER E 50 39.67 53.17 -15.87
C SER E 50 40.77 53.01 -16.93
N VAL E 51 40.96 51.80 -17.44
CA VAL E 51 42.06 51.51 -18.36
C VAL E 51 41.50 51.50 -19.79
N PRO E 52 41.95 52.39 -20.67
CA PRO E 52 41.57 52.30 -22.08
C PRO E 52 41.83 50.91 -22.65
N ARG E 53 41.08 50.57 -23.70
CA ARG E 53 41.24 49.26 -24.32
C ARG E 53 42.62 49.12 -24.95
N ILE E 54 43.24 47.98 -24.72
CA ILE E 54 44.55 47.66 -25.27
C ILE E 54 44.37 46.51 -26.26
N PRO E 55 44.81 46.65 -27.51
CA PRO E 55 44.64 45.55 -28.46
C PRO E 55 45.86 44.68 -28.70
N TRP E 56 46.87 44.73 -27.84
CA TRP E 56 47.96 43.77 -27.87
C TRP E 56 48.13 43.01 -26.56
N ALA E 57 47.33 43.31 -25.53
CA ALA E 57 47.45 42.58 -24.27
C ALA E 57 47.03 41.12 -24.44
N PHE E 58 46.05 40.86 -25.30
CA PHE E 58 45.58 39.49 -25.50
C PHE E 58 46.68 38.60 -26.06
N ALA E 59 47.54 39.15 -26.92
CA ALA E 59 48.64 38.36 -27.47
C ALA E 59 49.64 37.95 -26.40
N MET E 60 50.11 38.88 -25.58
CA MET E 60 51.08 38.48 -24.57
C MET E 60 50.44 37.75 -23.40
N THR E 61 49.12 37.77 -23.25
CA THR E 61 48.52 36.81 -22.33
C THR E 61 48.89 35.39 -22.75
N GLU E 62 48.69 35.07 -24.03
CA GLU E 62 49.08 33.77 -24.56
C GLU E 62 50.60 33.60 -24.54
N VAL E 63 51.35 34.69 -24.69
CA VAL E 63 52.82 34.58 -24.62
C VAL E 63 53.27 34.12 -23.23
N CYS E 64 52.75 34.75 -22.17
CA CYS E 64 53.09 34.28 -20.83
C CYS E 64 52.55 32.88 -20.56
N GLY E 65 51.38 32.56 -21.13
CA GLY E 65 50.89 31.19 -21.02
C GLY E 65 51.86 30.18 -21.62
N MET E 66 52.37 30.47 -22.82
CA MET E 66 53.32 29.58 -23.47
C MET E 66 54.66 29.55 -22.73
N ILE E 67 55.07 30.68 -22.17
CA ILE E 67 56.29 30.71 -21.37
C ILE E 67 56.17 29.78 -20.17
N LEU E 68 55.06 29.91 -19.42
CA LEU E 68 54.85 29.06 -18.26
C LEU E 68 54.72 27.60 -18.67
N CYS E 69 54.11 27.34 -19.83
CA CYS E 69 54.05 25.97 -20.35
C CYS E 69 55.44 25.43 -20.64
N TYR E 70 56.32 26.26 -21.20
CA TYR E 70 57.70 25.84 -21.43
C TYR E 70 58.39 25.49 -20.13
N ILE E 71 58.24 26.33 -19.09
CA ILE E 71 58.85 26.01 -17.80
C ILE E 71 58.29 24.70 -17.26
N TRP E 72 56.97 24.52 -17.34
CA TRP E 72 56.36 23.33 -16.77
C TRP E 72 56.83 22.06 -17.47
N LEU E 73 56.89 22.09 -18.80
CA LEU E 73 57.42 20.94 -19.54
C LEU E 73 58.90 20.73 -19.24
N LEU E 74 59.62 21.81 -18.92
CA LEU E 74 61.01 21.64 -18.48
C LEU E 74 61.09 20.88 -17.17
N VAL E 75 60.21 21.21 -16.21
CA VAL E 75 60.18 20.46 -14.96
C VAL E 75 59.74 19.02 -15.20
N LEU E 76 58.73 18.82 -16.06
CA LEU E 76 58.22 17.49 -16.32
C LEU E 76 59.25 16.60 -16.98
N LEU E 77 60.19 17.18 -17.72
CA LEU E 77 61.18 16.39 -18.44
C LEU E 77 62.19 15.73 -17.51
N LEU E 78 62.48 16.33 -16.36
CA LEU E 78 63.54 15.83 -15.49
C LEU E 78 63.01 15.42 -14.13
N HIS E 79 61.90 14.70 -14.10
CA HIS E 79 61.32 14.20 -12.85
C HIS E 79 61.14 12.69 -12.95
N LYS E 80 61.34 12.01 -11.81
CA LYS E 80 61.20 10.56 -11.78
C LYS E 80 59.77 10.13 -12.07
N HIS E 81 58.81 10.68 -11.32
CA HIS E 81 57.41 10.30 -11.47
C HIS E 81 56.65 11.32 -12.31
N ARG E 82 57.05 11.42 -13.58
CA ARG E 82 56.36 12.32 -14.51
C ARG E 82 54.94 11.84 -14.83
N SER E 83 54.71 10.52 -14.81
CA SER E 83 53.39 9.98 -15.10
C SER E 83 52.36 10.49 -14.11
N ILE E 84 52.69 10.51 -12.82
CA ILE E 84 51.75 10.96 -11.81
C ILE E 84 51.41 12.43 -12.00
N LEU E 85 52.42 13.27 -12.27
CA LEU E 85 52.16 14.69 -12.49
C LEU E 85 51.26 14.91 -13.69
N LEU E 86 51.55 14.22 -14.81
CA LEU E 86 50.70 14.38 -15.99
C LEU E 86 49.28 13.90 -15.72
N ARG E 87 49.13 12.77 -15.04
CA ARG E 87 47.81 12.24 -14.73
C ARG E 87 47.01 13.20 -13.85
N ARG E 88 47.64 13.74 -12.81
CA ARG E 88 46.95 14.70 -11.94
C ARG E 88 46.56 15.96 -12.69
N LEU E 89 47.46 16.52 -13.51
CA LEU E 89 47.14 17.71 -14.27
C LEU E 89 45.94 17.47 -15.19
N CYS E 90 45.96 16.34 -15.92
CA CYS E 90 44.84 16.03 -16.81
C CYS E 90 43.54 15.82 -16.03
N SER E 91 43.60 15.06 -14.92
CA SER E 91 42.40 14.75 -14.16
C SER E 91 41.79 15.97 -13.47
N LEU E 92 42.58 16.98 -13.14
CA LEU E 92 42.04 18.21 -12.57
C LEU E 92 41.56 19.19 -13.63
N MET E 93 42.27 19.30 -14.76
CA MET E 93 41.80 20.13 -15.85
C MET E 93 40.54 19.56 -16.49
N GLY E 94 40.29 18.26 -16.33
CA GLY E 94 39.05 17.69 -16.83
C GLY E 94 37.84 17.94 -15.96
N THR E 95 38.06 18.35 -14.70
CA THR E 95 36.94 18.66 -13.81
C THR E 95 36.67 20.16 -13.73
N VAL E 96 37.73 20.97 -13.73
CA VAL E 96 37.51 22.42 -13.71
C VAL E 96 36.73 22.85 -14.94
N PHE E 97 37.01 22.25 -16.10
CA PHE E 97 36.29 22.61 -17.30
C PHE E 97 34.88 22.03 -17.34
N LEU E 98 34.62 20.91 -16.65
CA LEU E 98 33.23 20.46 -16.51
C LEU E 98 32.43 21.45 -15.68
N LEU E 99 33.02 21.98 -14.60
CA LEU E 99 32.35 23.05 -13.86
C LEU E 99 32.15 24.28 -14.74
N ARG E 100 33.15 24.60 -15.58
CA ARG E 100 32.97 25.67 -16.56
C ARG E 100 31.76 25.43 -17.44
N CYS E 101 31.61 24.20 -17.96
CA CYS E 101 30.49 23.89 -18.83
C CYS E 101 29.15 24.04 -18.11
N PHE E 102 29.07 23.57 -16.86
CA PHE E 102 27.83 23.70 -16.12
C PHE E 102 27.47 25.16 -15.89
N THR E 103 28.44 25.96 -15.42
CA THR E 103 28.17 27.38 -15.17
C THR E 103 27.87 28.10 -16.49
N MET E 104 28.43 27.62 -17.59
CA MET E 104 28.11 28.15 -18.91
C MET E 104 26.67 27.89 -19.31
N PHE E 105 26.19 26.67 -19.07
CA PHE E 105 24.83 26.32 -19.47
C PHE E 105 23.82 27.03 -18.58
N VAL E 106 24.14 27.21 -17.30
CA VAL E 106 23.18 27.81 -16.38
C VAL E 106 22.91 29.27 -16.75
N THR E 107 23.96 30.04 -16.99
CA THR E 107 23.81 31.45 -17.34
C THR E 107 24.93 31.86 -18.28
N SER E 108 24.69 32.92 -19.05
CA SER E 108 25.64 33.44 -20.02
C SER E 108 25.92 34.90 -19.72
N LEU E 109 27.20 35.28 -19.75
CA LEU E 109 27.61 36.66 -19.50
C LEU E 109 28.82 36.96 -20.37
N SER E 110 28.62 37.75 -21.42
CA SER E 110 29.67 38.19 -22.32
C SER E 110 29.95 39.67 -22.11
N VAL E 111 31.03 40.14 -22.72
CA VAL E 111 31.43 41.55 -22.62
C VAL E 111 30.83 42.29 -23.81
N PRO E 112 29.96 43.26 -23.58
CA PRO E 112 29.10 43.79 -24.65
C PRO E 112 29.73 44.85 -25.56
N GLY E 113 30.42 44.44 -26.62
CA GLY E 113 30.74 45.41 -27.66
C GLY E 113 32.03 45.23 -28.44
N GLN E 114 32.99 44.49 -27.90
CA GLN E 114 34.23 44.25 -28.62
C GLN E 114 34.03 43.14 -29.65
N HIS E 115 34.97 43.04 -30.59
CA HIS E 115 34.85 42.12 -31.72
C HIS E 115 33.57 42.39 -32.51
N LEU E 116 33.35 43.66 -32.87
CA LEU E 116 32.16 44.04 -33.61
C LEU E 116 32.07 43.35 -34.97
N GLN E 117 33.20 42.96 -35.55
CA GLN E 117 33.26 42.56 -36.95
C GLN E 117 33.51 41.07 -37.16
N CYS E 118 33.31 40.23 -36.14
CA CYS E 118 33.53 38.81 -36.34
C CYS E 118 32.46 38.25 -37.28
N THR E 119 32.87 37.37 -38.18
CA THR E 119 31.96 36.82 -39.18
C THR E 119 31.26 35.59 -38.62
N GLY E 120 30.36 35.00 -39.42
CA GLY E 120 29.65 33.81 -39.02
C GLY E 120 28.22 34.05 -38.60
N LYS E 121 27.85 33.54 -37.41
CA LYS E 121 26.50 33.65 -36.86
C LYS E 121 25.46 33.01 -37.78
N ILE E 122 24.19 33.15 -37.42
CA ILE E 122 23.03 32.57 -38.10
C ILE E 122 23.34 31.18 -38.66
N TYR E 123 23.75 30.27 -37.79
CA TYR E 123 24.02 28.89 -38.18
C TYR E 123 22.73 28.08 -38.02
N GLY E 124 21.95 28.01 -39.10
CA GLY E 124 20.78 27.15 -39.09
C GLY E 124 21.06 25.80 -39.69
N SER E 125 21.38 24.81 -38.84
CA SER E 125 21.74 23.47 -39.30
C SER E 125 21.94 22.53 -38.13
N VAL E 126 22.17 21.25 -38.42
CA VAL E 126 22.52 20.25 -37.41
C VAL E 126 23.84 19.57 -37.70
N TRP E 127 24.57 20.01 -38.73
CA TRP E 127 25.86 19.44 -39.09
C TRP E 127 26.97 20.47 -39.14
N GLU E 128 26.70 21.70 -39.61
CA GLU E 128 27.74 22.72 -39.71
C GLU E 128 28.23 23.14 -38.33
N LYS E 129 27.35 23.13 -37.32
CA LYS E 129 27.78 23.46 -35.96
C LYS E 129 28.86 22.51 -35.48
N LEU E 130 28.81 21.25 -35.91
CA LEU E 130 29.89 20.32 -35.58
C LEU E 130 31.21 20.78 -36.18
N HIS E 131 31.19 21.24 -37.43
CA HIS E 131 32.42 21.75 -38.04
C HIS E 131 32.92 23.00 -37.31
N ARG E 132 31.99 23.87 -36.88
CA ARG E 132 32.39 25.02 -36.08
C ARG E 132 33.04 24.58 -34.78
N ALA E 133 32.49 23.54 -34.14
CA ALA E 133 33.07 23.02 -32.91
C ALA E 133 34.47 22.46 -33.15
N PHE E 134 34.66 21.73 -34.25
CA PHE E 134 36.00 21.24 -34.60
C PHE E 134 36.96 22.39 -34.82
N ALA E 135 36.50 23.46 -35.46
CA ALA E 135 37.34 24.64 -35.61
C ALA E 135 37.71 25.24 -34.26
N ILE E 136 36.74 25.34 -33.35
CA ILE E 136 37.00 25.82 -32.00
C ILE E 136 37.91 24.85 -31.26
N TRP E 137 37.62 23.55 -31.37
CA TRP E 137 38.39 22.54 -30.65
C TRP E 137 39.84 22.52 -31.10
N SER E 138 40.08 22.42 -32.40
CA SER E 138 41.45 22.30 -32.91
C SER E 138 42.05 23.67 -33.23
N GLY E 139 41.92 24.60 -32.29
CA GLY E 139 42.63 25.86 -32.37
C GLY E 139 43.16 26.27 -31.01
N PHE E 140 42.78 25.49 -29.99
CA PHE E 140 43.19 25.67 -28.60
C PHE E 140 42.78 27.02 -28.02
N GLY E 141 42.03 27.83 -28.76
CA GLY E 141 41.48 29.07 -28.25
C GLY E 141 42.39 30.28 -28.39
N MET E 142 43.67 30.08 -28.68
CA MET E 142 44.58 31.21 -28.80
C MET E 142 44.24 32.06 -30.02
N THR E 143 44.53 33.36 -29.91
CA THR E 143 44.35 34.27 -31.04
C THR E 143 45.52 34.25 -32.01
N LEU E 144 46.65 33.63 -31.62
CA LEU E 144 47.76 33.48 -32.55
C LEU E 144 47.36 32.63 -33.75
N THR E 145 46.68 31.51 -33.49
CA THR E 145 46.02 30.72 -34.52
C THR E 145 44.55 31.13 -34.49
N GLY E 146 44.20 32.11 -35.31
CA GLY E 146 42.91 32.77 -35.19
C GLY E 146 41.73 31.85 -35.30
N VAL E 147 41.10 31.57 -34.16
CA VAL E 147 39.88 30.79 -34.08
C VAL E 147 38.85 31.58 -33.29
N HIS E 148 39.28 32.11 -32.15
CA HIS E 148 38.44 32.95 -31.29
C HIS E 148 38.29 34.31 -31.98
N THR E 149 37.14 34.49 -32.63
CA THR E 149 36.89 35.71 -33.40
C THR E 149 35.87 36.61 -32.73
N CYS E 150 34.71 36.08 -32.37
CA CYS E 150 33.76 36.80 -31.53
C CYS E 150 34.20 36.70 -30.07
N GLY E 151 33.42 37.29 -29.16
CA GLY E 151 33.83 37.41 -27.78
C GLY E 151 33.74 36.11 -27.00
N ASP E 152 34.12 36.20 -25.73
CA ASP E 152 34.12 35.08 -24.80
C ASP E 152 33.25 35.42 -23.60
N TYR E 153 32.80 34.39 -22.91
CA TYR E 153 31.85 34.54 -21.82
C TYR E 153 32.57 34.52 -20.47
N MET E 154 31.80 34.47 -19.39
CA MET E 154 32.32 34.53 -18.04
C MET E 154 33.01 33.21 -17.69
N PHE E 155 33.75 33.21 -16.57
CA PHE E 155 34.56 32.08 -16.13
C PHE E 155 35.62 31.74 -17.18
N SER E 156 36.50 32.70 -17.40
CA SER E 156 37.54 32.57 -18.41
C SER E 156 38.48 31.42 -18.09
N GLY E 157 38.84 30.67 -19.12
CA GLY E 157 39.78 29.56 -18.97
C GLY E 157 41.24 29.95 -19.04
N HIS E 158 41.55 31.14 -19.54
CA HIS E 158 42.94 31.59 -19.57
C HIS E 158 43.53 31.67 -18.18
N THR E 159 42.84 32.36 -17.25
CA THR E 159 43.34 32.45 -15.88
C THR E 159 43.34 31.10 -15.18
N VAL E 160 42.37 30.23 -15.52
CA VAL E 160 42.36 28.88 -14.96
C VAL E 160 43.64 28.15 -15.35
N VAL E 161 43.98 28.20 -16.64
CA VAL E 161 45.19 27.54 -17.12
C VAL E 161 46.43 28.13 -16.47
N LEU E 162 46.50 29.47 -16.40
CA LEU E 162 47.67 30.12 -15.81
C LEU E 162 47.86 29.70 -14.36
N THR E 163 46.80 29.81 -13.55
CA THR E 163 46.92 29.50 -12.13
C THR E 163 47.18 28.01 -11.90
N MET E 164 46.52 27.15 -12.69
CA MET E 164 46.71 25.71 -12.53
C MET E 164 48.14 25.31 -12.85
N LEU E 165 48.71 25.88 -13.92
CA LEU E 165 50.09 25.58 -14.25
C LEU E 165 51.06 26.16 -13.22
N ASN E 166 50.77 27.36 -12.73
CA ASN E 166 51.65 28.01 -11.76
C ASN E 166 51.71 27.22 -10.45
N PHE E 167 50.55 26.74 -9.98
CA PHE E 167 50.53 26.00 -8.72
C PHE E 167 51.26 24.67 -8.86
N PHE E 168 51.13 24.01 -10.02
CA PHE E 168 51.88 22.77 -10.24
C PHE E 168 53.37 23.05 -10.33
N VAL E 169 53.76 24.15 -10.96
CA VAL E 169 55.18 24.49 -11.05
C VAL E 169 55.75 24.76 -9.66
N THR E 170 55.04 25.52 -8.84
CA THR E 170 55.54 25.88 -7.52
C THR E 170 55.50 24.71 -6.55
N GLU E 171 54.49 23.84 -6.64
CA GLU E 171 54.31 22.79 -5.66
C GLU E 171 55.37 21.71 -5.78
N TYR E 172 55.75 21.36 -7.00
CA TYR E 172 56.63 20.22 -7.25
C TYR E 172 58.09 20.64 -7.31
N THR E 173 58.44 21.72 -6.61
CA THR E 173 59.82 22.13 -6.42
C THR E 173 60.11 22.22 -4.94
N PRO E 174 61.27 21.72 -4.51
CA PRO E 174 61.62 21.81 -3.08
C PRO E 174 61.79 23.26 -2.64
N ARG E 175 61.68 23.46 -1.33
CA ARG E 175 61.59 24.80 -0.75
C ARG E 175 62.95 25.47 -0.62
N SER E 176 63.72 25.50 -1.70
CA SER E 176 65.03 26.16 -1.70
C SER E 176 65.30 27.00 -2.93
N TRP E 177 64.38 27.05 -3.90
CA TRP E 177 64.54 27.82 -5.13
C TRP E 177 63.61 29.02 -5.18
N ASN E 178 63.48 29.75 -4.07
CA ASN E 178 62.48 30.82 -4.02
C ASN E 178 62.94 32.04 -4.82
N PHE E 179 63.29 31.82 -6.08
CA PHE E 179 63.52 32.86 -7.08
C PHE E 179 62.73 32.60 -8.35
N LEU E 180 62.58 31.34 -8.75
CA LEU E 180 61.73 31.02 -9.90
C LEU E 180 60.25 31.14 -9.54
N HIS E 181 59.91 30.88 -8.27
CA HIS E 181 58.52 31.05 -7.84
C HIS E 181 58.07 32.49 -7.99
N THR E 182 58.94 33.45 -7.66
CA THR E 182 58.60 34.85 -7.84
C THR E 182 58.34 35.17 -9.30
N LEU E 183 59.17 34.64 -10.20
CA LEU E 183 58.95 34.86 -11.63
C LEU E 183 57.63 34.25 -12.09
N SER E 184 57.32 33.04 -11.62
CA SER E 184 56.05 32.41 -12.01
C SER E 184 54.87 33.23 -11.52
N TRP E 185 54.89 33.66 -10.26
CA TRP E 185 53.79 34.44 -9.73
C TRP E 185 53.65 35.79 -10.43
N VAL E 186 54.76 36.46 -10.72
CA VAL E 186 54.67 37.76 -11.38
C VAL E 186 54.19 37.60 -12.81
N LEU E 187 54.58 36.53 -13.50
CA LEU E 187 54.08 36.33 -14.85
C LEU E 187 52.59 35.99 -14.84
N ASN E 188 52.14 35.22 -13.85
CA ASN E 188 50.72 34.95 -13.70
C ASN E 188 49.93 36.24 -13.46
N LEU E 189 50.45 37.09 -12.57
CA LEU E 189 49.78 38.36 -12.30
C LEU E 189 49.75 39.25 -13.54
N PHE E 190 50.86 39.30 -14.29
CA PHE E 190 50.89 40.09 -15.51
C PHE E 190 49.91 39.54 -16.54
N GLY E 191 49.80 38.22 -16.64
CA GLY E 191 48.83 37.64 -17.56
C GLY E 191 47.39 37.98 -17.20
N ILE E 192 47.04 37.85 -15.92
CA ILE E 192 45.67 38.17 -15.53
C ILE E 192 45.40 39.67 -15.68
N PHE E 193 46.41 40.52 -15.42
CA PHE E 193 46.24 41.95 -15.59
C PHE E 193 46.04 42.30 -17.07
N PHE E 194 46.78 41.65 -17.96
CA PHE E 194 46.59 41.89 -19.39
C PHE E 194 45.24 41.36 -19.86
N ILE E 195 44.77 40.27 -19.26
CA ILE E 195 43.41 39.78 -19.55
C ILE E 195 42.38 40.83 -19.15
N LEU E 196 42.59 41.45 -17.98
CA LEU E 196 41.63 42.45 -17.50
C LEU E 196 41.70 43.73 -18.31
N ALA E 197 42.91 44.11 -18.77
CA ALA E 197 43.10 45.42 -19.37
C ALA E 197 42.65 45.49 -20.82
N ALA E 198 42.56 44.37 -21.52
CA ALA E 198 42.27 44.38 -22.95
C ALA E 198 40.78 44.19 -23.26
N HIS E 199 39.91 44.25 -22.23
CA HIS E 199 38.47 44.31 -22.44
C HIS E 199 37.91 43.03 -23.04
N GLU E 200 38.28 41.88 -22.47
CA GLU E 200 37.70 40.61 -22.88
C GLU E 200 36.94 39.90 -21.77
N HIS E 201 37.14 40.28 -20.51
CA HIS E 201 36.47 39.60 -19.41
C HIS E 201 36.24 40.58 -18.28
N TYR E 202 35.30 40.23 -17.41
CA TYR E 202 34.98 41.04 -16.25
C TYR E 202 35.77 40.56 -15.03
N SER E 203 35.82 41.43 -14.01
CA SER E 203 36.55 41.08 -12.79
C SER E 203 35.91 39.90 -12.06
N ILE E 204 34.57 39.89 -11.99
CA ILE E 204 33.89 38.77 -11.36
C ILE E 204 34.05 37.49 -12.18
N ASP E 205 34.37 37.61 -13.47
CA ASP E 205 34.65 36.43 -14.26
C ASP E 205 35.94 35.76 -13.83
N VAL E 206 36.94 36.54 -13.43
CA VAL E 206 38.26 36.01 -13.12
C VAL E 206 38.40 35.68 -11.64
N PHE E 207 37.72 36.40 -10.76
CA PHE E 207 37.87 36.14 -9.33
C PHE E 207 37.36 34.75 -8.97
N ILE E 208 36.13 34.43 -9.38
CA ILE E 208 35.56 33.11 -9.11
C ILE E 208 36.36 32.02 -9.79
N ALA E 209 36.79 32.24 -11.03
CA ALA E 209 37.61 31.25 -11.72
C ALA E 209 38.91 30.95 -10.99
N PHE E 210 39.60 31.99 -10.52
CA PHE E 210 40.83 31.77 -9.75
C PHE E 210 40.55 31.01 -8.47
N TYR E 211 39.53 31.44 -7.71
CA TYR E 211 39.26 30.81 -6.41
C TYR E 211 38.87 29.36 -6.56
N ILE E 212 38.05 29.02 -7.57
CA ILE E 212 37.56 27.66 -7.71
C ILE E 212 38.71 26.69 -7.97
N THR E 213 39.58 27.02 -8.94
CA THR E 213 40.70 26.13 -9.22
C THR E 213 41.67 26.07 -8.05
N THR E 214 41.92 27.20 -7.37
CA THR E 214 42.82 27.15 -6.23
C THR E 214 42.28 26.22 -5.15
N ARG E 215 41.01 26.39 -4.78
CA ARG E 215 40.42 25.55 -3.74
C ARG E 215 40.37 24.08 -4.15
N LEU E 216 40.00 23.81 -5.41
CA LEU E 216 39.91 22.43 -5.86
C LEU E 216 41.28 21.75 -5.88
N PHE E 217 42.32 22.45 -6.36
CA PHE E 217 43.66 21.89 -6.38
C PHE E 217 44.17 21.63 -4.97
N LEU E 218 43.94 22.58 -4.06
CA LEU E 218 44.37 22.39 -2.68
C LEU E 218 43.64 21.21 -2.03
N TYR E 219 42.33 21.10 -2.26
CA TYR E 219 41.57 19.99 -1.70
C TYR E 219 42.04 18.65 -2.26
N TYR E 220 42.29 18.59 -3.56
CA TYR E 220 42.77 17.35 -4.18
C TYR E 220 44.11 16.94 -3.59
N HIS E 221 45.04 17.89 -3.47
CA HIS E 221 46.35 17.55 -2.91
C HIS E 221 46.25 17.17 -1.44
N THR E 222 45.40 17.85 -0.66
CA THR E 222 45.24 17.49 0.74
C THR E 222 44.67 16.07 0.88
N LEU E 223 43.68 15.73 0.06
CA LEU E 223 43.11 14.39 0.12
C LEU E 223 44.14 13.35 -0.31
N ALA E 224 44.92 13.65 -1.35
CA ALA E 224 45.93 12.70 -1.81
C ALA E 224 47.01 12.48 -0.76
N ASN E 225 47.44 13.55 -0.09
CA ASN E 225 48.47 13.42 0.93
C ASN E 225 47.94 12.68 2.15
N THR E 226 46.74 13.05 2.63
CA THR E 226 46.14 12.38 3.78
C THR E 226 45.73 10.95 3.47
N ARG E 227 45.41 10.63 2.23
CA ARG E 227 45.00 9.30 1.82
C ARG E 227 43.73 8.89 2.58
N ALA E 228 42.65 9.62 2.31
CA ALA E 228 41.35 9.34 2.89
C ALA E 228 40.41 8.64 1.92
N TYR E 229 40.85 8.38 0.68
CA TYR E 229 40.02 7.68 -0.29
C TYR E 229 39.78 6.23 0.10
N GLN E 230 40.67 5.65 0.91
CA GLN E 230 40.53 4.28 1.36
C GLN E 230 40.59 4.14 2.88
N GLN E 231 40.95 5.21 3.60
CA GLN E 231 41.05 5.13 5.05
C GLN E 231 39.68 4.85 5.67
N SER E 232 38.67 5.60 5.28
CA SER E 232 37.32 5.45 5.82
C SER E 232 36.37 6.23 4.90
N ARG E 233 35.10 6.31 5.30
CA ARG E 233 34.08 7.03 4.55
C ARG E 233 34.20 8.51 4.90
N ARG E 234 35.13 9.19 4.22
CA ARG E 234 35.51 10.54 4.59
C ARG E 234 34.46 11.58 4.21
N ALA E 235 34.20 11.77 2.92
CA ALA E 235 33.35 12.87 2.49
C ALA E 235 32.44 12.54 1.31
N ARG E 236 32.34 11.28 0.89
CA ARG E 236 31.59 10.88 -0.30
C ARG E 236 32.08 11.66 -1.52
N ILE E 237 33.34 11.38 -1.87
CA ILE E 237 34.07 12.15 -2.86
C ILE E 237 33.28 12.23 -4.16
N TRP E 238 33.08 13.45 -4.65
CA TRP E 238 32.41 13.70 -5.92
C TRP E 238 33.40 13.98 -7.03
N PHE E 239 34.69 13.78 -6.78
CA PHE E 239 35.70 13.99 -7.81
C PHE E 239 35.51 12.98 -8.94
N PRO E 240 35.49 13.41 -10.20
CA PRO E 240 35.34 12.46 -11.29
C PRO E 240 36.55 11.55 -11.42
N MET E 241 36.34 10.27 -11.15
CA MET E 241 37.37 9.23 -11.28
C MET E 241 38.60 9.58 -10.45
N PHE E 242 38.39 9.67 -9.14
CA PHE E 242 39.46 9.99 -8.21
C PHE E 242 40.12 8.74 -7.64
N SER E 243 39.32 7.84 -7.05
CA SER E 243 39.88 6.62 -6.47
C SER E 243 40.49 5.72 -7.52
N PHE E 244 40.03 5.81 -8.78
CA PHE E 244 40.58 4.97 -9.83
C PHE E 244 42.02 5.34 -10.15
N PHE E 245 42.30 6.64 -10.30
CA PHE E 245 43.63 7.08 -10.70
C PHE E 245 44.64 6.99 -9.55
N GLU E 246 44.22 7.39 -8.34
CA GLU E 246 45.13 7.50 -7.21
C GLU E 246 45.04 6.31 -6.25
N CYS E 247 44.61 5.14 -6.73
CA CYS E 247 44.57 3.97 -5.88
C CYS E 247 45.97 3.44 -5.58
N ASN E 248 46.87 3.55 -6.55
CA ASN E 248 48.20 2.97 -6.44
C ASN E 248 49.23 3.92 -5.84
N VAL E 249 48.87 5.17 -5.56
CA VAL E 249 49.79 6.16 -5.03
C VAL E 249 49.40 6.45 -3.58
N ASN E 250 50.35 6.33 -2.67
CA ASN E 250 50.14 6.56 -1.25
C ASN E 250 51.13 7.58 -0.74
N GLY E 251 50.75 8.28 0.33
CA GLY E 251 51.62 9.26 0.93
C GLY E 251 51.83 10.48 0.04
N THR E 252 53.02 11.07 0.17
CA THR E 252 53.41 12.24 -0.59
C THR E 252 54.48 11.86 -1.61
N VAL E 253 54.35 12.39 -2.81
CA VAL E 253 55.35 12.12 -3.85
C VAL E 253 56.56 13.03 -3.64
N PRO E 254 57.77 12.48 -3.50
CA PRO E 254 58.94 13.33 -3.28
C PRO E 254 59.44 14.01 -4.56
N ASN E 255 60.59 14.69 -4.46
CA ASN E 255 61.09 15.48 -5.58
C ASN E 255 62.52 15.10 -5.97
N GLU E 256 62.80 13.81 -6.09
CA GLU E 256 64.12 13.38 -6.54
C GLU E 256 64.27 13.63 -8.03
N TYR E 257 65.51 13.87 -8.45
CA TYR E 257 65.83 14.13 -9.84
C TYR E 257 66.68 13.00 -10.42
N CYS E 258 66.65 12.88 -11.74
CA CYS E 258 67.51 11.97 -12.47
C CYS E 258 67.74 12.56 -13.86
N TRP E 259 68.29 11.76 -14.77
CA TRP E 259 68.45 12.16 -16.16
C TRP E 259 67.75 11.16 -17.04
N PRO E 260 66.81 11.59 -17.88
CA PRO E 260 65.88 10.61 -18.49
C PRO E 260 66.54 9.66 -19.48
N PHE E 261 67.37 10.15 -20.38
CA PHE E 261 67.95 9.29 -21.40
C PHE E 261 69.01 8.38 -20.79
N SER E 262 69.54 7.48 -21.63
CA SER E 262 70.57 6.54 -21.22
C SER E 262 71.96 7.00 -21.61
N LYS E 263 72.12 8.24 -22.04
CA LYS E 263 73.41 8.78 -22.48
C LYS E 263 73.68 10.06 -21.72
N PRO E 264 74.21 9.97 -20.49
CA PRO E 264 74.52 11.13 -19.65
C PRO E 264 75.59 12.02 -20.27
N ARG F 1 36.63 28.57 31.23
CA ARG F 1 35.34 27.98 30.90
C ARG F 1 34.52 28.93 30.03
N LEU F 2 33.25 28.60 29.83
CA LEU F 2 32.35 29.41 29.02
C LEU F 2 31.78 30.52 29.90
N ASP F 3 32.37 31.72 29.79
CA ASP F 3 31.96 32.86 30.59
C ASP F 3 31.20 33.84 29.71
N PRO F 4 29.92 34.11 29.99
CA PRO F 4 29.17 35.06 29.16
C PRO F 4 29.65 36.49 29.32
N GLU F 5 30.34 37.01 28.31
CA GLU F 5 30.82 38.39 28.31
C GLU F 5 29.89 39.22 27.44
N TYR F 6 28.91 39.87 28.09
CA TYR F 6 27.91 40.64 27.36
C TYR F 6 28.50 41.89 26.72
N TRP F 7 29.57 42.44 27.29
CA TRP F 7 30.23 43.60 26.70
C TRP F 7 30.82 43.29 25.32
N LYS F 8 31.19 42.04 25.07
CA LYS F 8 31.61 41.62 23.74
C LYS F 8 30.42 41.46 22.80
N THR F 9 29.30 40.94 23.32
CA THR F 9 28.10 40.79 22.50
C THR F 9 27.57 42.14 22.02
N ILE F 10 27.59 43.14 22.91
CA ILE F 10 27.12 44.47 22.53
C ILE F 10 27.99 45.06 21.43
N LEU F 11 29.31 44.92 21.57
CA LEU F 11 30.21 45.43 20.54
C LEU F 11 30.03 44.69 19.22
N SER F 12 29.83 43.37 19.27
CA SER F 12 29.57 42.62 18.06
C SER F 12 28.28 43.09 17.38
N CYS F 13 27.22 43.33 18.17
CA CYS F 13 25.96 43.78 17.60
C CYS F 13 26.09 45.15 16.96
N ILE F 14 26.74 46.09 17.65
CA ILE F 14 26.89 47.42 17.07
C ILE F 14 27.77 47.36 15.82
N TYR F 15 28.79 46.50 15.83
CA TYR F 15 29.65 46.35 14.65
C TYR F 15 28.87 45.82 13.46
N VAL F 16 28.07 44.78 13.66
CA VAL F 16 27.34 44.22 12.53
C VAL F 16 26.29 45.21 12.03
N PHE F 17 25.65 45.94 12.93
CA PHE F 17 24.72 46.99 12.49
C PHE F 17 25.45 48.08 11.70
N ILE F 18 26.70 48.38 12.07
CA ILE F 18 27.53 49.26 11.26
C ILE F 18 27.73 48.67 9.86
N VAL F 19 27.90 47.35 9.78
CA VAL F 19 28.04 46.72 8.47
C VAL F 19 26.77 46.91 7.64
N PHE F 20 25.59 46.78 8.27
CA PHE F 20 24.36 47.13 7.56
C PHE F 20 24.37 48.58 7.10
N GLY F 21 24.88 49.49 7.93
CA GLY F 21 24.91 50.89 7.54
C GLY F 21 25.73 51.13 6.29
N PHE F 22 26.94 50.57 6.23
CA PHE F 22 27.75 50.73 5.01
C PHE F 22 27.18 49.97 3.82
N THR F 23 26.50 48.83 4.04
CA THR F 23 25.83 48.20 2.91
C THR F 23 24.77 49.11 2.33
N SER F 24 23.97 49.74 3.20
CA SER F 24 22.95 50.67 2.74
C SER F 24 23.56 51.84 2.00
N PHE F 25 24.67 52.37 2.51
CA PHE F 25 25.35 53.46 1.80
C PHE F 25 25.83 53.02 0.43
N ILE F 26 26.47 51.86 0.35
CA ILE F 26 27.08 51.43 -0.91
C ILE F 26 26.02 51.12 -1.96
N MET F 27 24.83 50.67 -1.56
CA MET F 27 23.76 50.49 -2.55
C MET F 27 23.42 51.81 -3.23
N VAL F 28 23.29 52.89 -2.45
CA VAL F 28 23.01 54.19 -3.04
C VAL F 28 24.16 54.66 -3.92
N ILE F 29 25.40 54.46 -3.46
CA ILE F 29 26.54 54.96 -4.25
C ILE F 29 26.66 54.20 -5.56
N VAL F 30 26.22 52.94 -5.59
CA VAL F 30 26.32 52.19 -6.84
C VAL F 30 25.08 52.41 -7.71
N HIS F 31 24.00 52.92 -7.14
CA HIS F 31 22.81 53.18 -7.94
C HIS F 31 23.03 54.30 -8.96
N GLU F 32 23.91 55.25 -8.63
CA GLU F 32 24.01 56.48 -9.41
C GLU F 32 24.82 56.33 -10.69
N ARG F 33 25.43 55.17 -10.95
CA ARG F 33 26.33 55.04 -12.10
C ARG F 33 25.56 55.13 -13.41
N VAL F 34 24.64 54.20 -13.66
CA VAL F 34 23.87 54.15 -14.89
C VAL F 34 22.52 54.81 -14.62
N PRO F 35 22.16 55.88 -15.34
CA PRO F 35 20.87 56.53 -15.11
C PRO F 35 19.68 55.66 -15.52
N ASP F 36 19.68 55.19 -16.77
CA ASP F 36 18.55 54.42 -17.27
C ASP F 36 18.39 53.09 -16.54
N MET F 37 19.32 52.16 -16.80
CA MET F 37 19.37 50.84 -16.15
C MET F 37 18.14 50.01 -16.51
N GLN F 38 17.18 50.57 -17.26
CA GLN F 38 15.91 49.89 -17.50
C GLN F 38 15.56 49.75 -18.98
N THR F 39 16.53 49.91 -19.88
CA THR F 39 16.26 49.82 -21.31
C THR F 39 16.75 48.53 -21.93
N TYR F 40 17.82 47.95 -21.40
CA TYR F 40 18.40 46.76 -22.00
C TYR F 40 17.50 45.55 -21.79
N PRO F 41 17.59 44.54 -22.65
CA PRO F 41 16.91 43.27 -22.38
C PRO F 41 17.79 42.37 -21.53
N PRO F 42 17.19 41.60 -20.63
CA PRO F 42 17.98 40.73 -19.74
C PRO F 42 18.85 39.76 -20.53
N LEU F 43 20.01 39.44 -19.95
CA LEU F 43 20.92 38.47 -20.55
C LEU F 43 20.28 37.08 -20.53
N PRO F 44 20.67 36.21 -21.47
CA PRO F 44 20.03 34.90 -21.58
C PRO F 44 20.21 34.08 -20.31
N ASP F 45 19.19 33.30 -19.97
CA ASP F 45 19.19 32.44 -18.80
C ASP F 45 18.31 31.22 -19.07
N ILE F 46 18.32 30.29 -18.12
CA ILE F 46 17.49 29.09 -18.25
C ILE F 46 16.24 29.15 -17.38
N PHE F 47 16.32 29.73 -16.18
CA PHE F 47 15.18 29.79 -15.27
C PHE F 47 14.35 31.06 -15.43
N LEU F 48 14.95 32.15 -15.87
CA LEU F 48 14.20 33.39 -16.10
C LEU F 48 13.47 33.39 -17.44
N ASP F 49 13.77 32.46 -18.34
CA ASP F 49 13.11 32.36 -19.63
C ASP F 49 11.92 31.41 -19.62
N SER F 50 12.05 30.26 -18.96
CA SER F 50 10.97 29.28 -18.95
C SER F 50 9.82 29.70 -18.05
N VAL F 51 10.11 29.90 -16.77
CA VAL F 51 9.08 30.24 -15.78
C VAL F 51 8.63 31.68 -16.01
N PRO F 52 7.33 31.92 -16.20
CA PRO F 52 6.86 33.29 -16.37
C PRO F 52 6.87 34.06 -15.05
N ARG F 53 6.92 35.38 -15.17
CA ARG F 53 6.92 36.24 -14.00
C ARG F 53 5.58 36.14 -13.28
N ILE F 54 5.62 35.80 -11.99
CA ILE F 54 4.45 35.80 -11.13
C ILE F 54 4.70 36.80 -10.00
N PRO F 55 3.72 37.62 -9.63
CA PRO F 55 4.02 38.80 -8.80
C PRO F 55 3.85 38.61 -7.29
N TRP F 56 3.31 37.49 -6.83
CA TRP F 56 3.07 37.31 -5.41
C TRP F 56 4.09 36.40 -4.73
N ALA F 57 4.96 35.75 -5.51
CA ALA F 57 5.94 34.83 -4.93
C ALA F 57 7.00 35.58 -4.14
N PHE F 58 7.24 36.85 -4.49
CA PHE F 58 8.29 37.61 -3.81
C PHE F 58 7.91 37.99 -2.39
N ALA F 59 6.66 37.76 -1.99
CA ALA F 59 6.27 37.96 -0.59
C ALA F 59 6.56 36.73 0.25
N MET F 60 6.38 35.53 -0.32
CA MET F 60 6.64 34.30 0.41
C MET F 60 8.08 34.20 0.89
N THR F 61 9.01 34.88 0.22
CA THR F 61 10.40 34.88 0.68
C THR F 61 10.51 35.47 2.09
N GLU F 62 9.98 36.67 2.29
CA GLU F 62 10.05 37.25 3.63
C GLU F 62 9.05 36.63 4.60
N VAL F 63 7.96 36.02 4.12
CA VAL F 63 7.16 35.21 5.05
C VAL F 63 7.98 34.05 5.61
N CYS F 64 8.68 33.35 4.73
CA CYS F 64 9.54 32.24 5.17
C CYS F 64 10.65 32.75 6.08
N GLY F 65 11.26 33.89 5.74
CA GLY F 65 12.29 34.45 6.59
C GLY F 65 11.77 34.85 7.96
N MET F 66 10.56 35.39 8.01
CA MET F 66 9.95 35.75 9.29
C MET F 66 9.68 34.52 10.14
N ILE F 67 9.17 33.44 9.53
CA ILE F 67 8.96 32.21 10.28
C ILE F 67 10.27 31.66 10.80
N LEU F 68 11.30 31.66 9.93
CA LEU F 68 12.61 31.13 10.35
C LEU F 68 13.22 31.95 11.47
N CYS F 69 13.14 33.28 11.41
CA CYS F 69 13.70 34.09 12.48
C CYS F 69 12.88 34.01 13.75
N TYR F 70 11.56 33.79 13.66
CA TYR F 70 10.77 33.51 14.86
C TYR F 70 11.22 32.22 15.52
N ILE F 71 11.43 31.17 14.72
CA ILE F 71 11.92 29.90 15.28
C ILE F 71 13.30 30.09 15.89
N TRP F 72 14.17 30.88 15.23
CA TRP F 72 15.50 31.13 15.76
C TRP F 72 15.44 31.90 17.08
N LEU F 73 14.52 32.87 17.18
CA LEU F 73 14.34 33.59 18.43
C LEU F 73 13.86 32.67 19.54
N LEU F 74 12.94 31.76 19.20
CA LEU F 74 12.50 30.77 20.19
C LEU F 74 13.66 29.89 20.65
N VAL F 75 14.52 29.49 19.73
CA VAL F 75 15.68 28.69 20.09
C VAL F 75 16.63 29.49 20.99
N LEU F 76 16.88 30.75 20.63
CA LEU F 76 17.80 31.58 21.40
C LEU F 76 17.29 31.84 22.80
N LEU F 77 15.97 31.94 22.97
CA LEU F 77 15.41 32.22 24.29
C LEU F 77 15.71 31.10 25.28
N LEU F 78 15.59 29.84 24.85
CA LEU F 78 15.70 28.69 25.75
C LEU F 78 17.11 28.15 25.89
N HIS F 79 18.08 28.65 25.12
CA HIS F 79 19.44 28.14 25.19
C HIS F 79 20.25 28.96 26.17
N LYS F 80 20.95 28.27 27.08
CA LYS F 80 21.70 28.95 28.13
C LYS F 80 22.78 29.86 27.54
N HIS F 81 23.50 29.37 26.55
CA HIS F 81 24.60 30.13 25.94
C HIS F 81 24.06 31.11 24.90
N ARG F 82 23.08 31.90 25.33
CA ARG F 82 22.49 32.91 24.44
C ARG F 82 23.44 34.07 24.18
N SER F 83 24.46 34.26 25.03
CA SER F 83 25.45 35.29 24.79
C SER F 83 26.47 34.88 23.74
N ILE F 84 26.58 33.59 23.44
CA ILE F 84 27.57 33.10 22.47
C ILE F 84 26.96 32.95 21.08
N LEU F 85 25.74 32.43 21.00
CA LEU F 85 25.11 32.23 19.69
C LEU F 85 24.91 33.56 18.98
N LEU F 86 24.42 34.58 19.69
CA LEU F 86 24.19 35.87 19.06
C LEU F 86 25.52 36.50 18.61
N ARG F 87 26.56 36.35 19.42
CA ARG F 87 27.87 36.91 19.04
C ARG F 87 28.41 36.22 17.79
N ARG F 88 28.32 34.89 17.73
CA ARG F 88 28.78 34.17 16.55
C ARG F 88 27.95 34.56 15.33
N LEU F 89 26.63 34.70 15.51
CA LEU F 89 25.76 35.11 14.43
C LEU F 89 26.16 36.48 13.89
N CYS F 90 26.40 37.44 14.79
CA CYS F 90 26.80 38.77 14.36
C CYS F 90 28.15 38.75 13.65
N SER F 91 29.11 37.99 14.18
CA SER F 91 30.41 37.85 13.54
C SER F 91 30.31 37.26 12.14
N LEU F 92 29.39 36.33 11.92
CA LEU F 92 29.18 35.75 10.60
C LEU F 92 28.49 36.70 9.63
N MET F 93 27.43 37.39 10.08
CA MET F 93 26.77 38.35 9.21
C MET F 93 27.70 39.50 8.83
N GLY F 94 28.54 39.96 9.75
CA GLY F 94 29.47 41.02 9.39
C GLY F 94 30.37 40.63 8.23
N THR F 95 30.94 39.43 8.30
CA THR F 95 31.81 38.95 7.24
C THR F 95 31.06 38.78 5.94
N VAL F 96 29.91 38.10 5.96
CA VAL F 96 29.22 37.82 4.71
C VAL F 96 28.74 39.11 4.07
N PHE F 97 28.32 40.08 4.88
CA PHE F 97 27.83 41.34 4.32
C PHE F 97 28.96 42.24 3.82
N LEU F 98 30.15 42.18 4.43
CA LEU F 98 31.26 42.93 3.82
C LEU F 98 31.68 42.28 2.51
N LEU F 99 31.56 40.95 2.42
CA LEU F 99 31.77 40.30 1.12
C LEU F 99 30.73 40.76 0.10
N ARG F 100 29.47 40.90 0.53
CA ARG F 100 28.45 41.46 -0.36
C ARG F 100 28.85 42.86 -0.82
N CYS F 101 29.32 43.70 0.10
CA CYS F 101 29.76 45.04 -0.25
C CYS F 101 30.85 45.01 -1.31
N PHE F 102 31.84 44.15 -1.11
CA PHE F 102 32.92 44.03 -2.10
C PHE F 102 32.36 43.63 -3.46
N THR F 103 31.44 42.66 -3.47
CA THR F 103 30.89 42.19 -4.74
C THR F 103 30.09 43.28 -5.46
N MET F 104 29.28 44.06 -4.75
CA MET F 104 28.53 45.10 -5.47
C MET F 104 29.44 46.26 -5.87
N PHE F 105 30.52 46.49 -5.11
CA PHE F 105 31.45 47.54 -5.49
C PHE F 105 32.19 47.17 -6.78
N VAL F 106 32.68 45.94 -6.86
CA VAL F 106 33.52 45.57 -8.00
C VAL F 106 32.68 45.49 -9.28
N THR F 107 31.49 44.91 -9.21
CA THR F 107 30.59 44.81 -10.36
C THR F 107 29.16 44.97 -9.88
N SER F 108 28.30 45.38 -10.80
CA SER F 108 26.88 45.58 -10.52
C SER F 108 26.04 44.78 -11.52
N LEU F 109 25.34 43.77 -11.03
CA LEU F 109 24.48 42.94 -11.86
C LEU F 109 23.04 43.13 -11.40
N SER F 110 22.14 43.43 -12.33
CA SER F 110 20.74 43.66 -12.02
C SER F 110 19.88 43.13 -13.15
N VAL F 111 18.56 43.18 -12.96
CA VAL F 111 17.60 42.74 -13.97
C VAL F 111 17.19 43.95 -14.80
N PRO F 112 17.45 43.96 -16.10
CA PRO F 112 17.15 45.15 -16.92
C PRO F 112 15.71 45.23 -17.37
N GLY F 113 14.82 45.78 -16.54
CA GLY F 113 13.45 45.99 -16.98
C GLY F 113 12.41 45.80 -15.89
N GLN F 114 12.80 45.21 -14.77
CA GLN F 114 11.89 45.01 -13.65
C GLN F 114 11.97 46.19 -12.70
N HIS F 115 10.86 46.44 -12.01
CA HIS F 115 10.72 47.61 -11.14
C HIS F 115 10.97 48.90 -11.92
N LEU F 116 10.42 48.97 -13.13
CA LEU F 116 10.64 50.12 -14.00
C LEU F 116 9.81 51.34 -13.60
N GLN F 117 8.85 51.18 -12.69
CA GLN F 117 7.98 52.28 -12.28
C GLN F 117 8.47 53.00 -11.03
N CYS F 118 9.60 52.58 -10.46
CA CYS F 118 10.11 53.24 -9.26
C CYS F 118 10.60 54.64 -9.60
N THR F 119 10.27 55.59 -8.74
CA THR F 119 10.53 57.00 -8.97
C THR F 119 11.80 57.44 -8.24
N GLY F 120 12.07 58.74 -8.26
CA GLY F 120 13.26 59.28 -7.63
C GLY F 120 14.35 59.64 -8.63
N LYS F 121 15.42 58.84 -8.64
CA LYS F 121 16.54 59.00 -9.56
C LYS F 121 17.27 60.33 -9.41
N ILE F 122 18.40 60.47 -10.10
CA ILE F 122 19.28 61.64 -10.10
C ILE F 122 19.38 62.25 -8.70
N TYR F 123 19.91 61.48 -7.75
CA TYR F 123 20.19 61.99 -6.40
C TYR F 123 21.60 62.57 -6.37
N GLY F 124 21.78 63.67 -7.11
CA GLY F 124 23.09 64.29 -7.18
C GLY F 124 23.31 65.38 -6.15
N SER F 125 23.91 65.02 -5.02
CA SER F 125 24.31 65.95 -3.97
C SER F 125 25.13 65.14 -2.97
N VAL F 126 25.47 65.77 -1.85
CA VAL F 126 26.26 65.11 -0.81
C VAL F 126 25.33 64.61 0.30
N TRP F 127 24.15 65.22 0.41
CA TRP F 127 23.29 64.99 1.56
C TRP F 127 22.06 64.15 1.28
N GLU F 128 21.39 64.34 0.14
CA GLU F 128 20.17 63.56 -0.12
C GLU F 128 20.47 62.08 -0.28
N LYS F 129 21.70 61.74 -0.67
CA LYS F 129 22.11 60.33 -0.70
C LYS F 129 22.04 59.73 0.69
N LEU F 130 22.45 60.48 1.71
CA LEU F 130 22.35 59.99 3.08
C LEU F 130 20.89 59.77 3.48
N HIS F 131 20.00 60.68 3.08
CA HIS F 131 18.58 60.51 3.38
C HIS F 131 18.02 59.27 2.71
N ARG F 132 18.37 59.06 1.43
CA ARG F 132 17.90 57.87 0.73
C ARG F 132 18.44 56.60 1.37
N ALA F 133 19.72 56.61 1.76
CA ALA F 133 20.29 55.45 2.44
C ALA F 133 19.60 55.18 3.77
N PHE F 134 19.32 56.22 4.54
CA PHE F 134 18.61 56.04 5.80
C PHE F 134 17.22 55.48 5.57
N ALA F 135 16.56 55.92 4.49
CA ALA F 135 15.28 55.31 4.11
C ALA F 135 15.45 53.83 3.80
N ILE F 136 16.53 53.48 3.09
CA ILE F 136 16.82 52.06 2.85
C ILE F 136 17.18 51.36 4.17
N TRP F 137 17.97 52.02 5.00
CA TRP F 137 18.39 51.41 6.26
C TRP F 137 17.21 51.10 7.16
N SER F 138 16.36 52.09 7.41
CA SER F 138 15.27 51.93 8.37
C SER F 138 14.04 51.28 7.75
N GLY F 139 14.26 50.26 6.93
CA GLY F 139 13.17 49.43 6.44
C GLY F 139 13.57 47.98 6.32
N PHE F 140 14.83 47.68 6.66
CA PHE F 140 15.43 46.35 6.60
C PHE F 140 15.36 45.70 5.22
N GLY F 141 14.88 46.43 4.21
CA GLY F 141 14.97 45.96 2.84
C GLY F 141 13.89 45.04 2.34
N MET F 142 12.80 44.85 3.08
CA MET F 142 11.70 44.05 2.55
C MET F 142 10.76 44.93 1.71
N THR F 143 9.95 44.26 0.89
CA THR F 143 8.93 44.94 0.10
C THR F 143 7.58 45.00 0.80
N LEU F 144 7.39 44.24 1.88
CA LEU F 144 6.15 44.35 2.66
C LEU F 144 6.03 45.75 3.26
N THR F 145 7.11 46.25 3.87
CA THR F 145 7.24 47.66 4.22
C THR F 145 8.00 48.30 3.08
N GLY F 146 7.27 48.82 2.09
CA GLY F 146 7.85 49.18 0.81
C GLY F 146 8.97 50.18 0.88
N VAL F 147 10.20 49.70 0.70
CA VAL F 147 11.39 50.54 0.61
C VAL F 147 12.12 50.19 -0.68
N HIS F 148 12.31 48.89 -0.91
CA HIS F 148 13.04 48.38 -2.07
C HIS F 148 12.12 48.46 -3.28
N THR F 149 12.01 49.66 -3.85
CA THR F 149 11.13 49.91 -4.99
C THR F 149 11.83 49.73 -6.33
N CYS F 150 13.12 50.03 -6.41
CA CYS F 150 13.88 49.85 -7.64
C CYS F 150 14.51 48.47 -7.66
N GLY F 151 15.47 48.25 -8.56
CA GLY F 151 16.09 46.96 -8.72
C GLY F 151 17.12 46.66 -7.65
N ASP F 152 17.56 45.40 -7.64
CA ASP F 152 18.55 44.91 -6.69
C ASP F 152 19.81 44.48 -7.44
N TYR F 153 20.87 44.21 -6.68
CA TYR F 153 22.20 44.01 -7.24
C TYR F 153 22.78 42.65 -6.85
N MET F 154 24.07 42.49 -7.15
CA MET F 154 24.83 41.26 -6.94
C MET F 154 24.66 40.74 -5.52
N PHE F 155 24.73 39.41 -5.38
CA PHE F 155 24.87 38.73 -4.09
C PHE F 155 23.71 39.06 -3.15
N SER F 156 22.54 38.57 -3.52
CA SER F 156 21.33 38.78 -2.73
C SER F 156 21.53 38.36 -1.28
N GLY F 157 21.09 39.20 -0.35
CA GLY F 157 21.21 38.91 1.06
C GLY F 157 20.08 38.10 1.65
N HIS F 158 18.93 38.06 0.97
CA HIS F 158 17.83 37.22 1.41
C HIS F 158 18.23 35.75 1.45
N THR F 159 18.97 35.28 0.44
CA THR F 159 19.50 33.93 0.45
C THR F 159 20.43 33.70 1.63
N VAL F 160 21.32 34.66 1.89
CA VAL F 160 22.28 34.51 2.98
C VAL F 160 21.56 34.37 4.31
N VAL F 161 20.58 35.23 4.57
CA VAL F 161 19.86 35.17 5.84
C VAL F 161 19.03 33.89 5.93
N LEU F 162 18.31 33.55 4.86
CA LEU F 162 17.46 32.36 4.87
C LEU F 162 18.28 31.10 5.09
N THR F 163 19.51 31.04 4.59
CA THR F 163 20.36 29.87 4.77
C THR F 163 21.08 29.86 6.11
N MET F 164 21.53 31.02 6.59
CA MET F 164 22.19 31.08 7.89
C MET F 164 21.22 30.72 9.01
N LEU F 165 19.99 31.24 8.95
CA LEU F 165 19.02 30.91 9.98
C LEU F 165 18.52 29.47 9.88
N ASN F 166 18.76 28.79 8.75
CA ASN F 166 18.49 27.37 8.65
C ASN F 166 19.63 26.52 9.18
N PHE F 167 20.87 26.91 8.89
CA PHE F 167 22.04 26.16 9.34
C PHE F 167 22.40 26.42 10.79
N PHE F 168 21.85 27.46 11.41
CA PHE F 168 22.01 27.64 12.85
C PHE F 168 20.98 26.88 13.66
N VAL F 169 19.75 26.74 13.16
CA VAL F 169 18.76 25.91 13.84
C VAL F 169 19.19 24.46 13.83
N THR F 170 19.67 23.97 12.68
CA THR F 170 20.10 22.58 12.58
C THR F 170 21.32 22.31 13.46
N GLU F 171 22.30 23.22 13.45
CA GLU F 171 23.56 22.96 14.14
C GLU F 171 23.39 23.00 15.66
N TYR F 172 22.72 24.00 16.19
CA TYR F 172 22.67 24.26 17.62
C TYR F 172 21.43 23.69 18.28
N THR F 173 20.93 22.57 17.79
CA THR F 173 19.87 21.79 18.41
C THR F 173 20.33 20.35 18.54
N PRO F 174 19.78 19.59 19.49
CA PRO F 174 20.24 18.21 19.69
C PRO F 174 20.08 17.39 18.42
N ARG F 175 21.07 16.52 18.17
CA ARG F 175 21.11 15.79 16.92
C ARG F 175 20.19 14.57 16.96
N SER F 176 18.94 14.81 17.35
CA SER F 176 17.89 13.80 17.27
C SER F 176 16.57 14.41 16.83
N TRP F 177 16.54 15.70 16.49
CA TRP F 177 15.32 16.43 16.13
C TRP F 177 15.23 16.65 14.62
N ASN F 178 15.58 15.64 13.82
CA ASN F 178 15.65 15.87 12.37
C ASN F 178 14.26 15.88 11.75
N PHE F 179 13.38 16.70 12.32
CA PHE F 179 12.12 17.11 11.70
C PHE F 179 12.05 18.62 11.54
N LEU F 180 12.37 19.37 12.60
CA LEU F 180 12.55 20.81 12.46
C LEU F 180 13.65 21.11 11.46
N HIS F 181 14.68 20.25 11.39
CA HIS F 181 15.66 20.37 10.32
C HIS F 181 15.03 20.11 8.95
N THR F 182 14.20 19.08 8.86
CA THR F 182 13.49 18.80 7.62
C THR F 182 12.54 19.93 7.26
N LEU F 183 11.81 20.45 8.24
CA LEU F 183 10.91 21.57 7.98
C LEU F 183 11.67 22.80 7.52
N SER F 184 12.80 23.10 8.16
CA SER F 184 13.62 24.23 7.75
C SER F 184 14.24 24.04 6.37
N TRP F 185 14.54 22.81 5.98
CA TRP F 185 15.01 22.57 4.61
C TRP F 185 13.95 22.93 3.59
N VAL F 186 12.69 22.56 3.84
CA VAL F 186 11.60 22.96 2.95
C VAL F 186 11.42 24.48 2.97
N LEU F 187 11.51 25.07 4.16
CA LEU F 187 11.42 26.52 4.30
C LEU F 187 12.48 27.23 3.48
N ASN F 188 13.70 26.69 3.44
CA ASN F 188 14.79 27.26 2.67
C ASN F 188 14.61 27.03 1.18
N LEU F 189 14.22 25.82 0.78
CA LEU F 189 14.08 25.52 -0.63
C LEU F 189 12.96 26.33 -1.27
N PHE F 190 11.83 26.49 -0.58
CA PHE F 190 10.75 27.29 -1.13
C PHE F 190 11.13 28.76 -1.24
N GLY F 191 11.85 29.27 -0.24
CA GLY F 191 12.35 30.64 -0.33
C GLY F 191 13.33 30.82 -1.47
N ILE F 192 14.16 29.80 -1.73
CA ILE F 192 15.07 29.85 -2.87
C ILE F 192 14.28 29.87 -4.18
N PHE F 193 13.26 29.04 -4.28
CA PHE F 193 12.52 28.94 -5.54
C PHE F 193 11.70 30.20 -5.81
N PHE F 194 11.14 30.80 -4.75
CA PHE F 194 10.23 31.92 -4.96
C PHE F 194 10.95 33.21 -5.35
N ILE F 195 12.15 33.44 -4.81
CA ILE F 195 12.90 34.62 -5.23
C ILE F 195 13.34 34.49 -6.68
N LEU F 196 13.67 33.28 -7.12
CA LEU F 196 14.00 33.07 -8.53
C LEU F 196 12.76 33.25 -9.41
N ALA F 197 11.62 32.72 -8.98
CA ALA F 197 10.40 32.80 -9.76
C ALA F 197 9.85 34.23 -9.83
N ALA F 198 10.34 35.13 -8.99
CA ALA F 198 9.91 36.51 -9.01
C ALA F 198 10.70 37.37 -9.98
N HIS F 199 11.62 36.76 -10.74
CA HIS F 199 12.47 37.48 -11.69
C HIS F 199 13.23 38.61 -11.00
N GLU F 200 13.72 38.32 -9.79
CA GLU F 200 14.42 39.31 -8.98
C GLU F 200 15.94 39.15 -9.04
N HIS F 201 16.44 37.94 -9.26
CA HIS F 201 17.87 37.68 -9.30
C HIS F 201 18.16 36.57 -10.30
N TYR F 202 19.35 36.63 -10.90
CA TYR F 202 19.75 35.62 -11.85
C TYR F 202 20.04 34.30 -11.13
N SER F 203 19.99 33.20 -11.90
CA SER F 203 20.15 31.87 -11.33
C SER F 203 21.53 31.64 -10.74
N ILE F 204 22.55 32.39 -11.17
CA ILE F 204 23.89 32.25 -10.61
C ILE F 204 24.04 33.03 -9.32
N ASP F 205 23.16 34.00 -9.04
CA ASP F 205 23.20 34.71 -7.77
C ASP F 205 22.91 33.78 -6.59
N VAL F 206 21.85 33.00 -6.69
CA VAL F 206 21.40 32.18 -5.56
C VAL F 206 22.40 31.08 -5.26
N PHE F 207 22.93 30.43 -6.29
CA PHE F 207 23.82 29.28 -6.07
C PHE F 207 25.09 29.70 -5.33
N ILE F 208 25.74 30.78 -5.78
CA ILE F 208 26.96 31.25 -5.12
C ILE F 208 26.68 32.07 -3.88
N ALA F 209 25.43 32.52 -3.68
CA ALA F 209 25.05 33.14 -2.42
C ALA F 209 24.60 32.13 -1.38
N PHE F 210 24.44 30.87 -1.78
CA PHE F 210 24.14 29.80 -0.83
C PHE F 210 25.37 28.97 -0.50
N TYR F 211 26.17 28.61 -1.53
CA TYR F 211 27.38 27.85 -1.30
C TYR F 211 28.37 28.62 -0.44
N ILE F 212 28.51 29.92 -0.66
CA ILE F 212 29.44 30.72 0.12
C ILE F 212 29.05 30.69 1.60
N THR F 213 27.77 30.87 1.89
CA THR F 213 27.34 30.87 3.28
C THR F 213 27.52 29.51 3.94
N THR F 214 27.14 28.42 3.26
CA THR F 214 27.30 27.12 3.90
C THR F 214 28.78 26.78 4.10
N ARG F 215 29.64 27.13 3.14
CA ARG F 215 31.07 26.88 3.29
C ARG F 215 31.67 27.71 4.43
N LEU F 216 31.36 29.01 4.47
CA LEU F 216 31.90 29.87 5.52
C LEU F 216 31.31 29.56 6.89
N PHE F 217 30.16 28.88 6.94
CA PHE F 217 29.60 28.41 8.19
C PHE F 217 30.34 27.17 8.68
N LEU F 218 30.49 26.17 7.80
CA LEU F 218 31.16 24.94 8.20
C LEU F 218 32.62 25.19 8.56
N TYR F 219 33.31 26.04 7.78
CA TYR F 219 34.72 26.32 8.05
C TYR F 219 34.88 26.99 9.41
N TYR F 220 34.06 28.01 9.68
CA TYR F 220 34.13 28.71 10.97
C TYR F 220 33.80 27.77 12.12
N HIS F 221 32.79 26.91 11.94
CA HIS F 221 32.44 25.97 13.00
C HIS F 221 33.56 24.98 13.26
N THR F 222 34.23 24.50 12.21
CA THR F 222 35.36 23.58 12.41
C THR F 222 36.52 24.29 13.10
N LEU F 223 36.80 25.54 12.72
CA LEU F 223 37.85 26.30 13.39
C LEU F 223 37.54 26.48 14.87
N ALA F 224 36.29 26.81 15.19
CA ALA F 224 35.92 26.98 16.59
C ALA F 224 35.99 25.65 17.35
N ASN F 225 35.64 24.55 16.69
CA ASN F 225 35.64 23.25 17.36
C ASN F 225 37.04 22.81 17.73
N THR F 226 38.01 23.01 16.84
CA THR F 226 39.37 22.53 17.05
C THR F 226 40.31 23.59 17.64
N ARG F 227 39.78 24.77 17.98
CA ARG F 227 40.53 25.83 18.67
C ARG F 227 41.89 26.10 18.02
N ALA F 228 41.94 26.03 16.69
CA ALA F 228 43.18 26.25 15.96
C ALA F 228 43.65 27.70 15.99
N TYR F 229 42.82 28.63 16.48
CA TYR F 229 43.20 30.03 16.50
C TYR F 229 44.34 30.30 17.47
N GLN F 230 44.35 29.59 18.61
CA GLN F 230 45.42 29.73 19.60
C GLN F 230 46.32 28.52 19.69
N GLN F 231 45.96 27.40 19.05
CA GLN F 231 46.78 26.20 19.13
C GLN F 231 48.16 26.43 18.52
N SER F 232 48.21 27.10 17.37
CA SER F 232 49.46 27.39 16.70
C SER F 232 49.20 28.49 15.67
N ARG F 233 50.24 28.82 14.89
CA ARG F 233 50.11 29.75 13.78
C ARG F 233 49.61 28.97 12.55
N ARG F 234 48.35 28.55 12.63
CA ARG F 234 47.77 27.64 11.66
C ARG F 234 47.75 28.21 10.25
N ALA F 235 46.97 29.27 10.03
CA ALA F 235 46.84 29.83 8.69
C ALA F 235 46.78 31.35 8.66
N ARG F 236 46.95 32.03 9.79
CA ARG F 236 46.76 33.48 9.88
C ARG F 236 45.36 33.86 9.39
N ILE F 237 44.38 33.40 10.17
CA ILE F 237 42.98 33.50 9.78
C ILE F 237 42.64 34.94 9.39
N TRP F 238 41.94 35.09 8.27
CA TRP F 238 41.59 36.40 7.74
C TRP F 238 40.24 36.90 8.23
N PHE F 239 39.61 36.20 9.17
CA PHE F 239 38.32 36.63 9.67
C PHE F 239 38.48 37.94 10.43
N PRO F 240 37.75 38.99 10.06
CA PRO F 240 37.89 40.29 10.75
C PRO F 240 37.48 40.17 12.21
N MET F 241 38.41 40.54 13.10
CA MET F 241 38.21 40.47 14.55
C MET F 241 37.79 39.06 14.97
N PHE F 242 38.66 38.10 14.66
CA PHE F 242 38.36 36.69 14.88
C PHE F 242 38.76 36.25 16.30
N SER F 243 40.04 36.39 16.64
CA SER F 243 40.51 35.93 17.93
C SER F 243 39.96 36.75 19.09
N PHE F 244 39.60 38.01 18.85
CA PHE F 244 39.08 38.85 19.93
C PHE F 244 37.73 38.36 20.42
N PHE F 245 36.83 38.01 19.51
CA PHE F 245 35.50 37.57 19.90
C PHE F 245 35.53 36.21 20.59
N GLU F 246 36.45 35.34 20.17
CA GLU F 246 36.38 33.91 20.45
C GLU F 246 37.53 33.48 21.36
N CYS F 247 38.18 34.45 22.02
CA CYS F 247 39.29 34.14 22.91
C CYS F 247 38.85 33.53 24.23
N ASN F 248 37.66 33.89 24.73
CA ASN F 248 37.20 33.44 26.04
C ASN F 248 36.43 32.12 25.99
N VAL F 249 36.27 31.53 24.81
CA VAL F 249 35.52 30.29 24.66
C VAL F 249 36.49 29.19 24.25
N ASN F 250 36.43 28.05 24.94
CA ASN F 250 37.28 26.90 24.66
C ASN F 250 36.41 25.67 24.52
N GLY F 251 36.89 24.68 23.77
CA GLY F 251 36.16 23.44 23.58
C GLY F 251 34.93 23.62 22.71
N THR F 252 34.02 22.67 22.83
CA THR F 252 32.77 22.66 22.06
C THR F 252 31.61 23.09 22.95
N VAL F 253 30.77 23.97 22.42
CA VAL F 253 29.59 24.42 23.16
C VAL F 253 28.59 23.27 23.25
N PRO F 254 28.09 22.92 24.44
CA PRO F 254 27.14 21.82 24.55
C PRO F 254 25.78 22.17 23.97
N ASN F 255 24.83 21.23 24.08
CA ASN F 255 23.48 21.40 23.52
C ASN F 255 22.42 21.34 24.61
N GLU F 256 22.72 21.90 25.79
CA GLU F 256 21.78 21.86 26.90
C GLU F 256 21.05 23.19 27.00
N TYR F 257 19.77 23.13 27.38
CA TYR F 257 18.86 24.26 27.35
C TYR F 257 18.29 24.51 28.74
N CYS F 258 17.98 25.77 29.03
CA CYS F 258 17.45 26.14 30.33
C CYS F 258 16.51 27.34 30.21
N TRP F 259 15.65 27.48 31.21
CA TRP F 259 14.69 28.57 31.30
C TRP F 259 15.24 29.64 32.24
N PRO F 260 15.58 30.86 31.77
CA PRO F 260 16.16 31.86 32.65
C PRO F 260 15.22 32.79 33.41
N PHE F 261 13.92 32.78 33.15
CA PHE F 261 12.99 33.46 34.04
C PHE F 261 12.82 32.68 35.34
N SER F 262 12.55 33.40 36.42
CA SER F 262 12.40 32.82 37.76
C SER F 262 10.93 32.62 38.13
N LYS F 263 10.09 32.27 37.17
CA LYS F 263 8.66 32.08 37.40
C LYS F 263 8.27 30.71 36.85
N PRO F 264 8.55 29.63 37.59
CA PRO F 264 8.23 28.26 37.15
C PRO F 264 6.73 28.03 37.03
#